data_7AAG
#
_entry.id   7AAG
#
_cell.length_a   98.440
_cell.length_b   110.820
_cell.length_c   161.030
_cell.angle_alpha   90.000
_cell.angle_beta   90.000
_cell.angle_gamma   90.000
#
_symmetry.space_group_name_H-M   'P 21 21 21'
#
loop_
_entity.id
_entity.type
_entity.pdbx_description
1 polymer "cAMP-specific 3',5'-cyclic phosphodiesterase 4D"
2 non-polymer 'ZINC ION'
3 non-polymer 'MAGNESIUM ION'
4 non-polymer 1-cycloheptyl-3-(4-methoxy-3-{4-[4-(1H-1,2,3,4-tetrazol-5-yl)phenoxy]butoxy}phenyl)-4,4-dimethyl-4,5-dihydro-1H-pyrazol-5-one
5 non-polymer 1,2-ETHANEDIOL
6 non-polymer DI(HYDROXYETHYL)ETHER
7 non-polymer 'DIMETHYL SULFOXIDE'
8 non-polymer '4-(2-HYDROXYETHYL)-1-PIPERAZINE ETHANESULFONIC ACID'
9 non-polymer ISOLEUCINE
10 non-polymer PROLINE
11 water water
#
_entity_poly.entity_id   1
_entity_poly.type   'polypeptide(L)'
_entity_poly.pdbx_seq_one_letter_code
;GSHMIPRFGVKTEQEDVLAKELEDVNKWGLHVFRIAELSGNRPLTVIMHTIFQERDLLKTFKIPVDTLITYLMTLEDHYH
ADVAYHNNIHAADVVQSTHVLLSTPALEAVFTDLEILAAIFASAIHDVDHPGVSNQFLINTNSELALMYNDSSVLENHHL
AVGFKLLQEENCDIFQNLTKKQRQSLRKMVIDIVLATDMSKHMNLLADLKTMVETKKVTSSGVLLLDNYSDRIQVLQNMV
HCADLSNPTKPLQLYRQWTDRIMEEFFRQGDRERERGMEISPMCDKHNASVEKSQVGFIDYIVHPLWETWADLVHPDAQD
ILDTLEDNREWYQSTIPQSPSPAPDDPEEGRQGQTEKFQFELTL
;
_entity_poly.pdbx_strand_id   A,B,C,D
#
# COMPACT_ATOMS: atom_id res chain seq x y z
N PHE A 8 44.53 -10.38 1.24
CA PHE A 8 44.77 -10.69 -0.22
C PHE A 8 43.97 -9.70 -1.09
N GLY A 9 44.18 -9.70 -2.40
CA GLY A 9 43.26 -9.13 -3.44
C GLY A 9 42.68 -10.22 -4.33
N VAL A 10 42.89 -11.42 -3.85
CA VAL A 10 42.62 -12.75 -4.43
C VAL A 10 41.38 -13.35 -3.75
N LYS A 11 40.67 -14.20 -4.46
CA LYS A 11 39.49 -14.81 -3.84
C LYS A 11 39.89 -15.72 -2.69
N THR A 12 38.90 -15.98 -1.82
CA THR A 12 38.89 -17.02 -0.75
C THR A 12 38.77 -18.39 -1.44
N GLU A 13 39.10 -19.45 -0.71
CA GLU A 13 39.05 -20.83 -1.25
C GLU A 13 37.60 -21.20 -1.59
N GLN A 14 36.65 -20.72 -0.79
CA GLN A 14 35.21 -21.03 -1.05
C GLN A 14 34.76 -20.26 -2.31
N GLU A 15 35.20 -19.01 -2.47
CA GLU A 15 34.91 -18.16 -3.67
C GLU A 15 35.48 -18.84 -4.92
N ASP A 16 36.65 -19.46 -4.79
CA ASP A 16 37.29 -20.16 -5.94
C ASP A 16 36.47 -21.40 -6.33
N VAL A 17 36.06 -22.22 -5.37
CA VAL A 17 35.25 -23.44 -5.67
C VAL A 17 33.91 -23.01 -6.34
N LEU A 18 33.33 -21.93 -5.84
CA LEU A 18 32.09 -21.34 -6.42
C LEU A 18 32.37 -20.88 -7.87
N ALA A 19 33.47 -20.15 -8.10
CA ALA A 19 33.81 -19.70 -9.47
C ALA A 19 33.96 -20.89 -10.41
N LYS A 20 34.51 -22.00 -9.94
CA LYS A 20 34.68 -23.19 -10.79
C LYS A 20 33.31 -23.79 -11.14
N GLU A 21 32.41 -23.93 -10.17
CA GLU A 21 31.01 -24.39 -10.48
C GLU A 21 30.35 -23.45 -11.52
N LEU A 22 30.57 -22.14 -11.40
CA LEU A 22 29.90 -21.12 -12.26
C LEU A 22 30.47 -21.16 -13.68
N GLU A 23 31.57 -21.87 -13.94
CA GLU A 23 32.02 -22.14 -15.32
C GLU A 23 30.96 -22.92 -16.10
N ASP A 24 30.03 -23.61 -15.42
CA ASP A 24 28.94 -24.38 -16.07
C ASP A 24 27.70 -23.51 -16.36
N VAL A 25 27.78 -22.20 -16.18
CA VAL A 25 26.62 -21.27 -16.26
C VAL A 25 25.97 -21.31 -17.65
N ASN A 26 26.71 -21.67 -18.71
CA ASN A 26 26.14 -21.73 -20.07
C ASN A 26 25.61 -23.13 -20.36
N LYS A 27 25.56 -24.04 -19.38
CA LYS A 27 25.15 -25.44 -19.62
C LYS A 27 23.80 -25.77 -18.98
N TRP A 28 22.95 -26.48 -19.70
CA TRP A 28 21.76 -27.13 -19.10
C TRP A 28 22.22 -28.10 -18.02
N GLY A 29 21.68 -28.02 -16.80
CA GLY A 29 22.10 -29.01 -15.78
C GLY A 29 23.18 -28.49 -14.88
N LEU A 30 23.41 -27.19 -14.86
CA LEU A 30 24.21 -26.50 -13.82
C LEU A 30 23.85 -27.06 -12.44
N HIS A 31 24.84 -27.25 -11.58
CA HIS A 31 24.67 -27.76 -10.20
C HIS A 31 24.15 -26.60 -9.33
N VAL A 32 22.88 -26.23 -9.50
CA VAL A 32 22.38 -24.97 -8.90
C VAL A 32 22.29 -25.12 -7.38
N PHE A 33 22.02 -26.33 -6.86
CA PHE A 33 21.92 -26.55 -5.40
C PHE A 33 23.31 -26.41 -4.77
N ARG A 34 24.33 -26.92 -5.44
CA ARG A 34 25.75 -26.77 -5.03
C ARG A 34 26.12 -25.29 -5.06
N ILE A 35 25.71 -24.54 -6.08
CA ILE A 35 25.99 -23.08 -6.12
C ILE A 35 25.30 -22.40 -4.94
N ALA A 36 24.06 -22.80 -4.62
CA ALA A 36 23.34 -22.21 -3.46
C ALA A 36 24.15 -22.44 -2.17
N GLU A 37 24.67 -23.65 -1.99
CA GLU A 37 25.46 -23.99 -0.76
C GLU A 37 26.77 -23.20 -0.78
N LEU A 38 27.48 -23.20 -1.88
CA LEU A 38 28.85 -22.60 -1.93
C LEU A 38 28.77 -21.08 -1.82
N SER A 39 27.65 -20.46 -2.23
CA SER A 39 27.52 -18.99 -2.22
C SER A 39 26.95 -18.48 -0.89
N GLY A 40 26.69 -19.34 0.09
CA GLY A 40 26.04 -18.95 1.37
C GLY A 40 24.59 -18.53 1.11
N ASN A 41 23.89 -19.32 0.32
CA ASN A 41 22.47 -19.05 -0.03
C ASN A 41 22.33 -17.76 -0.84
N ARG A 42 23.23 -17.57 -1.81
CA ARG A 42 23.15 -16.43 -2.74
C ARG A 42 23.18 -16.92 -4.20
N PRO A 43 22.51 -18.01 -4.62
CA PRO A 43 22.60 -18.46 -6.00
C PRO A 43 22.04 -17.42 -6.98
N LEU A 44 20.99 -16.71 -6.59
CA LEU A 44 20.37 -15.75 -7.55
C LEU A 44 21.36 -14.60 -7.79
N THR A 45 21.96 -14.07 -6.74
CA THR A 45 22.91 -12.93 -6.86
C THR A 45 24.11 -13.38 -7.72
N VAL A 46 24.74 -14.52 -7.41
CA VAL A 46 26.00 -14.89 -8.10
C VAL A 46 25.69 -15.32 -9.52
N ILE A 47 24.58 -16.02 -9.78
CA ILE A 47 24.20 -16.43 -11.15
C ILE A 47 23.82 -15.18 -11.98
N MET A 48 23.03 -14.26 -11.43
CA MET A 48 22.68 -13.02 -12.15
C MET A 48 23.94 -12.22 -12.44
N HIS A 49 24.83 -12.07 -11.46
CA HIS A 49 26.04 -11.24 -11.65
C HIS A 49 26.90 -11.89 -12.74
N THR A 50 27.07 -13.21 -12.69
CA THR A 50 27.85 -13.94 -13.73
C THR A 50 27.24 -13.68 -15.12
N ILE A 51 25.91 -13.80 -15.24
CA ILE A 51 25.24 -13.66 -16.55
C ILE A 51 25.35 -12.21 -17.03
N PHE A 52 25.18 -11.24 -16.15
CA PHE A 52 25.28 -9.83 -16.56
C PHE A 52 26.71 -9.54 -17.08
N GLN A 53 27.73 -10.08 -16.41
CA GLN A 53 29.14 -9.87 -16.84
C GLN A 53 29.35 -10.58 -18.20
N GLU A 54 28.93 -11.84 -18.31
CA GLU A 54 29.06 -12.67 -19.54
C GLU A 54 28.38 -11.98 -20.73
N ARG A 55 27.21 -11.35 -20.55
CA ARG A 55 26.45 -10.73 -21.68
C ARG A 55 26.79 -9.24 -21.80
N ASP A 56 27.73 -8.75 -21.01
CA ASP A 56 28.24 -7.36 -21.01
C ASP A 56 27.10 -6.36 -20.73
N LEU A 57 26.14 -6.75 -19.91
CA LEU A 57 24.95 -5.91 -19.66
C LEU A 57 25.30 -4.70 -18.78
N LEU A 58 26.32 -4.74 -17.91
CA LEU A 58 26.65 -3.58 -17.07
C LEU A 58 27.13 -2.46 -17.98
N LYS A 59 27.99 -2.78 -18.94
CA LYS A 59 28.52 -1.75 -19.86
C LYS A 59 27.39 -1.27 -20.79
N THR A 60 26.64 -2.18 -21.37
CA THR A 60 25.59 -1.82 -22.37
C THR A 60 24.57 -0.89 -21.70
N PHE A 61 24.17 -1.19 -20.46
CA PHE A 61 23.09 -0.43 -19.77
C PHE A 61 23.63 0.54 -18.73
N LYS A 62 24.95 0.72 -18.67
CA LYS A 62 25.64 1.64 -17.73
C LYS A 62 25.12 1.39 -16.31
N ILE A 63 25.10 0.13 -15.93
CA ILE A 63 24.66 -0.28 -14.57
C ILE A 63 25.88 -0.24 -13.67
N PRO A 64 25.88 0.61 -12.62
CA PRO A 64 26.98 0.60 -11.64
C PRO A 64 27.01 -0.77 -10.95
N VAL A 65 28.19 -1.37 -10.85
CA VAL A 65 28.31 -2.75 -10.32
C VAL A 65 27.82 -2.79 -8.86
N ASP A 66 28.11 -1.77 -8.05
CA ASP A 66 27.66 -1.77 -6.62
C ASP A 66 26.11 -1.73 -6.59
N THR A 67 25.48 -0.98 -7.47
CA THR A 67 24.02 -0.89 -7.59
C THR A 67 23.47 -2.28 -7.98
N LEU A 68 24.09 -2.95 -8.96
CA LEU A 68 23.62 -4.29 -9.40
C LEU A 68 23.66 -5.23 -8.20
N ILE A 69 24.79 -5.30 -7.52
CA ILE A 69 24.96 -6.26 -6.40
C ILE A 69 23.99 -5.91 -5.28
N THR A 70 23.78 -4.63 -4.97
CA THR A 70 22.84 -4.20 -3.91
C THR A 70 21.42 -4.63 -4.26
N TYR A 71 20.96 -4.33 -5.47
CA TYR A 71 19.63 -4.76 -5.94
C TYR A 71 19.49 -6.28 -5.89
N LEU A 72 20.47 -7.00 -6.41
CA LEU A 72 20.38 -8.48 -6.44
C LEU A 72 20.28 -9.05 -5.02
N MET A 73 21.09 -8.56 -4.08
CA MET A 73 21.01 -9.09 -2.69
C MET A 73 19.63 -8.76 -2.11
N THR A 74 19.13 -7.56 -2.38
CA THR A 74 17.81 -7.14 -1.89
C THR A 74 16.74 -8.05 -2.51
N LEU A 75 16.76 -8.22 -3.82
CA LEU A 75 15.79 -9.11 -4.49
C LEU A 75 15.86 -10.51 -3.89
N GLU A 76 17.06 -11.07 -3.79
CA GLU A 76 17.26 -12.44 -3.25
C GLU A 76 16.68 -12.55 -1.83
N ASP A 77 16.87 -11.53 -1.01
CA ASP A 77 16.35 -11.45 0.37
C ASP A 77 14.82 -11.40 0.42
N HIS A 78 14.14 -10.99 -0.66
CA HIS A 78 12.66 -10.96 -0.68
C HIS A 78 12.08 -12.30 -1.14
N TYR A 79 12.92 -13.25 -1.47
CA TYR A 79 12.43 -14.63 -1.70
C TYR A 79 12.43 -15.30 -0.32
N HIS A 80 11.55 -16.24 -0.05
CA HIS A 80 11.52 -16.84 1.32
C HIS A 80 12.35 -18.12 1.43
N ALA A 81 13.31 -18.16 2.36
CA ALA A 81 14.09 -19.38 2.63
C ALA A 81 13.19 -20.43 3.30
N ASP A 82 12.02 -20.05 3.83
CA ASP A 82 11.12 -21.03 4.51
C ASP A 82 10.01 -21.49 3.54
N VAL A 83 10.19 -21.35 2.24
CA VAL A 83 9.29 -21.92 1.20
C VAL A 83 10.13 -22.95 0.45
N ALA A 84 9.65 -24.19 0.31
CA ALA A 84 10.51 -25.30 -0.16
C ALA A 84 10.85 -25.16 -1.64
N TYR A 85 9.91 -24.72 -2.47
CA TYR A 85 10.12 -24.69 -3.94
C TYR A 85 10.30 -23.24 -4.43
N HIS A 86 9.32 -22.38 -4.17
CA HIS A 86 9.26 -21.01 -4.73
C HIS A 86 10.17 -20.06 -3.94
N ASN A 87 11.46 -20.38 -3.96
CA ASN A 87 12.51 -19.63 -3.26
C ASN A 87 13.56 -19.11 -4.25
N ASN A 88 14.63 -18.54 -3.68
CA ASN A 88 15.72 -17.93 -4.46
C ASN A 88 16.43 -18.97 -5.31
N ILE A 89 16.42 -20.25 -4.93
CA ILE A 89 17.11 -21.29 -5.76
C ILE A 89 16.30 -21.49 -7.03
N HIS A 90 14.97 -21.59 -6.93
CA HIS A 90 14.09 -21.67 -8.11
C HIS A 90 14.30 -20.45 -8.99
N ALA A 91 14.32 -19.25 -8.42
CA ALA A 91 14.55 -18.01 -9.22
C ALA A 91 15.89 -18.13 -9.97
N ALA A 92 16.95 -18.51 -9.28
CA ALA A 92 18.28 -18.66 -9.89
C ALA A 92 18.24 -19.67 -11.05
N ASP A 93 17.50 -20.76 -10.84
CA ASP A 93 17.39 -21.84 -11.83
C ASP A 93 16.66 -21.32 -13.07
N VAL A 94 15.57 -20.58 -12.89
CA VAL A 94 14.81 -20.04 -14.05
C VAL A 94 15.66 -19.00 -14.81
N VAL A 95 16.38 -18.16 -14.08
CA VAL A 95 17.33 -17.19 -14.70
C VAL A 95 18.30 -17.95 -15.57
N GLN A 96 18.95 -18.95 -15.00
CA GLN A 96 20.09 -19.64 -15.70
C GLN A 96 19.53 -20.41 -16.91
N SER A 97 18.35 -21.00 -16.77
CA SER A 97 17.70 -21.78 -17.84
C SER A 97 17.28 -20.82 -18.96
N THR A 98 16.73 -19.65 -18.63
CA THR A 98 16.43 -18.61 -19.62
C THR A 98 17.71 -18.23 -20.36
N HIS A 99 18.78 -17.99 -19.62
CA HIS A 99 20.08 -17.61 -20.20
C HIS A 99 20.53 -18.64 -21.24
N VAL A 100 20.39 -19.92 -20.94
CA VAL A 100 20.79 -21.00 -21.91
C VAL A 100 19.82 -20.97 -23.09
N LEU A 101 18.52 -20.81 -22.89
CA LEU A 101 17.55 -20.81 -24.02
C LEU A 101 17.80 -19.62 -24.92
N LEU A 102 18.20 -18.46 -24.37
CA LEU A 102 18.45 -17.25 -25.18
C LEU A 102 19.65 -17.51 -26.11
N SER A 103 20.56 -18.39 -25.73
CA SER A 103 21.78 -18.71 -26.53
C SER A 103 21.53 -19.79 -27.57
N THR A 104 20.30 -20.22 -27.74
CA THR A 104 20.04 -21.29 -28.72
C THR A 104 20.42 -20.84 -30.13
N PRO A 105 21.15 -21.63 -31.07
CA PRO A 105 21.62 -21.46 -32.67
C PRO A 105 20.40 -20.78 -33.31
N ALA A 106 19.19 -21.28 -33.09
CA ALA A 106 18.04 -20.79 -33.88
C ALA A 106 17.68 -19.33 -33.52
N LEU A 107 18.13 -18.83 -32.38
CA LEU A 107 17.78 -17.43 -31.99
C LEU A 107 19.00 -16.52 -32.09
N GLU A 108 20.12 -16.96 -32.68
CA GLU A 108 21.38 -16.17 -32.70
C GLU A 108 21.08 -14.83 -33.40
N ALA A 109 21.44 -13.73 -32.73
CA ALA A 109 21.28 -12.34 -33.23
C ALA A 109 19.81 -11.96 -33.44
N VAL A 110 18.84 -12.71 -32.91
CA VAL A 110 17.40 -12.36 -33.09
C VAL A 110 17.04 -11.23 -32.12
N PHE A 111 17.38 -11.35 -30.83
CA PHE A 111 16.86 -10.41 -29.79
C PHE A 111 17.82 -9.25 -29.55
N THR A 112 17.26 -8.08 -29.24
CA THR A 112 18.07 -6.90 -28.83
C THR A 112 18.59 -7.10 -27.41
N ASP A 113 19.60 -6.31 -27.04
CA ASP A 113 20.12 -6.29 -25.64
C ASP A 113 18.99 -5.95 -24.67
N LEU A 114 18.05 -5.08 -25.03
CA LEU A 114 16.93 -4.70 -24.11
C LEU A 114 15.98 -5.88 -23.93
N GLU A 115 15.70 -6.66 -24.98
CA GLU A 115 14.85 -7.87 -24.90
C GLU A 115 15.55 -8.92 -24.04
N ILE A 116 16.85 -9.08 -24.19
CA ILE A 116 17.64 -10.04 -23.39
C ILE A 116 17.59 -9.60 -21.91
N LEU A 117 17.82 -8.31 -21.64
CA LEU A 117 17.71 -7.78 -20.26
C LEU A 117 16.29 -8.03 -19.70
N ALA A 118 15.24 -7.83 -20.50
CA ALA A 118 13.85 -8.03 -20.07
C ALA A 118 13.65 -9.50 -19.67
N ALA A 119 14.11 -10.44 -20.51
CA ALA A 119 13.88 -11.87 -20.24
C ALA A 119 14.61 -12.28 -18.96
N ILE A 120 15.85 -11.85 -18.79
CA ILE A 120 16.67 -12.24 -17.62
C ILE A 120 16.13 -11.58 -16.35
N PHE A 121 15.84 -10.29 -16.41
CA PHE A 121 15.29 -9.57 -15.24
C PHE A 121 13.93 -10.17 -14.86
N ALA A 122 13.05 -10.39 -15.83
CA ALA A 122 11.75 -11.06 -15.59
C ALA A 122 11.95 -12.37 -14.87
N SER A 123 12.87 -13.20 -15.36
CA SER A 123 13.18 -14.53 -14.76
C SER A 123 13.58 -14.32 -13.29
N ALA A 124 14.41 -13.32 -12.99
CA ALA A 124 14.98 -13.10 -11.65
C ALA A 124 13.85 -12.73 -10.67
N ILE A 125 12.89 -11.92 -11.09
CA ILE A 125 11.83 -11.39 -10.20
C ILE A 125 10.58 -12.27 -10.22
N HIS A 126 10.48 -13.30 -11.08
CA HIS A 126 9.15 -13.82 -11.51
C HIS A 126 8.39 -14.45 -10.35
N ASP A 127 9.04 -14.90 -9.28
CA ASP A 127 8.38 -15.51 -8.10
C ASP A 127 8.71 -14.80 -6.78
N VAL A 128 9.17 -13.55 -6.81
CA VAL A 128 9.68 -12.92 -5.58
C VAL A 128 8.55 -12.76 -4.57
N ASP A 129 8.84 -13.02 -3.30
CA ASP A 129 7.89 -12.93 -2.17
C ASP A 129 6.76 -13.96 -2.31
N HIS A 130 7.03 -15.10 -2.91
CA HIS A 130 6.02 -16.17 -3.07
C HIS A 130 5.76 -16.77 -1.68
N PRO A 131 4.49 -16.84 -1.24
CA PRO A 131 4.15 -17.40 0.07
C PRO A 131 4.09 -18.93 0.13
N GLY A 132 4.30 -19.61 -1.00
CA GLY A 132 4.29 -21.08 -1.06
C GLY A 132 2.89 -21.67 -1.09
N VAL A 133 1.88 -20.89 -1.46
CA VAL A 133 0.51 -21.39 -1.70
C VAL A 133 0.05 -20.82 -3.04
N SER A 134 -0.98 -21.43 -3.62
CA SER A 134 -1.46 -21.14 -4.99
C SER A 134 -2.33 -19.89 -5.00
N ASN A 135 -2.52 -19.35 -6.19
CA ASN A 135 -3.51 -18.29 -6.43
C ASN A 135 -4.87 -18.72 -5.85
N GLN A 136 -5.32 -19.93 -6.15
CA GLN A 136 -6.69 -20.33 -5.74
C GLN A 136 -6.77 -20.36 -4.21
N PHE A 137 -5.73 -20.81 -3.54
CA PHE A 137 -5.68 -20.85 -2.07
C PHE A 137 -5.82 -19.42 -1.54
N LEU A 138 -5.07 -18.47 -2.10
CA LEU A 138 -5.14 -17.06 -1.69
C LEU A 138 -6.54 -16.51 -1.92
N ILE A 139 -7.17 -16.84 -3.03
CA ILE A 139 -8.55 -16.36 -3.34
C ILE A 139 -9.53 -16.95 -2.32
N ASN A 140 -9.42 -18.24 -2.07
CA ASN A 140 -10.39 -19.00 -1.22
C ASN A 140 -10.26 -18.56 0.24
N THR A 141 -9.09 -18.09 0.65
CA THR A 141 -8.86 -17.66 2.05
C THR A 141 -9.10 -16.17 2.26
N ASN A 142 -9.59 -15.46 1.25
CA ASN A 142 -9.84 -14.01 1.38
C ASN A 142 -8.53 -13.30 1.76
N SER A 143 -7.38 -13.76 1.24
CA SER A 143 -6.09 -13.13 1.58
C SER A 143 -6.04 -11.70 1.02
N GLU A 144 -5.32 -10.85 1.74
CA GLU A 144 -5.05 -9.47 1.32
C GLU A 144 -4.52 -9.43 -0.13
N LEU A 145 -3.62 -10.33 -0.52
CA LEU A 145 -3.07 -10.29 -1.92
C LEU A 145 -4.19 -10.48 -2.94
N ALA A 146 -5.09 -11.44 -2.70
CA ALA A 146 -6.20 -11.73 -3.62
C ALA A 146 -7.13 -10.52 -3.72
N LEU A 147 -7.35 -9.83 -2.61
CA LEU A 147 -8.22 -8.63 -2.59
C LEU A 147 -7.53 -7.48 -3.32
N MET A 148 -6.23 -7.31 -3.16
CA MET A 148 -5.47 -6.22 -3.80
C MET A 148 -5.51 -6.40 -5.33
N TYR A 149 -5.46 -7.63 -5.84
CA TYR A 149 -5.40 -7.88 -7.29
C TYR A 149 -6.71 -8.39 -7.88
N ASN A 150 -7.78 -8.29 -7.09
CA ASN A 150 -9.12 -8.66 -7.56
C ASN A 150 -9.13 -10.08 -8.14
N ASP A 151 -8.48 -11.01 -7.45
CA ASP A 151 -8.37 -12.45 -7.77
C ASP A 151 -7.73 -12.72 -9.14
N SER A 152 -7.11 -11.73 -9.75
CA SER A 152 -6.58 -11.88 -11.13
C SER A 152 -5.04 -12.00 -11.13
N SER A 153 -4.49 -13.15 -11.58
CA SER A 153 -3.03 -13.45 -11.57
C SER A 153 -2.43 -12.88 -10.29
N VAL A 154 -2.98 -13.31 -9.13
CA VAL A 154 -2.69 -12.64 -7.84
C VAL A 154 -1.18 -12.66 -7.56
N LEU A 155 -0.58 -13.85 -7.58
CA LEU A 155 0.85 -13.99 -7.25
C LEU A 155 1.69 -13.21 -8.27
N GLU A 156 1.40 -13.39 -9.57
CA GLU A 156 2.25 -12.85 -10.66
C GLU A 156 2.20 -11.33 -10.64
N ASN A 157 1.04 -10.74 -10.34
CA ASN A 157 0.93 -9.28 -10.13
C ASN A 157 1.82 -8.87 -8.95
N HIS A 158 1.78 -9.66 -7.89
CA HIS A 158 2.58 -9.34 -6.69
C HIS A 158 4.09 -9.43 -6.98
N HIS A 159 4.50 -10.48 -7.66
CA HIS A 159 5.94 -10.66 -7.99
C HIS A 159 6.44 -9.44 -8.77
N LEU A 160 5.67 -8.97 -9.76
CA LEU A 160 6.04 -7.79 -10.55
C LEU A 160 6.14 -6.57 -9.62
N ALA A 161 5.11 -6.31 -8.81
CA ALA A 161 5.05 -5.10 -7.99
C ALA A 161 6.26 -5.08 -7.06
N VAL A 162 6.58 -6.22 -6.48
CA VAL A 162 7.72 -6.29 -5.54
C VAL A 162 9.03 -6.10 -6.32
N GLY A 163 9.23 -6.84 -7.39
CA GLY A 163 10.46 -6.77 -8.22
C GLY A 163 10.76 -5.32 -8.59
N PHE A 164 9.76 -4.57 -9.05
CA PHE A 164 9.90 -3.16 -9.43
C PHE A 164 10.09 -2.24 -8.20
N LYS A 165 9.31 -2.43 -7.14
CA LYS A 165 9.36 -1.55 -5.93
C LYS A 165 10.75 -1.61 -5.31
N LEU A 166 11.43 -2.75 -5.37
CA LEU A 166 12.76 -2.89 -4.73
C LEU A 166 13.81 -2.03 -5.45
N LEU A 167 13.53 -1.61 -6.69
CA LEU A 167 14.45 -0.71 -7.43
C LEU A 167 14.53 0.61 -6.67
N GLN A 168 13.50 0.90 -5.90
CA GLN A 168 13.46 2.13 -5.07
CA GLN A 168 13.45 2.13 -5.06
C GLN A 168 14.21 2.23 -3.70
N GLU A 169 14.79 1.06 -3.33
CA GLU A 169 15.62 0.99 -2.10
C GLU A 169 16.98 1.62 -2.36
N GLU A 170 17.70 1.94 -1.29
CA GLU A 170 18.98 2.67 -1.30
C GLU A 170 19.94 1.97 -2.27
N ASN A 171 20.43 2.72 -3.26
CA ASN A 171 21.41 2.22 -4.26
C ASN A 171 20.93 0.91 -4.93
N CYS A 172 19.65 0.81 -5.28
CA CYS A 172 19.05 -0.38 -5.93
C CYS A 172 18.58 -0.07 -7.34
N ASP A 173 18.61 1.17 -7.82
CA ASP A 173 18.02 1.42 -9.16
C ASP A 173 18.98 1.05 -10.29
N ILE A 174 18.97 -0.21 -10.68
CA ILE A 174 19.86 -0.75 -11.73
C ILE A 174 19.52 -0.14 -13.11
N PHE A 175 18.37 0.48 -13.28
CA PHE A 175 17.93 1.08 -14.56
C PHE A 175 18.12 2.61 -14.56
N GLN A 176 18.86 3.15 -13.60
CA GLN A 176 18.97 4.62 -13.42
C GLN A 176 19.53 5.29 -14.68
N ASN A 177 20.35 4.62 -15.50
CA ASN A 177 20.95 5.30 -16.69
C ASN A 177 20.20 4.98 -17.99
N LEU A 178 19.12 4.20 -17.95
CA LEU A 178 18.32 3.96 -19.15
C LEU A 178 17.52 5.21 -19.49
N THR A 179 17.29 5.47 -20.78
CA THR A 179 16.36 6.55 -21.19
C THR A 179 14.94 6.15 -20.78
N LYS A 180 14.04 7.11 -20.74
CA LYS A 180 12.61 6.86 -20.50
C LYS A 180 12.09 5.87 -21.57
N LYS A 181 12.48 6.03 -22.84
CA LYS A 181 12.06 5.10 -23.91
C LYS A 181 12.49 3.67 -23.60
N GLN A 182 13.73 3.48 -23.20
CA GLN A 182 14.27 2.15 -22.84
C GLN A 182 13.48 1.62 -21.65
N ARG A 183 13.26 2.44 -20.64
CA ARG A 183 12.59 1.99 -19.40
C ARG A 183 11.14 1.59 -19.66
N GLN A 184 10.43 2.34 -20.48
CA GLN A 184 9.02 2.02 -20.78
C GLN A 184 8.96 0.71 -21.56
N SER A 185 9.88 0.50 -22.51
CA SER A 185 9.88 -0.73 -23.33
C SER A 185 10.25 -1.91 -22.42
N LEU A 186 11.31 -1.77 -21.64
CA LEU A 186 11.74 -2.83 -20.70
C LEU A 186 10.60 -3.20 -19.76
N ARG A 187 9.95 -2.19 -19.19
CA ARG A 187 8.90 -2.44 -18.17
C ARG A 187 7.74 -3.19 -18.82
N LYS A 188 7.32 -2.76 -19.99
CA LYS A 188 6.19 -3.45 -20.65
C LYS A 188 6.56 -4.91 -20.92
N MET A 189 7.75 -5.17 -21.43
CA MET A 189 8.16 -6.56 -21.75
C MET A 189 8.21 -7.39 -20.47
N VAL A 190 8.75 -6.84 -19.39
CA VAL A 190 8.90 -7.62 -18.13
C VAL A 190 7.50 -7.96 -17.59
N ILE A 191 6.58 -7.01 -17.62
CA ILE A 191 5.19 -7.25 -17.20
C ILE A 191 4.57 -8.37 -18.04
N ASP A 192 4.68 -8.28 -19.35
CA ASP A 192 4.11 -9.25 -20.30
C ASP A 192 4.70 -10.64 -20.03
N ILE A 193 5.99 -10.72 -19.73
CA ILE A 193 6.65 -12.02 -19.48
C ILE A 193 6.20 -12.62 -18.13
N VAL A 194 6.24 -11.85 -17.04
CA VAL A 194 5.89 -12.44 -15.72
C VAL A 194 4.42 -12.80 -15.68
N LEU A 195 3.53 -12.00 -16.28
CA LEU A 195 2.09 -12.33 -16.26
C LEU A 195 1.85 -13.64 -17.02
N ALA A 196 2.69 -13.96 -18.02
CA ALA A 196 2.59 -15.19 -18.82
C ALA A 196 3.07 -16.42 -18.02
N THR A 197 3.64 -16.25 -16.83
CA THR A 197 4.06 -17.41 -16.00
C THR A 197 2.87 -17.95 -15.20
N ASP A 198 1.74 -17.25 -15.17
CA ASP A 198 0.51 -17.77 -14.53
C ASP A 198 0.03 -19.00 -15.33
N MET A 199 -0.06 -20.15 -14.70
CA MET A 199 -0.40 -21.42 -15.41
C MET A 199 -1.82 -21.33 -16.01
N SER A 200 -2.67 -20.40 -15.56
CA SER A 200 -3.99 -20.20 -16.19
C SER A 200 -3.81 -19.74 -17.65
N LYS A 201 -2.65 -19.22 -18.02
CA LYS A 201 -2.37 -18.72 -19.40
C LYS A 201 -1.72 -19.78 -20.29
N HIS A 202 -1.33 -20.92 -19.72
CA HIS A 202 -0.50 -21.95 -20.40
C HIS A 202 -1.14 -22.38 -21.74
N MET A 203 -2.42 -22.75 -21.74
CA MET A 203 -3.07 -23.34 -22.95
C MET A 203 -3.10 -22.27 -24.05
N ASN A 204 -3.36 -21.00 -23.76
CA ASN A 204 -3.35 -19.95 -24.81
C ASN A 204 -1.92 -19.68 -25.30
N LEU A 205 -0.92 -19.64 -24.39
CA LEU A 205 0.50 -19.47 -24.82
C LEU A 205 0.87 -20.61 -25.74
N LEU A 206 0.53 -21.84 -25.35
CA LEU A 206 0.91 -23.04 -26.14
C LEU A 206 0.21 -22.99 -27.50
N ALA A 207 -1.07 -22.61 -27.55
CA ALA A 207 -1.83 -22.48 -28.82
C ALA A 207 -1.10 -21.50 -29.73
N ASP A 208 -0.64 -20.39 -29.18
CA ASP A 208 0.02 -19.34 -30.00
C ASP A 208 1.39 -19.82 -30.44
N LEU A 209 2.12 -20.53 -29.58
CA LEU A 209 3.44 -21.05 -29.98
C LEU A 209 3.25 -22.06 -31.13
N LYS A 210 2.22 -22.92 -31.05
CA LYS A 210 1.96 -23.94 -32.11
C LYS A 210 1.64 -23.23 -33.43
N THR A 211 0.81 -22.17 -33.40
CA THR A 211 0.47 -21.35 -34.59
C THR A 211 1.77 -20.79 -35.19
N MET A 212 2.67 -20.30 -34.34
CA MET A 212 3.93 -19.73 -34.83
C MET A 212 4.78 -20.81 -35.47
N VAL A 213 4.85 -22.01 -34.89
CA VAL A 213 5.63 -23.14 -35.50
C VAL A 213 5.02 -23.46 -36.89
N GLU A 214 3.70 -23.56 -36.99
CA GLU A 214 2.97 -23.86 -38.24
C GLU A 214 3.23 -22.80 -39.31
N THR A 215 3.51 -21.54 -38.96
CA THR A 215 3.69 -20.41 -39.91
C THR A 215 5.13 -19.87 -39.85
N LYS A 216 6.05 -20.70 -39.37
CA LYS A 216 7.46 -20.37 -39.08
C LYS A 216 8.13 -19.83 -40.34
N LYS A 217 8.86 -18.73 -40.22
CA LYS A 217 9.77 -18.20 -41.28
C LYS A 217 11.17 -18.12 -40.68
N VAL A 218 12.19 -18.46 -41.48
CA VAL A 218 13.61 -18.33 -41.09
C VAL A 218 14.29 -17.38 -42.08
N THR A 219 15.31 -16.64 -41.65
CA THR A 219 15.91 -15.53 -42.45
C THR A 219 17.41 -15.52 -42.25
N SER A 220 18.16 -15.16 -43.31
CA SER A 220 19.64 -15.24 -43.36
C SER A 220 20.12 -16.67 -43.10
N SER A 221 19.29 -17.68 -43.43
CA SER A 221 19.42 -19.13 -43.14
C SER A 221 19.40 -19.48 -41.63
N GLY A 222 18.44 -20.31 -41.24
CA GLY A 222 18.37 -21.01 -39.94
C GLY A 222 17.93 -20.25 -38.72
N VAL A 223 17.80 -18.93 -38.77
CA VAL A 223 17.45 -18.09 -37.58
C VAL A 223 15.98 -17.64 -37.72
N LEU A 224 15.22 -17.65 -36.64
CA LEU A 224 13.78 -17.29 -36.66
C LEU A 224 13.60 -15.83 -37.11
N LEU A 225 12.59 -15.58 -37.94
CA LEU A 225 12.10 -14.22 -38.30
C LEU A 225 10.94 -13.84 -37.38
N LEU A 226 11.14 -12.77 -36.59
CA LEU A 226 10.11 -12.23 -35.67
C LEU A 226 10.02 -10.72 -35.94
N ASP A 227 9.06 -10.26 -36.74
CA ASP A 227 9.13 -8.87 -37.28
C ASP A 227 8.09 -7.98 -36.63
N ASN A 228 7.41 -8.42 -35.58
CA ASN A 228 6.42 -7.58 -34.86
C ASN A 228 6.47 -7.90 -33.35
N TYR A 229 6.01 -6.96 -32.51
CA TYR A 229 6.06 -7.10 -31.03
C TYR A 229 5.30 -8.37 -30.62
N SER A 230 4.11 -8.62 -31.17
CA SER A 230 3.28 -9.78 -30.78
C SER A 230 4.12 -11.05 -30.86
N ASP A 231 4.86 -11.24 -31.95
CA ASP A 231 5.62 -12.50 -32.17
C ASP A 231 6.88 -12.49 -31.28
N ARG A 232 7.57 -11.36 -31.18
CA ARG A 232 8.80 -11.26 -30.36
C ARG A 232 8.44 -11.54 -28.89
N ILE A 233 7.39 -10.91 -28.36
CA ILE A 233 7.05 -11.05 -26.90
C ILE A 233 6.50 -12.47 -26.68
N GLN A 234 5.81 -13.04 -27.66
CA GLN A 234 5.27 -14.42 -27.51
C GLN A 234 6.42 -15.40 -27.37
N VAL A 235 7.50 -15.25 -28.15
CA VAL A 235 8.65 -16.16 -28.03
C VAL A 235 9.31 -15.98 -26.66
N LEU A 236 9.49 -14.75 -26.19
CA LEU A 236 10.13 -14.50 -24.87
C LEU A 236 9.22 -15.03 -23.75
N GLN A 237 7.92 -14.84 -23.85
CA GLN A 237 6.96 -15.36 -22.84
C GLN A 237 7.08 -16.87 -22.78
N ASN A 238 7.00 -17.54 -23.93
CA ASN A 238 7.11 -19.02 -24.00
C ASN A 238 8.50 -19.47 -23.52
N MET A 239 9.54 -18.70 -23.80
CA MET A 239 10.92 -19.06 -23.39
C MET A 239 11.01 -19.09 -21.86
N VAL A 240 10.54 -18.04 -21.20
CA VAL A 240 10.62 -17.98 -19.71
C VAL A 240 9.67 -19.02 -19.10
N HIS A 241 8.49 -19.22 -19.71
CA HIS A 241 7.55 -20.28 -19.32
C HIS A 241 8.21 -21.68 -19.43
N CYS A 242 8.93 -21.95 -20.53
CA CYS A 242 9.74 -23.19 -20.67
C CYS A 242 10.76 -23.29 -19.54
N ALA A 243 11.47 -22.19 -19.22
CA ALA A 243 12.46 -22.18 -18.13
C ALA A 243 11.78 -22.50 -16.79
N ASP A 244 10.61 -21.90 -16.55
CA ASP A 244 9.82 -22.14 -15.32
C ASP A 244 9.39 -23.62 -15.23
N LEU A 245 9.12 -24.24 -16.37
CA LEU A 245 8.66 -25.66 -16.47
C LEU A 245 9.81 -26.54 -16.94
N SER A 246 11.06 -26.22 -16.58
CA SER A 246 12.26 -26.93 -17.08
C SER A 246 12.67 -28.08 -16.16
N ASN A 247 12.10 -28.21 -14.96
CA ASN A 247 12.64 -29.16 -13.95
C ASN A 247 12.67 -30.59 -14.56
N PRO A 248 11.60 -31.08 -15.22
CA PRO A 248 11.61 -32.46 -15.72
C PRO A 248 12.57 -32.68 -16.90
N THR A 249 13.17 -31.63 -17.45
CA THR A 249 14.11 -31.70 -18.58
C THR A 249 15.55 -31.77 -18.08
N LYS A 250 15.74 -31.69 -16.78
CA LYS A 250 17.10 -31.63 -16.20
C LYS A 250 17.55 -33.06 -15.91
N PRO A 251 18.87 -33.28 -15.74
CA PRO A 251 19.34 -34.55 -15.20
C PRO A 251 18.53 -34.92 -13.95
N LEU A 252 18.28 -36.21 -13.81
CA LEU A 252 17.38 -36.78 -12.80
C LEU A 252 17.78 -36.40 -11.38
N GLN A 253 19.07 -36.29 -11.05
CA GLN A 253 19.51 -35.88 -9.69
C GLN A 253 18.96 -34.48 -9.35
N LEU A 254 18.85 -33.59 -10.35
CA LEU A 254 18.30 -32.22 -10.16
C LEU A 254 16.78 -32.31 -10.11
N TYR A 255 16.17 -32.97 -11.09
CA TYR A 255 14.70 -33.09 -11.23
C TYR A 255 14.11 -33.62 -9.92
N ARG A 256 14.69 -34.68 -9.36
CA ARG A 256 14.09 -35.28 -8.13
C ARG A 256 14.16 -34.32 -6.94
N GLN A 257 15.18 -33.47 -6.85
CA GLN A 257 15.22 -32.44 -5.78
C GLN A 257 14.07 -31.43 -5.99
N TRP A 258 13.83 -31.04 -7.23
CA TRP A 258 12.70 -30.13 -7.54
C TRP A 258 11.37 -30.79 -7.20
N THR A 259 11.21 -32.08 -7.53
CA THR A 259 9.97 -32.83 -7.21
C THR A 259 9.77 -32.88 -5.68
N ASP A 260 10.79 -33.23 -4.92
CA ASP A 260 10.72 -33.26 -3.44
C ASP A 260 10.23 -31.90 -2.93
N ARG A 261 10.77 -30.81 -3.48
CA ARG A 261 10.46 -29.44 -2.99
C ARG A 261 9.04 -29.06 -3.37
N ILE A 262 8.61 -29.27 -4.62
CA ILE A 262 7.24 -28.87 -5.02
C ILE A 262 6.24 -29.70 -4.19
N MET A 263 6.53 -30.98 -3.94
CA MET A 263 5.57 -31.83 -3.19
C MET A 263 5.53 -31.42 -1.73
N GLU A 264 6.64 -30.99 -1.13
CA GLU A 264 6.64 -30.43 0.25
C GLU A 264 5.70 -29.22 0.27
N GLU A 265 5.82 -28.34 -0.73
CA GLU A 265 5.04 -27.10 -0.75
C GLU A 265 3.55 -27.45 -0.96
N PHE A 266 3.26 -28.35 -1.88
CA PHE A 266 1.87 -28.78 -2.18
C PHE A 266 1.26 -29.43 -0.94
N PHE A 267 1.98 -30.35 -0.30
CA PHE A 267 1.47 -31.12 0.86
C PHE A 267 1.24 -30.15 2.03
N ARG A 268 2.09 -29.12 2.19
CA ARG A 268 1.89 -28.12 3.26
C ARG A 268 0.61 -27.33 2.97
N GLN A 269 0.37 -26.98 1.71
CA GLN A 269 -0.89 -26.29 1.35
C GLN A 269 -2.06 -27.23 1.68
N GLY A 270 -1.95 -28.51 1.31
CA GLY A 270 -3.03 -29.47 1.55
C GLY A 270 -3.30 -29.65 3.02
N ASP A 271 -2.27 -29.58 3.86
CA ASP A 271 -2.42 -29.67 5.34
C ASP A 271 -3.22 -28.46 5.82
N ARG A 272 -2.94 -27.27 5.27
CA ARG A 272 -3.63 -26.02 5.68
C ARG A 272 -5.08 -26.09 5.18
N GLU A 273 -5.31 -26.63 3.98
CA GLU A 273 -6.68 -26.81 3.45
C GLU A 273 -7.47 -27.80 4.34
N ARG A 274 -6.88 -28.97 4.63
CA ARG A 274 -7.57 -30.03 5.42
C ARG A 274 -7.92 -29.45 6.80
N GLU A 275 -6.96 -28.80 7.48
CA GLU A 275 -7.16 -28.33 8.87
C GLU A 275 -8.23 -27.22 8.87
N ARG A 276 -8.52 -26.55 7.75
CA ARG A 276 -9.55 -25.47 7.69
C ARG A 276 -10.86 -26.01 7.12
N GLY A 277 -10.95 -27.30 6.81
CA GLY A 277 -12.18 -27.89 6.26
C GLY A 277 -12.40 -27.53 4.81
N MET A 278 -11.36 -27.12 4.08
CA MET A 278 -11.49 -26.79 2.63
C MET A 278 -11.31 -28.07 1.83
N GLU A 279 -11.84 -28.09 0.62
CA GLU A 279 -11.46 -29.10 -0.41
C GLU A 279 -9.92 -29.09 -0.52
N ILE A 280 -9.28 -30.25 -0.47
CA ILE A 280 -7.80 -30.32 -0.65
C ILE A 280 -7.52 -30.20 -2.16
N SER A 281 -6.64 -29.29 -2.57
CA SER A 281 -6.32 -29.02 -3.99
C SER A 281 -5.70 -30.26 -4.65
N PRO A 282 -5.79 -30.37 -5.99
CA PRO A 282 -5.15 -31.47 -6.72
C PRO A 282 -3.68 -31.68 -6.30
N MET A 283 -3.33 -32.92 -5.95
CA MET A 283 -1.97 -33.42 -5.64
C MET A 283 -1.43 -32.85 -4.32
N CYS A 284 -2.30 -32.26 -3.47
CA CYS A 284 -1.88 -31.60 -2.21
C CYS A 284 -2.21 -32.48 -0.99
N ASP A 285 -2.77 -33.67 -1.20
CA ASP A 285 -3.16 -34.58 -0.10
C ASP A 285 -2.08 -35.64 0.10
N LYS A 286 -1.26 -35.49 1.14
CA LYS A 286 -0.13 -36.42 1.42
C LYS A 286 -0.65 -37.82 1.76
N HIS A 287 -1.93 -37.96 2.12
CA HIS A 287 -2.54 -39.28 2.49
C HIS A 287 -3.11 -39.97 1.25
N ASN A 288 -3.27 -39.25 0.14
CA ASN A 288 -3.88 -39.74 -1.12
C ASN A 288 -3.02 -39.28 -2.31
N ALA A 289 -1.69 -39.44 -2.19
CA ALA A 289 -0.70 -38.91 -3.14
C ALA A 289 -0.13 -40.07 -3.95
N SER A 290 0.07 -39.83 -5.22
CA SER A 290 1.12 -40.55 -5.97
C SER A 290 2.01 -39.50 -6.62
N VAL A 291 3.15 -39.27 -5.97
CA VAL A 291 4.22 -38.38 -6.49
C VAL A 291 4.58 -38.80 -7.90
N GLU A 292 4.76 -40.09 -8.17
CA GLU A 292 5.21 -40.64 -9.47
C GLU A 292 4.14 -40.43 -10.54
N LYS A 293 2.90 -40.78 -10.27
CA LYS A 293 1.79 -40.61 -11.24
C LYS A 293 1.62 -39.13 -11.55
N SER A 294 1.72 -38.29 -10.52
CA SER A 294 1.60 -36.81 -10.65
C SER A 294 2.70 -36.28 -11.59
N GLN A 295 3.95 -36.76 -11.47
CA GLN A 295 5.05 -36.31 -12.37
C GLN A 295 4.74 -36.78 -13.79
N VAL A 296 4.26 -38.02 -13.95
CA VAL A 296 3.96 -38.51 -15.32
C VAL A 296 2.80 -37.70 -15.90
N GLY A 297 1.79 -37.37 -15.11
CA GLY A 297 0.70 -36.50 -15.58
C GLY A 297 1.21 -35.10 -15.94
N PHE A 298 2.04 -34.53 -15.10
CA PHE A 298 2.66 -33.19 -15.33
C PHE A 298 3.38 -33.17 -16.67
N ILE A 299 4.21 -34.20 -16.91
CA ILE A 299 4.97 -34.30 -18.18
C ILE A 299 3.99 -34.51 -19.32
N ASP A 300 3.07 -35.47 -19.22
CA ASP A 300 2.22 -35.84 -20.39
C ASP A 300 1.29 -34.70 -20.79
N TYR A 301 0.74 -33.95 -19.82
CA TYR A 301 -0.33 -32.96 -20.13
C TYR A 301 0.21 -31.53 -20.23
N ILE A 302 1.34 -31.22 -19.61
CA ILE A 302 1.86 -29.81 -19.60
C ILE A 302 3.27 -29.73 -20.19
N VAL A 303 4.25 -30.43 -19.62
CA VAL A 303 5.67 -30.12 -19.89
C VAL A 303 6.06 -30.66 -21.27
N HIS A 304 5.67 -31.89 -21.62
CA HIS A 304 6.06 -32.46 -22.94
C HIS A 304 5.36 -31.73 -24.07
N PRO A 305 4.05 -31.42 -24.02
CA PRO A 305 3.43 -30.66 -25.12
C PRO A 305 4.12 -29.30 -25.36
N LEU A 306 4.50 -28.62 -24.27
CA LEU A 306 5.20 -27.32 -24.39
C LEU A 306 6.58 -27.53 -24.99
N TRP A 307 7.38 -28.42 -24.42
CA TRP A 307 8.79 -28.60 -24.85
C TRP A 307 8.89 -29.22 -26.25
N GLU A 308 7.93 -30.07 -26.62
CA GLU A 308 7.87 -30.63 -28.01
C GLU A 308 7.64 -29.47 -28.97
N THR A 309 6.78 -28.52 -28.61
CA THR A 309 6.48 -27.37 -29.48
C THR A 309 7.68 -26.43 -29.53
N TRP A 310 8.29 -26.12 -28.38
CA TRP A 310 9.53 -25.32 -28.34
C TRP A 310 10.59 -26.00 -29.23
N ALA A 311 10.78 -27.32 -29.08
CA ALA A 311 11.80 -28.09 -29.84
C ALA A 311 11.54 -27.92 -31.35
N ASP A 312 10.29 -27.95 -31.77
CA ASP A 312 9.92 -27.70 -33.19
C ASP A 312 10.32 -26.29 -33.61
N LEU A 313 10.03 -25.27 -32.80
CA LEU A 313 10.41 -23.87 -33.14
C LEU A 313 11.93 -23.77 -33.38
N VAL A 314 12.75 -24.37 -32.54
CA VAL A 314 14.23 -24.17 -32.58
C VAL A 314 14.93 -25.41 -33.17
N HIS A 315 14.19 -26.28 -33.84
CA HIS A 315 14.69 -27.59 -34.37
C HIS A 315 16.02 -27.40 -35.09
N PRO A 316 17.06 -28.33 -34.76
CA PRO A 316 17.31 -29.64 -33.71
C PRO A 316 17.91 -29.18 -32.38
N ASP A 317 17.94 -27.88 -32.16
CA ASP A 317 18.61 -27.28 -30.97
C ASP A 317 18.21 -27.93 -29.65
N ALA A 318 16.95 -28.26 -29.46
CA ALA A 318 16.44 -28.72 -28.14
C ALA A 318 16.27 -30.25 -28.12
N GLN A 319 16.83 -30.98 -29.09
CA GLN A 319 16.65 -32.45 -29.16
C GLN A 319 17.16 -33.13 -27.88
N ASP A 320 18.32 -32.78 -27.35
CA ASP A 320 18.89 -33.43 -26.14
C ASP A 320 18.02 -33.13 -24.91
N ILE A 321 17.45 -31.91 -24.85
CA ILE A 321 16.54 -31.53 -23.72
C ILE A 321 15.28 -32.39 -23.80
N LEU A 322 14.69 -32.54 -24.97
CA LEU A 322 13.47 -33.36 -25.17
C LEU A 322 13.81 -34.84 -24.87
N ASP A 323 14.98 -35.34 -25.26
CA ASP A 323 15.41 -36.73 -24.95
C ASP A 323 15.52 -36.92 -23.44
N THR A 324 16.07 -35.95 -22.69
CA THR A 324 16.19 -36.06 -21.22
C THR A 324 14.78 -36.13 -20.62
N LEU A 325 13.88 -35.25 -21.09
CA LEU A 325 12.48 -35.21 -20.60
C LEU A 325 11.85 -36.60 -20.80
N GLU A 326 11.99 -37.16 -22.00
CA GLU A 326 11.37 -38.47 -22.35
C GLU A 326 11.98 -39.57 -21.48
N ASP A 327 13.30 -39.54 -21.25
CA ASP A 327 13.95 -40.52 -20.35
C ASP A 327 13.43 -40.38 -18.92
N ASN A 328 13.29 -39.14 -18.42
CA ASN A 328 12.80 -38.91 -17.04
C ASN A 328 11.37 -39.43 -16.91
N ARG A 329 10.55 -39.17 -17.92
CA ARG A 329 9.13 -39.59 -17.90
C ARG A 329 9.09 -41.13 -17.75
N GLU A 330 9.91 -41.83 -18.53
CA GLU A 330 9.96 -43.32 -18.50
C GLU A 330 10.45 -43.76 -17.13
N TRP A 331 11.43 -43.06 -16.56
CA TRP A 331 11.92 -43.41 -15.21
C TRP A 331 10.78 -43.29 -14.19
N TYR A 332 10.03 -42.18 -14.13
CA TYR A 332 8.94 -41.99 -13.16
C TYR A 332 7.85 -43.06 -13.44
N GLN A 333 7.48 -43.31 -14.70
CA GLN A 333 6.47 -44.34 -15.06
C GLN A 333 6.90 -45.70 -14.48
N SER A 334 8.17 -46.05 -14.57
CA SER A 334 8.71 -47.38 -14.17
C SER A 334 8.69 -47.52 -12.64
N THR A 335 8.45 -46.46 -11.88
CA THR A 335 8.44 -46.52 -10.40
C THR A 335 7.02 -46.53 -9.85
N ILE A 336 5.98 -46.46 -10.70
CA ILE A 336 4.57 -46.48 -10.24
C ILE A 336 4.21 -47.93 -9.86
N PRO A 337 3.83 -48.24 -8.59
CA PRO A 337 3.34 -49.57 -8.21
C PRO A 337 2.04 -50.01 -8.93
N GLU B 15 -37.24 18.38 -1.23
CA GLU B 15 -37.94 19.47 -1.96
C GLU B 15 -39.00 18.88 -2.87
N ASP B 16 -40.06 19.65 -3.05
CA ASP B 16 -41.16 19.24 -3.92
C ASP B 16 -40.61 19.05 -5.32
N VAL B 17 -39.86 20.02 -5.82
CA VAL B 17 -39.36 19.97 -7.22
C VAL B 17 -38.43 18.78 -7.43
N LEU B 18 -37.62 18.43 -6.43
CA LEU B 18 -36.70 17.27 -6.56
C LEU B 18 -37.51 15.99 -6.67
N ALA B 19 -38.50 15.80 -5.81
CA ALA B 19 -39.30 14.57 -5.87
C ALA B 19 -39.97 14.48 -7.23
N LYS B 20 -40.36 15.62 -7.80
CA LYS B 20 -41.01 15.63 -9.14
C LYS B 20 -40.00 15.22 -10.24
N GLU B 21 -38.79 15.78 -10.23
CA GLU B 21 -37.74 15.36 -11.21
C GLU B 21 -37.46 13.85 -11.05
N LEU B 22 -37.47 13.32 -9.82
CA LEU B 22 -37.09 11.91 -9.56
C LEU B 22 -38.20 10.96 -10.01
N GLU B 23 -39.40 11.45 -10.33
CA GLU B 23 -40.44 10.60 -10.97
C GLU B 23 -39.96 10.14 -12.35
N ASP B 24 -38.98 10.83 -12.97
CA ASP B 24 -38.41 10.41 -14.28
C ASP B 24 -37.28 9.37 -14.12
N VAL B 25 -37.07 8.81 -12.93
CA VAL B 25 -35.92 7.90 -12.63
C VAL B 25 -35.93 6.67 -13.54
N ASN B 26 -37.09 6.25 -14.05
CA ASN B 26 -37.15 5.06 -14.93
C ASN B 26 -37.04 5.47 -16.40
N LYS B 27 -36.78 6.73 -16.69
CA LYS B 27 -36.74 7.22 -18.10
C LYS B 27 -35.31 7.53 -18.56
N TRP B 28 -34.99 7.16 -19.80
CA TRP B 28 -33.78 7.65 -20.49
C TRP B 28 -33.90 9.16 -20.62
N GLY B 29 -32.90 9.92 -20.21
CA GLY B 29 -33.03 11.38 -20.36
C GLY B 29 -33.51 12.08 -19.10
N LEU B 30 -33.33 11.45 -17.95
CA LEU B 30 -33.61 12.11 -16.66
C LEU B 30 -32.80 13.41 -16.54
N HIS B 31 -33.34 14.49 -16.00
CA HIS B 31 -32.45 15.69 -15.89
C HIS B 31 -31.54 15.58 -14.66
N VAL B 32 -30.46 14.85 -14.85
CA VAL B 32 -29.49 14.53 -13.78
C VAL B 32 -28.78 15.80 -13.31
N PHE B 33 -28.53 16.76 -14.19
CA PHE B 33 -27.83 18.01 -13.78
C PHE B 33 -28.74 18.84 -12.85
N ARG B 34 -30.04 18.90 -13.19
CA ARG B 34 -31.07 19.55 -12.34
C ARG B 34 -31.16 18.81 -11.00
N ILE B 35 -31.14 17.49 -11.01
CA ILE B 35 -31.17 16.71 -9.74
C ILE B 35 -29.92 17.04 -8.92
N ALA B 36 -28.76 17.15 -9.55
CA ALA B 36 -27.50 17.51 -8.84
C ALA B 36 -27.70 18.86 -8.15
N GLU B 37 -28.27 19.84 -8.85
CA GLU B 37 -28.49 21.20 -8.28
C GLU B 37 -29.47 21.10 -7.11
N LEU B 38 -30.61 20.46 -7.33
CA LEU B 38 -31.73 20.42 -6.35
C LEU B 38 -31.35 19.64 -5.11
N SER B 39 -30.45 18.66 -5.21
CA SER B 39 -30.11 17.76 -4.09
C SER B 39 -28.92 18.31 -3.27
N GLY B 40 -28.40 19.49 -3.61
CA GLY B 40 -27.20 20.05 -2.96
C GLY B 40 -25.98 19.21 -3.32
N ASN B 41 -25.86 18.85 -4.60
CA ASN B 41 -24.73 18.05 -5.16
C ASN B 41 -24.73 16.65 -4.53
N ARG B 42 -25.90 16.05 -4.36
CA ARG B 42 -26.02 14.64 -3.92
C ARG B 42 -26.79 13.84 -4.96
N PRO B 43 -26.51 13.98 -6.28
CA PRO B 43 -27.27 13.21 -7.26
C PRO B 43 -27.08 11.71 -7.08
N LEU B 44 -25.85 11.27 -6.75
CA LEU B 44 -25.59 9.81 -6.67
C LEU B 44 -26.38 9.24 -5.48
N THR B 45 -26.37 9.91 -4.34
CA THR B 45 -27.07 9.45 -3.13
C THR B 45 -28.59 9.39 -3.42
N VAL B 46 -29.18 10.47 -3.91
CA VAL B 46 -30.67 10.52 -4.03
C VAL B 46 -31.11 9.58 -5.16
N ILE B 47 -30.35 9.48 -6.25
CA ILE B 47 -30.72 8.55 -7.35
C ILE B 47 -30.55 7.10 -6.90
N MET B 48 -29.46 6.74 -6.22
CA MET B 48 -29.27 5.37 -5.74
C MET B 48 -30.37 5.03 -4.72
N HIS B 49 -30.68 5.96 -3.82
CA HIS B 49 -31.69 5.68 -2.76
C HIS B 49 -33.05 5.45 -3.45
N THR B 50 -33.40 6.31 -4.40
CA THR B 50 -34.68 6.18 -5.16
C THR B 50 -34.73 4.82 -5.85
N ILE B 51 -33.64 4.38 -6.49
CA ILE B 51 -33.61 3.10 -7.24
C ILE B 51 -33.69 1.94 -6.27
N PHE B 52 -32.99 1.99 -5.14
CA PHE B 52 -33.04 0.89 -4.17
C PHE B 52 -34.48 0.75 -3.62
N GLN B 53 -35.14 1.87 -3.36
CA GLN B 53 -36.56 1.85 -2.86
C GLN B 53 -37.46 1.28 -3.96
N GLU B 54 -37.33 1.80 -5.19
CA GLU B 54 -38.12 1.39 -6.38
C GLU B 54 -38.01 -0.12 -6.61
N ARG B 55 -36.82 -0.72 -6.45
CA ARG B 55 -36.59 -2.15 -6.74
C ARG B 55 -36.75 -3.00 -5.47
N ASP B 56 -37.11 -2.36 -4.35
CA ASP B 56 -37.32 -3.01 -3.03
C ASP B 56 -36.05 -3.71 -2.57
N LEU B 57 -34.85 -3.18 -2.91
CA LEU B 57 -33.58 -3.86 -2.59
C LEU B 57 -33.29 -3.83 -1.08
N LEU B 58 -33.72 -2.81 -0.35
CA LEU B 58 -33.44 -2.72 1.11
C LEU B 58 -34.13 -3.90 1.80
N LYS B 59 -35.38 -4.18 1.43
CA LYS B 59 -36.12 -5.31 2.07
C LYS B 59 -35.53 -6.64 1.58
N THR B 60 -35.29 -6.81 0.28
CA THR B 60 -34.76 -8.08 -0.28
C THR B 60 -33.45 -8.44 0.42
N PHE B 61 -32.54 -7.47 0.58
CA PHE B 61 -31.18 -7.74 1.09
C PHE B 61 -31.01 -7.30 2.56
N LYS B 62 -32.10 -6.92 3.21
CA LYS B 62 -32.11 -6.50 4.63
C LYS B 62 -31.04 -5.41 4.85
N ILE B 63 -31.04 -4.42 4.00
CA ILE B 63 -30.10 -3.28 4.11
C ILE B 63 -30.71 -2.24 5.02
N PRO B 64 -30.10 -1.92 6.18
CA PRO B 64 -30.60 -0.83 7.01
C PRO B 64 -30.54 0.48 6.22
N VAL B 65 -31.62 1.25 6.26
CA VAL B 65 -31.72 2.49 5.44
C VAL B 65 -30.62 3.47 5.88
N ASP B 66 -30.31 3.58 7.19
CA ASP B 66 -29.26 4.51 7.68
C ASP B 66 -27.89 4.08 7.10
N THR B 67 -27.63 2.79 7.06
CA THR B 67 -26.38 2.22 6.51
C THR B 67 -26.30 2.57 5.02
N LEU B 68 -27.40 2.40 4.28
CA LEU B 68 -27.39 2.69 2.84
C LEU B 68 -27.03 4.16 2.66
N ILE B 69 -27.72 5.06 3.36
CA ILE B 69 -27.54 6.51 3.14
C ILE B 69 -26.10 6.89 3.55
N THR B 70 -25.58 6.31 4.62
CA THR B 70 -24.20 6.62 5.10
C THR B 70 -23.17 6.19 4.06
N TYR B 71 -23.30 4.96 3.54
CA TYR B 71 -22.41 4.47 2.47
C TYR B 71 -22.51 5.38 1.24
N LEU B 72 -23.72 5.70 0.81
CA LEU B 72 -23.91 6.47 -0.44
C LEU B 72 -23.27 7.85 -0.28
N MET B 73 -23.48 8.51 0.86
CA MET B 73 -22.89 9.85 1.07
C MET B 73 -21.36 9.75 1.08
N THR B 74 -20.82 8.71 1.71
CA THR B 74 -19.37 8.43 1.79
C THR B 74 -18.83 8.22 0.36
N LEU B 75 -19.49 7.37 -0.41
CA LEU B 75 -19.07 7.06 -1.80
C LEU B 75 -19.07 8.34 -2.62
N GLU B 76 -20.19 9.08 -2.58
CA GLU B 76 -20.32 10.31 -3.37
C GLU B 76 -19.18 11.28 -2.98
N ASP B 77 -18.83 11.34 -1.70
CA ASP B 77 -17.79 12.25 -1.19
C ASP B 77 -16.39 11.87 -1.72
N HIS B 78 -16.18 10.64 -2.19
CA HIS B 78 -14.90 10.19 -2.73
C HIS B 78 -14.83 10.35 -4.25
N TYR B 79 -15.85 10.94 -4.86
CA TYR B 79 -15.72 11.55 -6.20
C TYR B 79 -15.24 12.99 -6.02
N HIS B 80 -14.44 13.51 -6.94
CA HIS B 80 -13.86 14.87 -6.84
C HIS B 80 -14.75 15.91 -7.52
N ALA B 81 -15.12 16.98 -6.80
CA ALA B 81 -15.98 18.06 -7.34
C ALA B 81 -15.21 18.90 -8.37
N ASP B 82 -13.88 18.86 -8.38
CA ASP B 82 -13.12 19.72 -9.32
C ASP B 82 -12.83 18.96 -10.63
N VAL B 83 -13.18 17.67 -10.73
CA VAL B 83 -12.99 16.89 -11.97
C VAL B 83 -14.26 17.12 -12.79
N ALA B 84 -14.14 17.63 -14.02
CA ALA B 84 -15.26 18.16 -14.79
C ALA B 84 -16.21 17.03 -15.25
N TYR B 85 -15.65 15.87 -15.62
CA TYR B 85 -16.49 14.76 -16.15
C TYR B 85 -16.59 13.62 -15.14
N HIS B 86 -15.46 13.06 -14.70
CA HIS B 86 -15.41 11.84 -13.86
C HIS B 86 -15.70 12.21 -12.40
N ASN B 87 -16.91 12.68 -12.15
CA ASN B 87 -17.39 13.11 -10.81
C ASN B 87 -18.67 12.36 -10.46
N ASN B 88 -19.28 12.76 -9.32
CA ASN B 88 -20.49 12.13 -8.76
C ASN B 88 -21.66 12.25 -9.75
N ILE B 89 -21.70 13.25 -10.60
CA ILE B 89 -22.84 13.39 -11.55
C ILE B 89 -22.70 12.31 -12.62
N HIS B 90 -21.50 12.05 -13.13
CA HIS B 90 -21.26 10.94 -14.06
C HIS B 90 -21.63 9.62 -13.41
N ALA B 91 -21.21 9.38 -12.16
CA ALA B 91 -21.57 8.14 -11.43
C ALA B 91 -23.11 8.02 -11.34
N ALA B 92 -23.80 9.07 -10.94
CA ALA B 92 -25.26 9.05 -10.81
C ALA B 92 -25.89 8.72 -12.18
N ASP B 93 -25.36 9.31 -13.25
CA ASP B 93 -25.84 9.11 -14.63
C ASP B 93 -25.67 7.64 -15.03
N VAL B 94 -24.52 7.04 -14.74
CA VAL B 94 -24.26 5.64 -15.16
C VAL B 94 -25.16 4.70 -14.34
N VAL B 95 -25.32 4.98 -13.04
CA VAL B 95 -26.26 4.21 -12.19
C VAL B 95 -27.65 4.26 -12.83
N GLN B 96 -28.14 5.44 -13.12
CA GLN B 96 -29.55 5.61 -13.57
C GLN B 96 -29.74 4.97 -14.95
N SER B 97 -28.74 5.08 -15.82
CA SER B 97 -28.74 4.50 -17.19
C SER B 97 -28.72 2.99 -17.08
N THR B 98 -27.90 2.43 -16.19
CA THR B 98 -27.88 0.99 -15.94
C THR B 98 -29.27 0.54 -15.43
N HIS B 99 -29.85 1.28 -14.51
CA HIS B 99 -31.18 0.96 -13.94
C HIS B 99 -32.21 0.87 -15.09
N VAL B 100 -32.18 1.80 -16.03
CA VAL B 100 -33.14 1.79 -17.18
C VAL B 100 -32.83 0.57 -18.05
N LEU B 101 -31.56 0.27 -18.35
CA LEU B 101 -31.22 -0.86 -19.24
C LEU B 101 -31.63 -2.17 -18.59
N LEU B 102 -31.49 -2.29 -17.25
CA LEU B 102 -31.86 -3.54 -16.56
C LEU B 102 -33.38 -3.78 -16.69
N SER B 103 -34.17 -2.73 -16.80
CA SER B 103 -35.65 -2.86 -16.87
C SER B 103 -36.15 -3.08 -18.29
N THR B 104 -35.25 -3.14 -19.26
CA THR B 104 -35.69 -3.27 -20.66
C THR B 104 -36.59 -4.51 -20.84
N PRO B 105 -37.73 -4.36 -21.53
CA PRO B 105 -38.66 -5.47 -21.76
C PRO B 105 -37.99 -6.78 -22.23
N ALA B 106 -37.05 -6.69 -23.15
CA ALA B 106 -36.37 -7.86 -23.71
C ALA B 106 -35.53 -8.58 -22.66
N LEU B 107 -35.25 -7.97 -21.49
CA LEU B 107 -34.42 -8.69 -20.46
C LEU B 107 -35.26 -9.06 -19.24
N GLU B 108 -36.58 -8.91 -19.35
CA GLU B 108 -37.47 -9.27 -18.22
C GLU B 108 -37.24 -10.74 -17.86
N ALA B 109 -37.10 -10.99 -16.54
CA ALA B 109 -36.99 -12.32 -15.93
C ALA B 109 -35.62 -12.93 -16.22
N VAL B 110 -34.66 -12.19 -16.75
CA VAL B 110 -33.31 -12.79 -16.97
C VAL B 110 -32.53 -12.77 -15.66
N PHE B 111 -32.39 -11.59 -15.03
CA PHE B 111 -31.36 -11.41 -13.95
C PHE B 111 -31.96 -11.60 -12.57
N THR B 112 -31.19 -12.18 -11.68
CA THR B 112 -31.54 -12.30 -10.24
C THR B 112 -31.45 -10.94 -9.54
N ASP B 113 -32.07 -10.84 -8.36
CA ASP B 113 -31.98 -9.63 -7.50
C ASP B 113 -30.50 -9.36 -7.19
N LEU B 114 -29.68 -10.39 -6.99
CA LEU B 114 -28.26 -10.22 -6.62
C LEU B 114 -27.48 -9.65 -7.83
N GLU B 115 -27.78 -10.11 -9.05
CA GLU B 115 -27.15 -9.60 -10.29
C GLU B 115 -27.54 -8.14 -10.46
N ILE B 116 -28.82 -7.81 -10.24
CA ILE B 116 -29.31 -6.41 -10.35
C ILE B 116 -28.54 -5.53 -9.34
N LEU B 117 -28.44 -5.98 -8.09
CA LEU B 117 -27.71 -5.25 -7.03
C LEU B 117 -26.24 -5.06 -7.47
N ALA B 118 -25.59 -6.10 -7.98
CA ALA B 118 -24.19 -6.06 -8.43
C ALA B 118 -24.05 -5.02 -9.55
N ALA B 119 -24.94 -5.00 -10.53
CA ALA B 119 -24.80 -4.10 -11.69
C ALA B 119 -24.94 -2.66 -11.22
N ILE B 120 -25.91 -2.39 -10.36
CA ILE B 120 -26.16 -1.01 -9.87
C ILE B 120 -24.99 -0.58 -8.94
N PHE B 121 -24.57 -1.43 -8.02
CA PHE B 121 -23.42 -1.11 -7.12
C PHE B 121 -22.15 -0.87 -7.97
N ALA B 122 -21.84 -1.74 -8.92
CA ALA B 122 -20.70 -1.57 -9.84
C ALA B 122 -20.79 -0.21 -10.53
N SER B 123 -21.96 0.16 -11.07
CA SER B 123 -22.17 1.46 -11.73
C SER B 123 -21.83 2.59 -10.75
N ALA B 124 -22.26 2.49 -9.50
CA ALA B 124 -22.12 3.58 -8.51
C ALA B 124 -20.62 3.83 -8.23
N ILE B 125 -19.85 2.76 -8.10
CA ILE B 125 -18.41 2.83 -7.69
C ILE B 125 -17.48 2.93 -8.89
N HIS B 126 -17.94 2.82 -10.13
CA HIS B 126 -17.07 2.39 -11.25
C HIS B 126 -15.98 3.45 -11.55
N ASP B 127 -16.15 4.71 -11.16
CA ASP B 127 -15.14 5.78 -11.35
C ASP B 127 -14.74 6.47 -10.05
N VAL B 128 -14.96 5.86 -8.89
CA VAL B 128 -14.75 6.59 -7.62
C VAL B 128 -13.27 6.95 -7.45
N ASP B 129 -13.05 8.18 -6.98
CA ASP B 129 -11.68 8.73 -6.73
C ASP B 129 -10.94 8.89 -8.05
N HIS B 130 -11.64 9.14 -9.15
CA HIS B 130 -10.99 9.42 -10.44
C HIS B 130 -10.22 10.71 -10.34
N PRO B 131 -8.92 10.70 -10.69
CA PRO B 131 -8.11 11.94 -10.65
C PRO B 131 -8.29 12.88 -11.85
N GLY B 132 -9.07 12.49 -12.87
CA GLY B 132 -9.28 13.31 -14.09
C GLY B 132 -8.16 13.19 -15.08
N VAL B 133 -7.32 12.17 -14.96
CA VAL B 133 -6.29 11.87 -15.97
C VAL B 133 -6.38 10.39 -16.34
N SER B 134 -5.83 10.05 -17.48
CA SER B 134 -5.97 8.73 -18.14
C SER B 134 -5.00 7.73 -17.50
N ASN B 135 -5.27 6.46 -17.72
CA ASN B 135 -4.32 5.38 -17.35
C ASN B 135 -2.95 5.73 -17.92
N GLN B 136 -2.85 6.15 -19.19
CA GLN B 136 -1.52 6.37 -19.80
C GLN B 136 -0.77 7.46 -19.04
N PHE B 137 -1.46 8.50 -18.60
CA PHE B 137 -0.84 9.59 -17.82
C PHE B 137 -0.25 9.03 -16.51
N LEU B 138 -1.02 8.22 -15.80
CA LEU B 138 -0.57 7.57 -14.54
C LEU B 138 0.63 6.64 -14.81
N ILE B 139 0.64 5.96 -15.96
CA ILE B 139 1.77 5.05 -16.31
C ILE B 139 3.00 5.90 -16.61
N ASN B 140 2.84 6.94 -17.41
CA ASN B 140 3.97 7.76 -17.90
C ASN B 140 4.67 8.49 -16.75
N THR B 141 3.91 8.84 -15.69
CA THR B 141 4.49 9.58 -14.54
C THR B 141 5.08 8.61 -13.52
N ASN B 142 5.02 7.29 -13.74
CA ASN B 142 5.48 6.32 -12.72
C ASN B 142 4.70 6.55 -11.41
N SER B 143 3.39 6.79 -11.49
CA SER B 143 2.54 6.98 -10.30
C SER B 143 2.56 5.71 -9.45
N GLU B 144 2.36 5.89 -8.17
CA GLU B 144 2.20 4.77 -7.20
C GLU B 144 1.12 3.81 -7.69
N LEU B 145 -0.01 4.31 -8.17
CA LEU B 145 -1.11 3.43 -8.66
C LEU B 145 -0.61 2.53 -9.81
N ALA B 146 0.11 3.10 -10.78
CA ALA B 146 0.58 2.32 -11.95
C ALA B 146 1.60 1.26 -11.48
N LEU B 147 2.43 1.57 -10.51
CA LEU B 147 3.41 0.60 -9.95
C LEU B 147 2.66 -0.52 -9.20
N MET B 148 1.63 -0.18 -8.43
CA MET B 148 0.86 -1.20 -7.68
C MET B 148 0.17 -2.17 -8.65
N TYR B 149 -0.35 -1.69 -9.80
CA TYR B 149 -1.21 -2.51 -10.66
C TYR B 149 -0.51 -2.87 -11.97
N ASN B 150 0.82 -2.70 -12.03
CA ASN B 150 1.62 -3.17 -13.20
C ASN B 150 1.05 -2.56 -14.48
N ASP B 151 0.68 -1.28 -14.46
CA ASP B 151 0.27 -0.53 -15.67
C ASP B 151 -1.03 -1.12 -16.28
N SER B 152 -1.74 -1.99 -15.58
CA SER B 152 -2.88 -2.73 -16.16
C SER B 152 -4.18 -2.28 -15.51
N SER B 153 -5.11 -1.74 -16.31
CA SER B 153 -6.41 -1.24 -15.80
C SER B 153 -6.16 -0.46 -14.49
N VAL B 154 -5.25 0.49 -14.50
CA VAL B 154 -4.77 1.15 -13.26
C VAL B 154 -5.96 1.82 -12.55
N LEU B 155 -6.68 2.69 -13.24
CA LEU B 155 -7.83 3.43 -12.66
C LEU B 155 -8.90 2.45 -12.17
N GLU B 156 -9.25 1.48 -13.02
CA GLU B 156 -10.40 0.55 -12.77
C GLU B 156 -10.10 -0.32 -11.55
N ASN B 157 -8.85 -0.78 -11.43
CA ASN B 157 -8.40 -1.50 -10.18
C ASN B 157 -8.59 -0.55 -8.97
N HIS B 158 -8.20 0.72 -9.09
CA HIS B 158 -8.33 1.71 -8.01
C HIS B 158 -9.79 1.96 -7.65
N HIS B 159 -10.66 2.11 -8.64
CA HIS B 159 -12.10 2.36 -8.40
C HIS B 159 -12.69 1.20 -7.57
N LEU B 160 -12.36 -0.02 -7.91
CA LEU B 160 -12.80 -1.21 -7.16
C LEU B 160 -12.26 -1.15 -5.73
N ALA B 161 -10.97 -0.89 -5.57
CA ALA B 161 -10.33 -0.89 -4.23
C ALA B 161 -11.06 0.12 -3.35
N VAL B 162 -11.30 1.33 -3.85
CA VAL B 162 -11.91 2.39 -3.05
C VAL B 162 -13.39 2.04 -2.80
N GLY B 163 -14.13 1.66 -3.84
CA GLY B 163 -15.57 1.36 -3.68
C GLY B 163 -15.79 0.29 -2.64
N PHE B 164 -14.99 -0.76 -2.64
CA PHE B 164 -15.09 -1.86 -1.63
C PHE B 164 -14.57 -1.40 -0.25
N LYS B 165 -13.45 -0.67 -0.20
CA LYS B 165 -12.85 -0.27 1.09
C LYS B 165 -13.83 0.65 1.84
N LEU B 166 -14.61 1.48 1.17
CA LEU B 166 -15.54 2.40 1.84
C LEU B 166 -16.66 1.62 2.57
N LEU B 167 -16.92 0.37 2.22
CA LEU B 167 -17.93 -0.45 2.95
C LEU B 167 -17.46 -0.67 4.41
N GLN B 168 -16.17 -0.49 4.69
CA GLN B 168 -15.56 -0.75 6.04
C GLN B 168 -15.63 0.51 6.90
N GLU B 169 -16.04 1.65 6.38
CA GLU B 169 -16.17 2.87 7.20
C GLU B 169 -17.40 2.73 8.12
N GLU B 170 -17.51 3.63 9.08
CA GLU B 170 -18.52 3.50 10.19
C GLU B 170 -19.91 3.44 9.57
N ASN B 171 -20.65 2.39 9.90
CA ASN B 171 -22.06 2.18 9.47
C ASN B 171 -22.19 2.26 7.95
N CYS B 172 -21.24 1.69 7.19
CA CYS B 172 -21.22 1.76 5.70
C CYS B 172 -21.41 0.37 5.09
N ASP B 173 -21.47 -0.72 5.86
CA ASP B 173 -21.47 -2.06 5.23
C ASP B 173 -22.90 -2.43 4.79
N ILE B 174 -23.27 -1.98 3.61
CA ILE B 174 -24.64 -2.22 3.06
C ILE B 174 -24.86 -3.71 2.77
N PHE B 175 -23.81 -4.53 2.74
CA PHE B 175 -23.93 -5.98 2.48
C PHE B 175 -23.86 -6.80 3.77
N GLN B 176 -24.00 -6.17 4.95
CA GLN B 176 -23.78 -6.86 6.23
C GLN B 176 -24.77 -8.04 6.38
N ASN B 177 -25.97 -7.97 5.79
CA ASN B 177 -26.98 -9.07 5.98
C ASN B 177 -27.09 -9.94 4.73
N LEU B 178 -26.16 -9.85 3.76
CA LEU B 178 -26.08 -10.88 2.69
C LEU B 178 -25.47 -12.15 3.30
N THR B 179 -25.81 -13.32 2.76
CA THR B 179 -25.09 -14.57 3.11
C THR B 179 -23.65 -14.49 2.58
N LYS B 180 -22.78 -15.35 3.09
CA LYS B 180 -21.39 -15.46 2.60
C LYS B 180 -21.42 -15.75 1.10
N LYS B 181 -22.27 -16.67 0.66
CA LYS B 181 -22.34 -17.07 -0.77
C LYS B 181 -22.81 -15.86 -1.60
N GLN B 182 -23.76 -15.07 -1.12
CA GLN B 182 -24.23 -13.86 -1.82
C GLN B 182 -23.08 -12.84 -1.89
N ARG B 183 -22.35 -12.63 -0.80
CA ARG B 183 -21.24 -11.65 -0.77
C ARG B 183 -20.14 -12.08 -1.76
N GLN B 184 -19.78 -13.36 -1.80
CA GLN B 184 -18.69 -13.83 -2.68
C GLN B 184 -19.12 -13.63 -4.15
N SER B 185 -20.37 -13.96 -4.46
CA SER B 185 -20.89 -13.87 -5.84
C SER B 185 -20.96 -12.39 -6.24
N LEU B 186 -21.48 -11.55 -5.37
CA LEU B 186 -21.64 -10.11 -5.68
C LEU B 186 -20.24 -9.51 -5.90
N ARG B 187 -19.28 -9.86 -5.05
CA ARG B 187 -17.90 -9.33 -5.19
C ARG B 187 -17.34 -9.69 -6.57
N LYS B 188 -17.42 -10.96 -6.96
CA LYS B 188 -16.87 -11.39 -8.24
C LYS B 188 -17.55 -10.64 -9.39
N MET B 189 -18.86 -10.49 -9.33
CA MET B 189 -19.59 -9.84 -10.43
C MET B 189 -19.17 -8.36 -10.52
N VAL B 190 -19.04 -7.70 -9.38
CA VAL B 190 -18.71 -6.25 -9.36
C VAL B 190 -17.30 -6.08 -9.94
N ILE B 191 -16.35 -6.94 -9.56
CA ILE B 191 -14.97 -6.90 -10.13
C ILE B 191 -15.07 -7.03 -11.65
N ASP B 192 -15.80 -8.05 -12.12
CA ASP B 192 -15.87 -8.33 -13.57
C ASP B 192 -16.48 -7.13 -14.29
N ILE B 193 -17.50 -6.50 -13.71
CA ILE B 193 -18.19 -5.37 -14.38
C ILE B 193 -17.27 -4.12 -14.39
N VAL B 194 -16.67 -3.74 -13.26
CA VAL B 194 -15.87 -2.48 -13.24
C VAL B 194 -14.63 -2.66 -14.12
N LEU B 195 -13.98 -3.83 -14.12
CA LEU B 195 -12.77 -4.01 -14.94
C LEU B 195 -13.15 -3.91 -16.43
N ALA B 196 -14.38 -4.27 -16.78
CA ALA B 196 -14.88 -4.19 -18.17
C ALA B 196 -15.11 -2.75 -18.62
N THR B 197 -15.05 -1.76 -17.72
CA THR B 197 -15.20 -0.34 -18.08
C THR B 197 -13.90 0.23 -18.63
N ASP B 198 -12.78 -0.48 -18.52
CA ASP B 198 -11.51 -0.04 -19.13
C ASP B 198 -11.67 -0.11 -20.66
N MET B 199 -11.49 1.01 -21.34
CA MET B 199 -11.68 1.09 -22.82
C MET B 199 -10.71 0.15 -23.55
N SER B 200 -9.61 -0.27 -22.92
N SER B 200 -9.62 -0.28 -22.91
CA SER B 200 -8.68 -1.25 -23.53
CA SER B 200 -8.68 -1.25 -23.53
C SER B 200 -9.41 -2.59 -23.75
C SER B 200 -9.41 -2.58 -23.76
N LYS B 201 -10.52 -2.83 -23.06
CA LYS B 201 -11.28 -4.12 -23.17
C LYS B 201 -12.43 -4.02 -24.19
N HIS B 202 -12.69 -2.83 -24.73
CA HIS B 202 -13.93 -2.54 -25.51
C HIS B 202 -14.03 -3.50 -26.71
N MET B 203 -12.94 -3.64 -27.50
CA MET B 203 -13.03 -4.41 -28.77
C MET B 203 -13.35 -5.87 -28.46
N ASN B 204 -12.76 -6.46 -27.43
CA ASN B 204 -13.04 -7.87 -27.05
C ASN B 204 -14.46 -8.02 -26.51
N LEU B 205 -14.93 -7.09 -25.67
CA LEU B 205 -16.32 -7.13 -25.16
C LEU B 205 -17.29 -7.07 -26.33
N LEU B 206 -17.03 -6.18 -27.29
CA LEU B 206 -17.92 -5.98 -28.45
C LEU B 206 -17.93 -7.26 -29.29
N ALA B 207 -16.76 -7.85 -29.53
CA ALA B 207 -16.63 -9.10 -30.32
C ALA B 207 -17.50 -10.17 -29.67
N ASP B 208 -17.45 -10.27 -28.35
CA ASP B 208 -18.17 -11.33 -27.61
C ASP B 208 -19.66 -11.02 -27.64
N LEU B 209 -20.06 -9.75 -27.52
CA LEU B 209 -21.48 -9.40 -27.57
C LEU B 209 -22.03 -9.79 -28.95
N LYS B 210 -21.29 -9.52 -30.02
CA LYS B 210 -21.74 -9.82 -31.41
C LYS B 210 -21.92 -11.34 -31.56
N THR B 211 -20.96 -12.13 -31.06
CA THR B 211 -21.03 -13.62 -31.09
C THR B 211 -22.27 -14.07 -30.36
N MET B 212 -22.58 -13.48 -29.20
CA MET B 212 -23.78 -13.86 -28.44
C MET B 212 -25.04 -13.55 -29.24
N VAL B 213 -25.11 -12.37 -29.88
CA VAL B 213 -26.31 -12.01 -30.69
C VAL B 213 -26.49 -13.05 -31.82
N GLU B 214 -25.40 -13.39 -32.52
CA GLU B 214 -25.40 -14.38 -33.63
C GLU B 214 -25.88 -15.75 -33.15
N THR B 215 -25.66 -16.15 -31.91
CA THR B 215 -25.93 -17.52 -31.37
C THR B 215 -26.97 -17.46 -30.27
N LYS B 216 -27.78 -16.40 -30.27
CA LYS B 216 -28.77 -16.07 -29.20
C LYS B 216 -29.72 -17.25 -28.97
N LYS B 217 -29.98 -17.60 -27.71
CA LYS B 217 -31.02 -18.59 -27.32
C LYS B 217 -32.06 -17.95 -26.42
N VAL B 218 -33.33 -18.29 -26.61
CA VAL B 218 -34.48 -17.75 -25.82
C VAL B 218 -35.27 -18.95 -25.25
N THR B 219 -36.12 -18.73 -24.25
CA THR B 219 -37.17 -19.68 -23.79
C THR B 219 -38.35 -19.64 -24.74
N SER B 220 -39.37 -20.46 -24.49
CA SER B 220 -40.62 -20.48 -25.30
C SER B 220 -41.37 -19.15 -25.14
N SER B 221 -41.14 -18.42 -24.06
CA SER B 221 -41.78 -17.09 -23.85
C SER B 221 -40.94 -15.96 -24.48
N GLY B 222 -39.75 -16.27 -24.99
CA GLY B 222 -38.87 -15.31 -25.67
C GLY B 222 -37.91 -14.61 -24.71
N VAL B 223 -37.84 -15.07 -23.47
CA VAL B 223 -36.90 -14.57 -22.43
C VAL B 223 -35.47 -14.97 -22.84
N LEU B 224 -34.51 -14.06 -22.80
CA LEU B 224 -33.10 -14.37 -23.19
C LEU B 224 -32.52 -15.43 -22.23
N LEU B 225 -31.86 -16.41 -22.79
CA LEU B 225 -31.40 -17.64 -22.08
C LEU B 225 -29.89 -17.51 -21.91
N LEU B 226 -29.45 -17.36 -20.67
CA LEU B 226 -28.03 -17.19 -20.31
C LEU B 226 -27.77 -18.23 -19.20
N ASP B 227 -27.28 -19.39 -19.57
CA ASP B 227 -27.27 -20.58 -18.68
C ASP B 227 -25.88 -20.84 -18.13
N ASN B 228 -24.92 -19.92 -18.32
CA ASN B 228 -23.56 -20.02 -17.76
C ASN B 228 -23.12 -18.61 -17.32
N TYR B 229 -22.22 -18.57 -16.38
CA TYR B 229 -21.67 -17.33 -15.80
C TYR B 229 -21.05 -16.49 -16.93
N SER B 230 -20.25 -17.08 -17.82
CA SER B 230 -19.56 -16.32 -18.90
C SER B 230 -20.58 -15.47 -19.66
N ASP B 231 -21.74 -16.03 -20.01
CA ASP B 231 -22.74 -15.30 -20.83
C ASP B 231 -23.46 -14.28 -19.95
N ARG B 232 -23.83 -14.65 -18.72
CA ARG B 232 -24.55 -13.75 -17.80
C ARG B 232 -23.66 -12.50 -17.54
N ILE B 233 -22.39 -12.74 -17.21
CA ILE B 233 -21.49 -11.60 -16.86
C ILE B 233 -21.17 -10.76 -18.10
N GLN B 234 -21.06 -11.38 -19.27
CA GLN B 234 -20.75 -10.60 -20.50
C GLN B 234 -21.89 -9.61 -20.77
N VAL B 235 -23.13 -10.04 -20.58
CA VAL B 235 -24.28 -9.13 -20.82
C VAL B 235 -24.24 -8.00 -19.79
N LEU B 236 -24.00 -8.30 -18.51
CA LEU B 236 -23.94 -7.24 -17.47
C LEU B 236 -22.75 -6.31 -17.76
N GLN B 237 -21.62 -6.87 -18.17
CA GLN B 237 -20.42 -6.05 -18.49
C GLN B 237 -20.76 -5.08 -19.62
N ASN B 238 -21.32 -5.59 -20.70
CA ASN B 238 -21.67 -4.74 -21.87
C ASN B 238 -22.76 -3.73 -21.49
N MET B 239 -23.69 -4.12 -20.63
CA MET B 239 -24.77 -3.23 -20.18
C MET B 239 -24.18 -2.01 -19.46
N VAL B 240 -23.31 -2.25 -18.50
CA VAL B 240 -22.73 -1.10 -17.73
C VAL B 240 -21.79 -0.32 -18.65
N HIS B 241 -21.07 -0.99 -19.54
CA HIS B 241 -20.21 -0.33 -20.57
C HIS B 241 -21.07 0.53 -21.50
N CYS B 242 -22.24 0.04 -21.94
CA CYS B 242 -23.22 0.88 -22.70
C CYS B 242 -23.63 2.09 -21.86
N ALA B 243 -23.89 1.92 -20.57
CA ALA B 243 -24.33 3.02 -19.68
C ALA B 243 -23.19 4.06 -19.59
N ASP B 244 -21.98 3.57 -19.46
CA ASP B 244 -20.77 4.44 -19.41
C ASP B 244 -20.60 5.23 -20.70
N LEU B 245 -20.96 4.61 -21.83
CA LEU B 245 -20.85 5.23 -23.18
C LEU B 245 -22.23 5.68 -23.67
N SER B 246 -23.10 6.14 -22.78
CA SER B 246 -24.51 6.48 -23.13
C SER B 246 -24.68 7.96 -23.47
N ASN B 247 -23.70 8.81 -23.22
CA ASN B 247 -23.92 10.28 -23.32
C ASN B 247 -24.43 10.62 -24.73
N PRO B 248 -23.85 10.10 -25.84
CA PRO B 248 -24.31 10.52 -27.18
C PRO B 248 -25.72 10.00 -27.52
N THR B 249 -26.30 9.15 -26.70
CA THR B 249 -27.63 8.54 -26.92
C THR B 249 -28.70 9.31 -26.15
N LYS B 250 -28.30 10.32 -25.40
CA LYS B 250 -29.23 11.08 -24.53
C LYS B 250 -29.80 12.25 -25.35
N PRO B 251 -30.94 12.83 -24.94
CA PRO B 251 -31.39 14.10 -25.51
C PRO B 251 -30.20 15.07 -25.64
N LEU B 252 -30.19 15.81 -26.75
CA LEU B 252 -29.03 16.63 -27.15
C LEU B 252 -28.65 17.63 -26.04
N GLN B 253 -29.60 18.23 -25.30
CA GLN B 253 -29.25 19.26 -24.28
C GLN B 253 -28.36 18.59 -23.20
N LEU B 254 -28.58 17.32 -22.89
CA LEU B 254 -27.79 16.55 -21.90
C LEU B 254 -26.43 16.19 -22.54
N TYR B 255 -26.44 15.63 -23.73
CA TYR B 255 -25.23 15.20 -24.46
C TYR B 255 -24.24 16.37 -24.55
N ARG B 256 -24.71 17.56 -24.93
CA ARG B 256 -23.81 18.72 -25.09
C ARG B 256 -23.15 19.09 -23.76
N GLN B 257 -23.83 18.96 -22.63
CA GLN B 257 -23.22 19.22 -21.31
C GLN B 257 -22.13 18.18 -21.04
N TRP B 258 -22.37 16.92 -21.37
CA TRP B 258 -21.36 15.83 -21.18
C TRP B 258 -20.15 16.13 -22.06
N THR B 259 -20.36 16.58 -23.30
CA THR B 259 -19.25 16.90 -24.21
C THR B 259 -18.44 18.08 -23.64
N ASP B 260 -19.12 19.11 -23.16
CA ASP B 260 -18.41 20.26 -22.56
C ASP B 260 -17.51 19.77 -21.42
N ARG B 261 -18.05 18.88 -20.59
CA ARG B 261 -17.35 18.34 -19.40
C ARG B 261 -16.15 17.46 -19.77
N ILE B 262 -16.32 16.51 -20.68
CA ILE B 262 -15.21 15.61 -21.06
C ILE B 262 -14.11 16.47 -21.69
N MET B 263 -14.47 17.47 -22.50
CA MET B 263 -13.42 18.28 -23.17
C MET B 263 -12.69 19.18 -22.14
N GLU B 264 -13.37 19.64 -21.12
CA GLU B 264 -12.71 20.43 -20.06
C GLU B 264 -11.70 19.50 -19.37
N GLU B 265 -12.11 18.28 -19.08
CA GLU B 265 -11.23 17.32 -18.38
C GLU B 265 -10.04 16.97 -19.28
N PHE B 266 -10.28 16.68 -20.55
CA PHE B 266 -9.21 16.33 -21.52
C PHE B 266 -8.22 17.51 -21.64
N PHE B 267 -8.74 18.72 -21.80
CA PHE B 267 -7.91 19.93 -22.02
C PHE B 267 -7.06 20.16 -20.76
N ARG B 268 -7.62 19.93 -19.57
CA ARG B 268 -6.87 20.09 -18.31
C ARG B 268 -5.73 19.07 -18.27
N GLN B 269 -5.99 17.83 -18.71
CA GLN B 269 -4.92 16.82 -18.81
C GLN B 269 -3.84 17.32 -19.78
N GLY B 270 -4.25 17.84 -20.94
CA GLY B 270 -3.31 18.32 -21.94
C GLY B 270 -2.48 19.48 -21.44
N ASP B 271 -3.06 20.34 -20.60
CA ASP B 271 -2.33 21.47 -19.98
C ASP B 271 -1.27 20.92 -19.02
N ARG B 272 -1.58 19.82 -18.33
CA ARG B 272 -0.65 19.19 -17.38
C ARG B 272 0.48 18.54 -18.17
N GLU B 273 0.12 17.90 -19.26
CA GLU B 273 1.11 17.27 -20.18
C GLU B 273 2.04 18.36 -20.77
N ARG B 274 1.49 19.44 -21.28
CA ARG B 274 2.27 20.53 -21.96
C ARG B 274 3.24 21.13 -20.92
N GLU B 275 2.76 21.44 -19.71
CA GLU B 275 3.59 22.11 -18.68
C GLU B 275 4.72 21.17 -18.29
N ARG B 276 4.53 19.86 -18.47
CA ARG B 276 5.54 18.86 -18.06
C ARG B 276 6.43 18.43 -19.23
N GLY B 277 6.22 19.00 -20.40
CA GLY B 277 7.01 18.65 -21.61
C GLY B 277 6.66 17.26 -22.13
N MET B 278 5.47 16.73 -21.79
CA MET B 278 5.03 15.38 -22.22
C MET B 278 4.35 15.55 -23.58
N GLU B 279 4.31 14.50 -24.38
CA GLU B 279 3.45 14.47 -25.57
C GLU B 279 2.02 14.78 -25.10
N ILE B 280 1.30 15.69 -25.76
CA ILE B 280 -0.11 15.94 -25.41
C ILE B 280 -0.94 14.79 -25.97
N SER B 281 -1.80 14.16 -25.14
CA SER B 281 -2.61 12.98 -25.53
C SER B 281 -3.60 13.41 -26.62
N PRO B 282 -4.08 12.46 -27.46
CA PRO B 282 -5.11 12.75 -28.45
C PRO B 282 -6.31 13.51 -27.84
N MET B 283 -6.71 14.61 -28.49
CA MET B 283 -7.89 15.45 -28.17
C MET B 283 -7.68 16.27 -26.91
N CYS B 284 -6.46 16.36 -26.37
CA CYS B 284 -6.19 17.05 -25.07
C CYS B 284 -5.52 18.40 -25.30
N ASP B 285 -5.34 18.82 -26.55
CA ASP B 285 -4.63 20.09 -26.86
C ASP B 285 -5.68 21.15 -27.19
N LYS B 286 -5.96 22.06 -26.27
CA LYS B 286 -7.02 23.09 -26.44
C LYS B 286 -6.62 24.05 -27.60
N HIS B 287 -5.35 24.08 -28.02
CA HIS B 287 -4.88 24.96 -29.14
C HIS B 287 -5.05 24.24 -30.49
N ASN B 288 -5.24 22.91 -30.49
CA ASN B 288 -5.26 22.05 -31.70
CA ASN B 288 -5.27 22.05 -31.69
C ASN B 288 -6.37 21.00 -31.53
N ALA B 289 -7.57 21.43 -31.20
CA ALA B 289 -8.73 20.55 -30.89
C ALA B 289 -9.77 20.64 -32.00
N SER B 290 -10.49 19.56 -32.27
CA SER B 290 -11.82 19.66 -32.91
C SER B 290 -12.81 18.85 -32.08
N VAL B 291 -13.47 19.54 -31.17
CA VAL B 291 -14.52 18.99 -30.26
C VAL B 291 -15.56 18.23 -31.11
N GLU B 292 -16.05 18.86 -32.20
CA GLU B 292 -17.21 18.34 -32.98
C GLU B 292 -16.75 17.12 -33.79
N LYS B 293 -15.60 17.19 -34.46
CA LYS B 293 -15.06 16.05 -35.24
C LYS B 293 -14.80 14.86 -34.31
N SER B 294 -14.28 15.15 -33.11
CA SER B 294 -13.97 14.14 -32.10
C SER B 294 -15.27 13.46 -31.66
N GLN B 295 -16.37 14.20 -31.45
CA GLN B 295 -17.68 13.55 -31.09
C GLN B 295 -18.12 12.64 -32.22
N VAL B 296 -18.00 13.09 -33.47
CA VAL B 296 -18.45 12.27 -34.61
C VAL B 296 -17.56 11.02 -34.68
N GLY B 297 -16.25 11.15 -34.47
CA GLY B 297 -15.36 9.98 -34.43
C GLY B 297 -15.71 9.03 -33.29
N PHE B 298 -15.99 9.57 -32.11
CA PHE B 298 -16.37 8.77 -30.92
C PHE B 298 -17.62 7.94 -31.25
N ILE B 299 -18.61 8.58 -31.83
CA ILE B 299 -19.86 7.87 -32.24
C ILE B 299 -19.54 6.83 -33.31
N ASP B 300 -18.84 7.21 -34.37
CA ASP B 300 -18.67 6.33 -35.55
C ASP B 300 -17.84 5.10 -35.19
N TYR B 301 -16.82 5.23 -34.34
CA TYR B 301 -15.84 4.14 -34.12
C TYR B 301 -16.10 3.39 -32.81
N ILE B 302 -16.77 4.00 -31.84
CA ILE B 302 -16.96 3.35 -30.50
C ILE B 302 -18.44 3.20 -30.16
N VAL B 303 -19.19 4.30 -30.08
CA VAL B 303 -20.52 4.31 -29.42
C VAL B 303 -21.54 3.63 -30.35
N HIS B 304 -21.57 3.97 -31.63
CA HIS B 304 -22.60 3.39 -32.55
C HIS B 304 -22.35 1.88 -32.74
N PRO B 305 -21.11 1.39 -32.97
CA PRO B 305 -20.92 -0.06 -33.10
C PRO B 305 -21.40 -0.84 -31.87
N LEU B 306 -21.11 -0.29 -30.68
CA LEU B 306 -21.56 -0.95 -29.43
C LEU B 306 -23.09 -0.90 -29.33
N TRP B 307 -23.68 0.29 -29.46
CA TRP B 307 -25.13 0.48 -29.22
C TRP B 307 -25.96 -0.21 -30.33
N GLU B 308 -25.45 -0.30 -31.54
CA GLU B 308 -26.11 -1.07 -32.63
C GLU B 308 -26.15 -2.55 -32.23
N THR B 309 -25.08 -3.06 -31.63
CA THR B 309 -25.01 -4.47 -31.21
C THR B 309 -25.91 -4.69 -29.98
N TRP B 310 -25.86 -3.79 -28.99
CA TRP B 310 -26.77 -3.86 -27.84
C TRP B 310 -28.23 -3.83 -28.35
N ALA B 311 -28.55 -2.90 -29.25
CA ALA B 311 -29.92 -2.73 -29.81
C ALA B 311 -30.37 -4.04 -30.45
N ASP B 312 -29.48 -4.75 -31.14
CA ASP B 312 -29.78 -6.10 -31.72
C ASP B 312 -30.14 -7.07 -30.59
N LEU B 313 -29.36 -7.09 -29.53
CA LEU B 313 -29.65 -8.03 -28.42
C LEU B 313 -31.03 -7.76 -27.80
N VAL B 314 -31.38 -6.51 -27.57
CA VAL B 314 -32.66 -6.20 -26.87
C VAL B 314 -33.71 -5.68 -27.85
N HIS B 315 -33.53 -5.99 -29.13
CA HIS B 315 -34.44 -5.52 -30.21
C HIS B 315 -35.91 -5.77 -29.85
N PRO B 316 -36.83 -4.80 -30.00
CA PRO B 316 -36.51 -3.45 -30.51
C PRO B 316 -36.52 -2.37 -29.43
N ASP B 317 -36.23 -2.75 -28.20
CA ASP B 317 -36.39 -1.83 -27.03
C ASP B 317 -35.46 -0.62 -27.13
N ALA B 318 -34.32 -0.72 -27.79
CA ALA B 318 -33.34 0.40 -27.86
C ALA B 318 -33.46 1.16 -29.17
N GLN B 319 -34.54 1.00 -29.95
CA GLN B 319 -34.69 1.71 -31.24
C GLN B 319 -34.70 3.22 -31.02
N ASP B 320 -35.40 3.75 -30.02
CA ASP B 320 -35.46 5.22 -29.78
C ASP B 320 -34.06 5.74 -29.38
N ILE B 321 -33.33 4.95 -28.62
CA ILE B 321 -31.95 5.30 -28.16
C ILE B 321 -31.04 5.37 -29.40
N LEU B 322 -31.11 4.38 -30.27
CA LEU B 322 -30.28 4.31 -31.50
C LEU B 322 -30.66 5.48 -32.42
N ASP B 323 -31.94 5.81 -32.55
CA ASP B 323 -32.40 6.96 -33.39
C ASP B 323 -31.85 8.27 -32.81
N THR B 324 -31.89 8.46 -31.51
CA THR B 324 -31.36 9.68 -30.83
C THR B 324 -29.86 9.76 -31.11
N LEU B 325 -29.13 8.65 -30.99
CA LEU B 325 -27.66 8.61 -31.28
C LEU B 325 -27.41 9.11 -32.71
N GLU B 326 -28.16 8.57 -33.67
CA GLU B 326 -27.99 8.92 -35.10
C GLU B 326 -28.34 10.39 -35.32
N ASP B 327 -29.40 10.91 -34.70
CA ASP B 327 -29.79 12.34 -34.78
C ASP B 327 -28.68 13.21 -34.18
N ASN B 328 -28.13 12.82 -33.02
CA ASN B 328 -27.09 13.63 -32.32
C ASN B 328 -25.82 13.65 -33.19
N ARG B 329 -25.49 12.53 -33.81
CA ARG B 329 -24.32 12.43 -34.68
C ARG B 329 -24.48 13.46 -35.81
N GLU B 330 -25.66 13.54 -36.42
CA GLU B 330 -25.93 14.47 -37.53
C GLU B 330 -25.86 15.91 -37.01
N TRP B 331 -26.33 16.17 -35.80
CA TRP B 331 -26.24 17.53 -35.23
C TRP B 331 -24.75 17.91 -35.10
N TYR B 332 -23.91 17.06 -34.49
CA TYR B 332 -22.46 17.39 -34.33
C TYR B 332 -21.80 17.51 -35.72
N GLN B 333 -22.10 16.61 -36.67
CA GLN B 333 -21.53 16.67 -38.04
C GLN B 333 -21.83 18.06 -38.65
N SER B 334 -23.03 18.60 -38.43
CA SER B 334 -23.48 19.90 -39.01
C SER B 334 -22.71 21.08 -38.40
N THR B 335 -21.99 20.88 -37.29
CA THR B 335 -21.23 21.96 -36.62
C THR B 335 -19.72 21.81 -36.89
N ILE B 336 -19.28 20.82 -37.65
CA ILE B 336 -17.82 20.68 -38.01
C ILE B 336 -17.47 21.69 -39.10
N PRO B 337 -16.46 22.55 -38.87
CA PRO B 337 -15.99 23.46 -39.93
C PRO B 337 -15.52 22.73 -41.18
N GLN B 338 -15.70 23.29 -42.37
CA GLN B 338 -14.97 22.88 -43.60
C GLN B 338 -13.47 23.16 -43.41
N GLN C 14 3.60 -39.48 21.90
CA GLN C 14 4.25 -38.23 21.44
C GLN C 14 3.24 -37.08 21.47
N GLU C 15 1.96 -37.32 21.13
CA GLU C 15 0.84 -36.38 21.50
C GLU C 15 0.74 -36.36 23.04
N ASP C 16 1.02 -37.50 23.67
CA ASP C 16 1.03 -37.64 25.14
C ASP C 16 2.17 -36.80 25.71
N VAL C 17 3.37 -36.89 25.13
CA VAL C 17 4.56 -36.12 25.62
C VAL C 17 4.24 -34.62 25.48
N LEU C 18 3.62 -34.21 24.37
CA LEU C 18 3.23 -32.80 24.09
C LEU C 18 2.22 -32.35 25.15
N ALA C 19 1.18 -33.13 25.42
CA ALA C 19 0.16 -32.79 26.44
C ALA C 19 0.83 -32.62 27.79
N LYS C 20 1.83 -33.43 28.11
CA LYS C 20 2.53 -33.37 29.42
C LYS C 20 3.37 -32.09 29.50
N GLU C 21 4.10 -31.72 28.45
CA GLU C 21 4.84 -30.43 28.44
C GLU C 21 3.84 -29.26 28.61
N LEU C 22 2.65 -29.33 28.00
CA LEU C 22 1.66 -28.21 28.01
C LEU C 22 1.01 -28.07 29.40
N GLU C 23 1.12 -29.09 30.26
CA GLU C 23 0.68 -28.96 31.67
C GLU C 23 1.51 -27.91 32.39
N ASP C 24 2.71 -27.53 31.89
CA ASP C 24 3.59 -26.54 32.56
C ASP C 24 3.26 -25.10 32.09
N VAL C 25 2.14 -24.90 31.38
CA VAL C 25 1.78 -23.59 30.76
C VAL C 25 1.69 -22.48 31.81
N ASN C 26 1.39 -22.78 33.08
CA ASN C 26 1.29 -21.73 34.12
C ASN C 26 2.65 -21.49 34.79
N LYS C 27 3.71 -22.13 34.33
CA LYS C 27 5.03 -22.03 35.02
C LYS C 27 6.03 -21.20 34.20
N TRP C 28 6.76 -20.32 34.86
CA TRP C 28 7.96 -19.69 34.29
C TRP C 28 8.96 -20.80 33.94
N GLY C 29 9.47 -20.89 32.73
CA GLY C 29 10.36 -22.02 32.48
C GLY C 29 9.72 -23.17 31.75
N LEU C 30 8.50 -22.99 31.22
CA LEU C 30 7.94 -23.92 30.19
C LEU C 30 9.01 -24.33 29.19
N HIS C 31 9.04 -25.61 28.81
CA HIS C 31 9.99 -26.15 27.82
C HIS C 31 9.50 -25.79 26.40
N VAL C 32 9.59 -24.53 26.04
CA VAL C 32 8.91 -24.01 24.81
C VAL C 32 9.59 -24.60 23.57
N PHE C 33 10.92 -24.83 23.59
CA PHE C 33 11.60 -25.37 22.39
C PHE C 33 11.20 -26.84 22.19
N ARG C 34 11.05 -27.59 23.28
CA ARG C 34 10.50 -28.98 23.25
C ARG C 34 9.08 -28.96 22.69
N ILE C 35 8.25 -28.02 23.13
CA ILE C 35 6.87 -27.90 22.58
C ILE C 35 6.94 -27.62 21.08
N ALA C 36 7.84 -26.74 20.64
CA ALA C 36 8.00 -26.43 19.21
C ALA C 36 8.33 -27.73 18.44
N GLU C 37 9.25 -28.55 18.96
CA GLU C 37 9.66 -29.83 18.31
C GLU C 37 8.44 -30.77 18.26
N LEU C 38 7.78 -30.96 19.40
CA LEU C 38 6.72 -31.99 19.55
C LEU C 38 5.47 -31.60 18.75
N SER C 39 5.23 -30.31 18.50
CA SER C 39 4.00 -29.81 17.82
C SER C 39 4.24 -29.71 16.30
N GLY C 40 5.39 -30.11 15.80
CA GLY C 40 5.73 -29.94 14.36
C GLY C 40 5.89 -28.46 14.02
N ASN C 41 6.53 -27.71 14.91
CA ASN C 41 6.79 -26.25 14.76
C ASN C 41 5.45 -25.49 14.79
N ARG C 42 4.55 -25.85 15.67
CA ARG C 42 3.29 -25.09 15.93
C ARG C 42 3.19 -24.66 17.39
N PRO C 43 4.28 -24.15 18.00
CA PRO C 43 4.23 -23.77 19.39
C PRO C 43 3.25 -22.64 19.66
N LEU C 44 3.15 -21.67 18.74
CA LEU C 44 2.26 -20.51 18.99
C LEU C 44 0.80 -20.97 19.00
N THR C 45 0.41 -21.82 18.04
CA THR C 45 -0.97 -22.34 17.98
C THR C 45 -1.26 -23.14 19.27
N VAL C 46 -0.43 -24.11 19.63
CA VAL C 46 -0.81 -25.04 20.75
C VAL C 46 -0.73 -24.28 22.07
N ILE C 47 0.25 -23.37 22.24
CA ILE C 47 0.36 -22.59 23.50
C ILE C 47 -0.77 -21.58 23.61
N MET C 48 -1.12 -20.87 22.54
CA MET C 48 -2.24 -19.92 22.56
C MET C 48 -3.53 -20.69 22.85
N HIS C 49 -3.74 -21.82 22.20
CA HIS C 49 -5.01 -22.56 22.36
C HIS C 49 -5.11 -23.01 23.83
N THR C 50 -4.03 -23.56 24.36
CA THR C 50 -3.98 -24.05 25.77
C THR C 50 -4.28 -22.87 26.72
N ILE C 51 -3.71 -21.69 26.50
CA ILE C 51 -3.91 -20.51 27.39
C ILE C 51 -5.34 -20.00 27.24
N PHE C 52 -5.89 -19.99 26.03
CA PHE C 52 -7.30 -19.59 25.85
C PHE C 52 -8.22 -20.52 26.64
N GLN C 53 -7.96 -21.82 26.62
CA GLN C 53 -8.75 -22.81 27.40
C GLN C 53 -8.55 -22.56 28.90
N GLU C 54 -7.30 -22.44 29.34
CA GLU C 54 -6.92 -22.20 30.76
C GLU C 54 -7.63 -20.96 31.30
N ARG C 55 -7.74 -19.87 30.52
CA ARG C 55 -8.36 -18.60 30.98
C ARG C 55 -9.83 -18.53 30.61
N ASP C 56 -10.37 -19.58 30.02
CA ASP C 56 -11.78 -19.74 29.59
C ASP C 56 -12.17 -18.63 28.61
N LEU C 57 -11.23 -18.22 27.76
CA LEU C 57 -11.48 -17.08 26.81
C LEU C 57 -12.42 -17.51 25.68
N LEU C 58 -12.45 -18.78 25.25
CA LEU C 58 -13.36 -19.17 24.13
C LEU C 58 -14.80 -18.97 24.63
N LYS C 59 -15.10 -19.40 25.86
CA LYS C 59 -16.48 -19.26 26.40
C LYS C 59 -16.77 -17.78 26.67
N THR C 60 -15.89 -17.06 27.33
CA THR C 60 -16.15 -15.65 27.72
C THR C 60 -16.41 -14.82 26.46
N PHE C 61 -15.63 -15.02 25.40
CA PHE C 61 -15.71 -14.15 24.19
C PHE C 61 -16.42 -14.88 23.04
N LYS C 62 -17.03 -16.04 23.30
CA LYS C 62 -17.81 -16.83 22.31
C LYS C 62 -16.96 -16.97 21.05
N ILE C 63 -15.72 -17.40 21.23
CA ILE C 63 -14.81 -17.67 20.09
C ILE C 63 -15.06 -19.09 19.62
N PRO C 64 -15.53 -19.28 18.36
CA PRO C 64 -15.66 -20.62 17.80
C PRO C 64 -14.27 -21.27 17.76
N VAL C 65 -14.16 -22.52 18.21
CA VAL C 65 -12.82 -23.17 18.31
C VAL C 65 -12.22 -23.30 16.90
N ASP C 66 -13.01 -23.57 15.86
CA ASP C 66 -12.45 -23.72 14.48
C ASP C 66 -11.87 -22.36 14.04
N THR C 67 -12.56 -21.27 14.36
CA THR C 67 -12.10 -19.90 14.06
C THR C 67 -10.78 -19.63 14.79
N LEU C 68 -10.69 -20.00 16.07
CA LEU C 68 -9.45 -19.76 16.86
C LEU C 68 -8.32 -20.49 16.17
N ILE C 69 -8.49 -21.78 15.88
CA ILE C 69 -7.38 -22.62 15.33
C ILE C 69 -7.01 -22.10 13.94
N THR C 70 -7.98 -21.67 13.13
CA THR C 70 -7.69 -21.16 11.75
C THR C 70 -6.88 -19.86 11.85
N TYR C 71 -7.30 -18.93 12.71
CA TYR C 71 -6.56 -17.68 12.93
C TYR C 71 -5.15 -17.98 13.45
N LEU C 72 -5.02 -18.86 14.43
CA LEU C 72 -3.71 -19.13 15.05
C LEU C 72 -2.78 -19.75 14.01
N MET C 73 -3.25 -20.68 13.21
N MET C 73 -3.27 -20.67 13.19
CA MET C 73 -2.38 -21.32 12.20
CA MET C 73 -2.46 -21.36 12.14
C MET C 73 -1.97 -20.27 11.15
C MET C 73 -1.99 -20.27 11.14
N THR C 74 -2.90 -19.40 10.75
CA THR C 74 -2.61 -18.30 9.81
C THR C 74 -1.56 -17.34 10.42
N LEU C 75 -1.75 -16.91 11.67
CA LEU C 75 -0.81 -16.02 12.38
C LEU C 75 0.56 -16.69 12.45
N GLU C 76 0.61 -17.94 12.90
CA GLU C 76 1.90 -18.68 13.02
C GLU C 76 2.59 -18.76 11.67
N ASP C 77 1.85 -18.96 10.60
CA ASP C 77 2.37 -19.03 9.20
C ASP C 77 2.97 -17.70 8.76
N HIS C 78 2.61 -16.57 9.37
CA HIS C 78 3.16 -15.25 9.01
C HIS C 78 4.35 -14.89 9.89
N TYR C 79 4.78 -15.78 10.78
CA TYR C 79 6.14 -15.73 11.37
C TYR C 79 7.05 -16.55 10.47
N HIS C 80 8.28 -16.14 10.27
CA HIS C 80 9.21 -16.82 9.30
C HIS C 80 10.08 -17.81 10.08
N ALA C 81 10.11 -19.07 9.66
CA ALA C 81 10.95 -20.15 10.27
C ALA C 81 12.44 -19.91 9.98
N ASP C 82 12.79 -19.12 8.99
CA ASP C 82 14.22 -18.88 8.67
C ASP C 82 14.78 -17.70 9.48
N VAL C 83 13.98 -16.96 10.23
CA VAL C 83 14.45 -15.87 11.11
C VAL C 83 14.79 -16.53 12.45
N ALA C 84 16.03 -16.40 12.93
CA ALA C 84 16.55 -17.25 14.02
C ALA C 84 15.89 -16.92 15.35
N TYR C 85 15.61 -15.65 15.65
CA TYR C 85 15.04 -15.24 16.95
C TYR C 85 13.56 -14.82 16.80
N HIS C 86 13.28 -13.84 15.94
CA HIS C 86 11.94 -13.21 15.80
C HIS C 86 11.03 -14.11 14.95
N ASN C 87 10.76 -15.31 15.48
CA ASN C 87 9.91 -16.33 14.83
C ASN C 87 8.76 -16.70 15.76
N ASN C 88 8.02 -17.74 15.36
CA ASN C 88 6.82 -18.24 16.08
C ASN C 88 7.18 -18.74 17.47
N ILE C 89 8.41 -19.19 17.70
CA ILE C 89 8.79 -19.71 19.04
C ILE C 89 8.90 -18.52 19.97
N HIS C 90 9.54 -17.42 19.53
CA HIS C 90 9.60 -16.18 20.34
C HIS C 90 8.19 -15.68 20.65
N ALA C 91 7.31 -15.66 19.66
CA ALA C 91 5.91 -15.22 19.86
C ALA C 91 5.24 -16.11 20.94
N ALA C 92 5.39 -17.42 20.83
CA ALA C 92 4.79 -18.36 21.80
C ALA C 92 5.33 -18.07 23.19
N ASP C 93 6.64 -17.80 23.28
CA ASP C 93 7.34 -17.56 24.55
C ASP C 93 6.78 -16.27 25.18
N VAL C 94 6.62 -15.20 24.39
CA VAL C 94 6.13 -13.93 24.95
C VAL C 94 4.67 -14.08 25.40
N VAL C 95 3.85 -14.78 24.64
CA VAL C 95 2.46 -15.11 25.01
C VAL C 95 2.47 -15.79 26.38
N GLN C 96 3.25 -16.84 26.50
CA GLN C 96 3.20 -17.70 27.72
C GLN C 96 3.75 -16.92 28.93
N SER C 97 4.77 -16.10 28.71
CA SER C 97 5.41 -15.25 29.75
C SER C 97 4.40 -14.21 30.20
N THR C 98 3.69 -13.58 29.25
CA THR C 98 2.63 -12.63 29.60
C THR C 98 1.56 -13.35 30.45
N HIS C 99 1.14 -14.52 30.01
CA HIS C 99 0.12 -15.33 30.73
C HIS C 99 0.55 -15.55 32.20
N VAL C 100 1.82 -15.88 32.43
CA VAL C 100 2.30 -16.12 33.82
C VAL C 100 2.32 -14.79 34.57
N LEU C 101 2.78 -13.69 33.96
CA LEU C 101 2.84 -12.38 34.66
C LEU C 101 1.42 -11.92 35.01
N LEU C 102 0.43 -12.19 34.16
CA LEU C 102 -0.97 -11.76 34.43
C LEU C 102 -1.48 -12.46 35.72
N SER C 103 -0.98 -13.65 36.02
CA SER C 103 -1.40 -14.43 37.22
C SER C 103 -0.67 -14.01 38.49
N THR C 104 0.17 -12.99 38.48
CA THR C 104 0.94 -12.60 39.68
C THR C 104 -0.02 -12.21 40.83
N PRO C 105 0.19 -12.70 42.07
CA PRO C 105 -0.73 -12.41 43.17
C PRO C 105 -1.05 -10.91 43.34
N ALA C 106 -0.05 -10.04 43.19
CA ALA C 106 -0.24 -8.58 43.33
C ALA C 106 -1.23 -8.02 42.30
N LEU C 107 -1.57 -8.76 41.24
CA LEU C 107 -2.52 -8.25 40.20
C LEU C 107 -3.85 -9.01 40.23
N GLU C 108 -4.09 -9.82 41.26
CA GLU C 108 -5.31 -10.68 41.29
C GLU C 108 -6.54 -9.77 41.22
N ALA C 109 -7.45 -10.09 40.30
CA ALA C 109 -8.73 -9.37 40.08
C ALA C 109 -8.53 -7.90 39.64
N VAL C 110 -7.33 -7.49 39.25
CA VAL C 110 -7.10 -6.09 38.80
C VAL C 110 -7.64 -5.92 37.38
N PHE C 111 -7.31 -6.82 36.45
CA PHE C 111 -7.61 -6.61 35.01
C PHE C 111 -8.95 -7.26 34.63
N THR C 112 -9.66 -6.62 33.70
CA THR C 112 -10.89 -7.17 33.08
C THR C 112 -10.51 -8.31 32.13
N ASP C 113 -11.50 -9.13 31.77
CA ASP C 113 -11.31 -10.21 30.76
C ASP C 113 -10.86 -9.59 29.43
N LEU C 114 -11.36 -8.39 29.09
CA LEU C 114 -11.00 -7.75 27.78
C LEU C 114 -9.55 -7.29 27.85
N GLU C 115 -9.08 -6.74 28.98
CA GLU C 115 -7.66 -6.35 29.16
C GLU C 115 -6.76 -7.58 29.06
N ILE C 116 -7.15 -8.68 29.69
CA ILE C 116 -6.39 -9.96 29.63
C ILE C 116 -6.31 -10.45 28.18
N LEU C 117 -7.43 -10.44 27.47
CA LEU C 117 -7.48 -10.83 26.04
C LEU C 117 -6.54 -9.91 25.23
N ALA C 118 -6.60 -8.60 25.45
CA ALA C 118 -5.74 -7.62 24.75
C ALA C 118 -4.26 -7.95 25.00
N ALA C 119 -3.86 -8.21 26.23
CA ALA C 119 -2.44 -8.45 26.57
C ALA C 119 -1.95 -9.72 25.87
N ILE C 120 -2.75 -10.78 25.89
CA ILE C 120 -2.35 -12.08 25.31
C ILE C 120 -2.36 -11.96 23.78
N PHE C 121 -3.39 -11.37 23.20
CA PHE C 121 -3.45 -11.17 21.73
C PHE C 121 -2.28 -10.31 21.27
N ALA C 122 -2.03 -9.18 21.94
CA ALA C 122 -0.89 -8.30 21.62
C ALA C 122 0.41 -9.11 21.64
N SER C 123 0.63 -9.93 22.67
CA SER C 123 1.84 -10.77 22.77
C SER C 123 1.92 -11.69 21.54
N ALA C 124 0.81 -12.30 21.12
CA ALA C 124 0.80 -13.30 20.02
C ALA C 124 1.21 -12.62 18.70
N ILE C 125 0.73 -11.40 18.46
CA ILE C 125 0.97 -10.67 17.18
C ILE C 125 2.20 -9.78 17.22
N HIS C 126 2.89 -9.61 18.36
CA HIS C 126 3.73 -8.42 18.57
C HIS C 126 4.94 -8.38 17.63
N ASP C 127 5.39 -9.52 17.07
CA ASP C 127 6.51 -9.57 16.11
C ASP C 127 6.14 -10.22 14.79
N VAL C 128 4.86 -10.29 14.42
CA VAL C 128 4.46 -11.10 13.25
C VAL C 128 5.05 -10.47 11.98
N ASP C 129 5.53 -11.33 11.09
CA ASP C 129 6.15 -10.92 9.80
C ASP C 129 7.45 -10.16 10.04
N HIS C 130 8.15 -10.45 11.14
CA HIS C 130 9.45 -9.83 11.39
C HIS C 130 10.45 -10.32 10.35
N PRO C 131 11.22 -9.43 9.56
CA PRO C 131 12.40 -9.59 8.39
C PRO C 131 13.65 -10.08 9.14
N GLY C 132 13.72 -10.06 10.50
CA GLY C 132 15.01 -10.40 11.12
C GLY C 132 16.05 -9.31 10.98
N VAL C 133 15.60 -8.09 10.71
CA VAL C 133 16.48 -6.90 10.67
C VAL C 133 15.80 -5.78 11.48
N SER C 134 16.61 -4.86 11.97
CA SER C 134 16.14 -3.78 12.88
C SER C 134 15.41 -2.66 12.15
N ASN C 135 14.75 -1.82 12.95
CA ASN C 135 14.07 -0.63 12.40
C ASN C 135 15.12 0.22 11.67
N GLN C 136 16.29 0.43 12.28
CA GLN C 136 17.34 1.26 11.62
C GLN C 136 17.73 0.68 10.25
N PHE C 137 17.82 -0.64 10.13
CA PHE C 137 18.17 -1.26 8.83
C PHE C 137 17.08 -0.91 7.80
N LEU C 138 15.82 -1.04 8.18
CA LEU C 138 14.67 -0.72 7.27
C LEU C 138 14.71 0.77 6.88
N ILE C 139 15.06 1.63 7.83
CA ILE C 139 15.16 3.09 7.55
C ILE C 139 16.32 3.34 6.58
N ASN C 140 17.47 2.75 6.85
CA ASN C 140 18.71 2.98 6.09
C ASN C 140 18.60 2.47 4.64
N THR C 141 17.78 1.43 4.38
CA THR C 141 17.57 0.86 3.05
C THR C 141 16.47 1.60 2.30
N ASN C 142 15.82 2.61 2.90
CA ASN C 142 14.67 3.29 2.26
C ASN C 142 13.57 2.28 1.93
N SER C 143 13.33 1.32 2.82
CA SER C 143 12.28 0.31 2.63
C SER C 143 10.92 0.97 2.53
N GLU C 144 10.02 0.29 1.85
CA GLU C 144 8.62 0.73 1.69
C GLU C 144 7.99 0.89 3.08
N LEU C 145 8.30 -0.02 3.99
CA LEU C 145 7.66 0.08 5.33
C LEU C 145 8.09 1.38 6.03
N ALA C 146 9.38 1.71 5.96
CA ALA C 146 9.91 2.92 6.62
C ALA C 146 9.26 4.17 6.01
N LEU C 147 9.03 4.17 4.70
CA LEU C 147 8.34 5.30 4.01
C LEU C 147 6.89 5.38 4.50
N MET C 148 6.18 4.26 4.59
CA MET C 148 4.77 4.27 5.01
C MET C 148 4.63 4.81 6.44
N TYR C 149 5.57 4.47 7.31
CA TYR C 149 5.42 4.81 8.75
C TYR C 149 6.35 5.96 9.19
N ASN C 150 6.90 6.69 8.24
CA ASN C 150 7.73 7.87 8.54
C ASN C 150 8.87 7.55 9.52
N ASP C 151 9.51 6.39 9.35
CA ASP C 151 10.68 5.94 10.16
C ASP C 151 10.36 5.77 11.64
N SER C 152 9.11 5.65 12.04
CA SER C 152 8.72 5.63 13.46
C SER C 152 8.08 4.30 13.80
N SER C 153 8.70 3.55 14.71
CA SER C 153 8.21 2.21 15.13
C SER C 153 7.84 1.40 13.89
N VAL C 154 8.76 1.35 12.93
CA VAL C 154 8.43 0.81 11.59
C VAL C 154 7.92 -0.65 11.73
N LEU C 155 8.72 -1.49 12.35
CA LEU C 155 8.38 -2.92 12.56
C LEU C 155 7.09 -3.05 13.37
N GLU C 156 6.98 -2.31 14.49
CA GLU C 156 5.86 -2.50 15.48
C GLU C 156 4.54 -2.06 14.82
N ASN C 157 4.61 -1.04 13.97
CA ASN C 157 3.41 -0.64 13.17
C ASN C 157 3.06 -1.79 12.21
N HIS C 158 4.07 -2.37 11.57
CA HIS C 158 3.83 -3.49 10.63
C HIS C 158 3.24 -4.71 11.37
N HIS C 159 3.79 -5.05 12.53
CA HIS C 159 3.28 -6.20 13.32
C HIS C 159 1.78 -6.00 13.61
N LEU C 160 1.41 -4.81 14.04
CA LEU C 160 -0.01 -4.49 14.30
C LEU C 160 -0.83 -4.66 13.02
N ALA C 161 -0.37 -4.09 11.90
CA ALA C 161 -1.10 -4.12 10.62
C ALA C 161 -1.39 -5.55 10.23
N VAL C 162 -0.38 -6.40 10.29
CA VAL C 162 -0.51 -7.81 9.84
C VAL C 162 -1.38 -8.56 10.85
N GLY C 163 -1.10 -8.42 12.15
CA GLY C 163 -1.86 -9.18 13.17
C GLY C 163 -3.34 -8.91 13.06
N PHE C 164 -3.73 -7.65 12.84
CA PHE C 164 -5.15 -7.28 12.67
C PHE C 164 -5.67 -7.72 11.28
N LYS C 165 -4.90 -7.52 10.23
CA LYS C 165 -5.36 -7.82 8.84
C LYS C 165 -5.70 -9.30 8.70
N LEU C 166 -4.93 -10.14 9.38
CA LEU C 166 -5.13 -11.62 9.31
C LEU C 166 -6.50 -12.03 9.89
N LEU C 167 -7.13 -11.19 10.71
CA LEU C 167 -8.50 -11.48 11.22
C LEU C 167 -9.53 -11.50 10.08
N GLN C 168 -9.27 -10.82 8.96
CA GLN C 168 -10.16 -10.70 7.80
C GLN C 168 -10.04 -11.90 6.85
N GLU C 169 -9.15 -12.86 7.08
CA GLU C 169 -9.09 -14.05 6.23
C GLU C 169 -10.27 -15.00 6.59
N GLU C 170 -10.55 -15.93 5.70
CA GLU C 170 -11.72 -16.85 5.78
C GLU C 170 -11.69 -17.55 7.14
N ASN C 171 -12.79 -17.38 7.89
CA ASN C 171 -12.98 -18.04 9.21
C ASN C 171 -11.82 -17.73 10.17
N CYS C 172 -11.33 -16.50 10.15
CA CYS C 172 -10.22 -16.08 11.05
C CYS C 172 -10.66 -14.99 12.03
N ASP C 173 -11.88 -14.50 11.95
CA ASP C 173 -12.24 -13.40 12.88
C ASP C 173 -12.60 -13.96 14.26
N ILE C 174 -11.60 -14.05 15.14
CA ILE C 174 -11.80 -14.58 16.52
C ILE C 174 -12.61 -13.59 17.40
N PHE C 175 -12.74 -12.33 16.99
CA PHE C 175 -13.51 -11.33 17.74
C PHE C 175 -14.89 -11.12 17.10
N GLN C 176 -15.35 -12.05 16.27
CA GLN C 176 -16.65 -11.87 15.56
C GLN C 176 -17.83 -11.68 16.53
N ASN C 177 -17.75 -12.23 17.73
CA ASN C 177 -18.90 -12.13 18.69
C ASN C 177 -18.65 -11.04 19.75
N LEU C 178 -17.56 -10.26 19.65
CA LEU C 178 -17.38 -9.06 20.50
C LEU C 178 -18.29 -7.98 19.95
N THR C 179 -18.81 -7.12 20.84
CA THR C 179 -19.55 -5.91 20.43
C THR C 179 -18.56 -4.95 19.78
N LYS C 180 -19.08 -3.96 19.06
CA LYS C 180 -18.27 -2.85 18.54
C LYS C 180 -17.49 -2.20 19.69
N LYS C 181 -18.14 -1.92 20.83
CA LYS C 181 -17.47 -1.25 21.96
C LYS C 181 -16.29 -2.09 22.44
N GLN C 182 -16.48 -3.39 22.57
CA GLN C 182 -15.38 -4.29 23.02
C GLN C 182 -14.25 -4.29 21.97
N ARG C 183 -14.62 -4.39 20.70
CA ARG C 183 -13.59 -4.46 19.63
C ARG C 183 -12.75 -3.18 19.60
N GLN C 184 -13.39 -2.03 19.70
CA GLN C 184 -12.64 -0.75 19.64
C GLN C 184 -11.73 -0.61 20.85
N SER C 185 -12.22 -1.00 22.02
CA SER C 185 -11.39 -0.90 23.26
C SER C 185 -10.20 -1.86 23.12
N LEU C 186 -10.46 -3.08 22.65
CA LEU C 186 -9.38 -4.08 22.47
C LEU C 186 -8.36 -3.56 21.45
N ARG C 187 -8.81 -2.99 20.35
CA ARG C 187 -7.91 -2.41 19.31
C ARG C 187 -7.01 -1.36 19.94
N LYS C 188 -7.56 -0.41 20.70
CA LYS C 188 -6.75 0.64 21.30
C LYS C 188 -5.70 0.01 22.22
N MET C 189 -6.11 -0.93 23.05
CA MET C 189 -5.17 -1.50 24.05
C MET C 189 -4.04 -2.26 23.32
N VAL C 190 -4.39 -3.00 22.28
CA VAL C 190 -3.39 -3.82 21.56
C VAL C 190 -2.41 -2.88 20.87
N ILE C 191 -2.88 -1.80 20.25
CA ILE C 191 -1.98 -0.79 19.64
C ILE C 191 -1.01 -0.27 20.71
N ASP C 192 -1.54 0.16 21.86
CA ASP C 192 -0.71 0.77 22.92
C ASP C 192 0.33 -0.25 23.39
N ILE C 193 -0.05 -1.51 23.52
CA ILE C 193 0.88 -2.56 24.01
C ILE C 193 1.96 -2.88 22.96
N VAL C 194 1.60 -3.12 21.71
CA VAL C 194 2.61 -3.52 20.70
C VAL C 194 3.55 -2.33 20.43
N LEU C 195 3.07 -1.11 20.38
CA LEU C 195 3.95 0.05 20.12
C LEU C 195 4.93 0.21 21.27
N ALA C 196 4.57 -0.21 22.48
CA ALA C 196 5.44 -0.16 23.67
C ALA C 196 6.55 -1.21 23.61
N THR C 197 6.52 -2.16 22.67
CA THR C 197 7.61 -3.15 22.50
C THR C 197 8.75 -2.59 21.69
N ASP C 198 8.61 -1.41 21.08
CA ASP C 198 9.74 -0.73 20.39
C ASP C 198 10.77 -0.33 21.44
N MET C 199 12.00 -0.82 21.31
CA MET C 199 13.04 -0.61 22.36
C MET C 199 13.41 0.89 22.40
N SER C 200 13.08 1.68 21.39
CA SER C 200 13.30 3.15 21.45
C SER C 200 12.45 3.75 22.57
N LYS C 201 11.40 3.06 23.01
CA LYS C 201 10.46 3.56 24.04
C LYS C 201 10.85 3.07 25.45
N HIS C 202 11.86 2.21 25.57
CA HIS C 202 12.20 1.49 26.82
C HIS C 202 12.47 2.50 27.96
N MET C 203 13.31 3.50 27.74
CA MET C 203 13.74 4.42 28.82
C MET C 203 12.52 5.19 29.33
N ASN C 204 11.64 5.62 28.45
CA ASN C 204 10.43 6.34 28.90
C ASN C 204 9.48 5.38 29.62
N LEU C 205 9.31 4.15 29.13
CA LEU C 205 8.43 3.18 29.83
C LEU C 205 8.97 2.93 31.24
N LEU C 206 10.28 2.73 31.33
CA LEU C 206 10.94 2.41 32.62
C LEU C 206 10.78 3.60 33.57
N ALA C 207 11.00 4.82 33.08
CA ALA C 207 10.86 6.06 33.90
C ALA C 207 9.44 6.10 34.47
N ASP C 208 8.45 5.83 33.64
CA ASP C 208 7.05 5.87 34.10
C ASP C 208 6.77 4.74 35.08
N LEU C 209 7.27 3.54 34.83
CA LEU C 209 7.05 2.41 35.77
C LEU C 209 7.66 2.80 37.14
N LYS C 210 8.83 3.43 37.15
CA LYS C 210 9.51 3.85 38.42
C LYS C 210 8.62 4.87 39.15
N THR C 211 8.07 5.84 38.43
CA THR C 211 7.13 6.85 38.97
C THR C 211 5.92 6.14 39.60
N MET C 212 5.39 5.13 38.92
CA MET C 212 4.24 4.37 39.44
C MET C 212 4.64 3.62 40.72
N VAL C 213 5.83 3.02 40.76
CA VAL C 213 6.30 2.32 41.99
C VAL C 213 6.40 3.33 43.15
N GLU C 214 6.99 4.50 42.91
CA GLU C 214 7.14 5.60 43.92
C GLU C 214 5.77 6.05 44.46
N THR C 215 4.69 5.97 43.69
CA THR C 215 3.34 6.48 44.06
C THR C 215 2.35 5.32 44.24
N LYS C 216 2.86 4.10 44.38
CA LYS C 216 2.09 2.83 44.41
C LYS C 216 1.04 2.91 45.51
N LYS C 217 -0.19 2.50 45.21
CA LYS C 217 -1.28 2.29 46.20
C LYS C 217 -1.74 0.85 46.11
N VAL C 218 -2.05 0.24 47.26
CA VAL C 218 -2.62 -1.13 47.34
C VAL C 218 -4.01 -1.03 47.97
N THR C 219 -4.90 -1.96 47.61
CA THR C 219 -6.26 -2.06 48.19
C THR C 219 -6.14 -2.75 49.54
N SER C 220 -7.26 -2.86 50.26
CA SER C 220 -7.40 -3.61 51.55
C SER C 220 -7.02 -5.08 51.35
N SER C 221 -7.19 -5.61 50.14
CA SER C 221 -6.89 -7.00 49.72
C SER C 221 -5.38 -7.17 49.45
N GLY C 222 -4.61 -6.09 49.39
CA GLY C 222 -3.14 -6.12 49.24
C GLY C 222 -2.71 -6.28 47.79
N VAL C 223 -3.59 -5.94 46.83
CA VAL C 223 -3.26 -5.92 45.37
C VAL C 223 -3.11 -4.48 44.90
N LEU C 224 -2.46 -4.28 43.76
CA LEU C 224 -2.29 -2.96 43.10
C LEU C 224 -3.65 -2.30 42.85
N LEU C 225 -3.73 -1.00 43.13
CA LEU C 225 -4.91 -0.17 42.79
C LEU C 225 -4.61 0.61 41.52
N LEU C 226 -5.33 0.35 40.42
CA LEU C 226 -5.13 1.06 39.12
C LEU C 226 -6.47 1.62 38.63
N ASP C 227 -6.73 2.91 38.86
CA ASP C 227 -8.12 3.42 38.79
C ASP C 227 -8.34 4.27 37.54
N ASN C 228 -7.40 4.33 36.61
CA ASN C 228 -7.55 5.07 35.33
C ASN C 228 -6.87 4.30 34.19
N TYR C 229 -7.26 4.57 32.93
CA TYR C 229 -6.72 3.88 31.73
C TYR C 229 -5.20 4.06 31.70
N SER C 230 -4.70 5.29 31.94
CA SER C 230 -3.25 5.59 31.82
C SER C 230 -2.46 4.60 32.68
N ASP C 231 -2.91 4.34 33.92
CA ASP C 231 -2.15 3.46 34.85
C ASP C 231 -2.37 1.99 34.44
N ARG C 232 -3.58 1.61 34.08
CA ARG C 232 -3.88 0.21 33.70
C ARG C 232 -3.09 -0.16 32.43
N ILE C 233 -3.13 0.69 31.40
CA ILE C 233 -2.40 0.38 30.13
C ILE C 233 -0.88 0.40 30.37
N GLN C 234 -0.43 1.27 31.25
CA GLN C 234 1.01 1.38 31.51
C GLN C 234 1.51 0.07 32.12
N VAL C 235 0.75 -0.49 33.05
CA VAL C 235 1.15 -1.79 33.65
C VAL C 235 1.14 -2.88 32.58
N LEU C 236 0.12 -2.96 31.74
CA LEU C 236 0.04 -3.97 30.63
C LEU C 236 1.20 -3.75 29.64
N GLN C 237 1.50 -2.51 29.29
CA GLN C 237 2.64 -2.21 28.36
C GLN C 237 3.94 -2.73 28.98
N ASN C 238 4.20 -2.36 30.24
CA ASN C 238 5.45 -2.79 30.94
C ASN C 238 5.44 -4.31 31.10
N MET C 239 4.28 -4.91 31.34
CA MET C 239 4.17 -6.38 31.53
C MET C 239 4.59 -7.09 30.25
N VAL C 240 4.07 -6.69 29.09
CA VAL C 240 4.41 -7.35 27.80
C VAL C 240 5.86 -7.03 27.45
N HIS C 241 6.33 -5.83 27.74
CA HIS C 241 7.75 -5.44 27.56
C HIS C 241 8.65 -6.33 28.42
N CYS C 242 8.28 -6.57 29.68
CA CYS C 242 9.00 -7.54 30.56
C CYS C 242 9.01 -8.93 29.91
N ALA C 243 7.88 -9.38 29.38
CA ALA C 243 7.77 -10.70 28.70
C ALA C 243 8.72 -10.76 27.51
N ASP C 244 8.75 -9.68 26.72
CA ASP C 244 9.65 -9.56 25.55
C ASP C 244 11.13 -9.62 25.97
N LEU C 245 11.44 -9.05 27.14
CA LEU C 245 12.82 -9.00 27.69
C LEU C 245 12.96 -10.04 28.83
N SER C 246 12.28 -11.18 28.73
CA SER C 246 12.26 -12.20 29.81
C SER C 246 13.36 -13.26 29.62
N ASN C 247 14.06 -13.31 28.50
CA ASN C 247 14.95 -14.45 28.18
C ASN C 247 15.97 -14.63 29.31
N PRO C 248 16.66 -13.57 29.79
CA PRO C 248 17.71 -13.75 30.81
C PRO C 248 17.15 -14.16 32.18
N THR C 249 15.83 -14.13 32.37
CA THR C 249 15.17 -14.47 33.65
C THR C 249 14.74 -15.93 33.64
N LYS C 250 14.95 -16.64 32.54
CA LYS C 250 14.47 -18.01 32.38
C LYS C 250 15.54 -18.99 32.88
N PRO C 251 15.15 -20.23 33.22
CA PRO C 251 16.12 -21.29 33.41
C PRO C 251 17.17 -21.29 32.28
N LEU C 252 18.41 -21.55 32.68
CA LEU C 252 19.60 -21.31 31.82
C LEU C 252 19.51 -22.11 30.53
N GLN C 253 18.95 -23.33 30.51
CA GLN C 253 18.92 -24.10 29.23
C GLN C 253 18.08 -23.32 28.19
N LEU C 254 17.06 -22.60 28.64
CA LEU C 254 16.19 -21.78 27.72
C LEU C 254 16.98 -20.52 27.31
N TYR C 255 17.52 -19.81 28.29
CA TYR C 255 18.26 -18.53 28.08
C TYR C 255 19.37 -18.75 27.05
N ARG C 256 20.17 -19.80 27.19
CA ARG C 256 21.27 -20.07 26.25
C ARG C 256 20.79 -20.20 24.80
N GLN C 257 19.66 -20.87 24.60
CA GLN C 257 19.10 -21.03 23.22
C GLN C 257 18.63 -19.65 22.70
N TRP C 258 18.06 -18.83 23.55
CA TRP C 258 17.63 -17.46 23.15
C TRP C 258 18.86 -16.64 22.75
N THR C 259 19.93 -16.75 23.53
CA THR C 259 21.18 -16.01 23.22
C THR C 259 21.74 -16.47 21.87
N ASP C 260 21.81 -17.77 21.66
CA ASP C 260 22.36 -18.31 20.40
C ASP C 260 21.53 -17.77 19.22
N ARG C 261 20.22 -17.72 19.42
CA ARG C 261 19.31 -17.28 18.34
C ARG C 261 19.43 -15.77 18.06
N ILE C 262 19.39 -14.93 19.07
CA ILE C 262 19.49 -13.46 18.85
C ILE C 262 20.84 -13.17 18.19
N MET C 263 21.92 -13.85 18.60
CA MET C 263 23.25 -13.56 18.02
C MET C 263 23.32 -14.00 16.55
N GLU C 264 22.61 -15.08 16.22
N GLU C 264 22.62 -15.08 16.23
CA GLU C 264 22.61 -15.54 14.82
CA GLU C 264 22.60 -15.56 14.82
C GLU C 264 21.83 -14.53 13.98
C GLU C 264 21.82 -14.53 13.98
N GLU C 265 20.75 -13.99 14.54
CA GLU C 265 19.94 -12.99 13.81
C GLU C 265 20.75 -11.71 13.66
N PHE C 266 21.41 -11.25 14.71
CA PHE C 266 22.22 -10.01 14.67
C PHE C 266 23.37 -10.19 13.64
N PHE C 267 24.08 -11.32 13.70
CA PHE C 267 25.25 -11.57 12.82
C PHE C 267 24.79 -11.64 11.35
N ARG C 268 23.60 -12.22 11.11
CA ARG C 268 23.03 -12.24 9.73
C ARG C 268 22.72 -10.82 9.28
N GLN C 269 22.21 -9.97 10.16
CA GLN C 269 21.97 -8.55 9.80
C GLN C 269 23.33 -7.92 9.46
N GLY C 270 24.36 -8.18 10.27
CA GLY C 270 25.68 -7.59 10.03
C GLY C 270 26.24 -8.03 8.69
N ASP C 271 25.97 -9.28 8.30
CA ASP C 271 26.38 -9.79 6.97
C ASP C 271 25.59 -9.04 5.88
N ARG C 272 24.31 -8.78 6.12
CA ARG C 272 23.50 -8.04 5.12
C ARG C 272 24.00 -6.59 5.01
N GLU C 273 24.38 -5.99 6.14
CA GLU C 273 24.92 -4.61 6.13
C GLU C 273 26.29 -4.59 5.43
N ARG C 274 27.19 -5.52 5.75
CA ARG C 274 28.57 -5.58 5.20
C ARG C 274 28.48 -5.78 3.68
N GLU C 275 27.55 -6.66 3.28
CA GLU C 275 27.26 -7.03 1.87
C GLU C 275 27.18 -5.75 1.05
N ARG C 276 26.56 -4.70 1.60
CA ARG C 276 26.31 -3.45 0.83
C ARG C 276 27.08 -2.25 1.35
N GLY C 277 28.21 -2.44 2.00
CA GLY C 277 28.95 -1.26 2.45
C GLY C 277 28.20 -0.43 3.47
N MET C 278 27.16 -0.95 4.13
CA MET C 278 26.58 -0.15 5.25
C MET C 278 27.47 -0.33 6.47
N GLU C 279 27.49 0.65 7.37
CA GLU C 279 28.10 0.51 8.72
C GLU C 279 27.47 -0.74 9.36
N ILE C 280 28.28 -1.61 9.95
CA ILE C 280 27.74 -2.79 10.70
C ILE C 280 27.16 -2.30 12.03
N SER C 281 25.91 -2.66 12.34
CA SER C 281 25.21 -2.24 13.58
C SER C 281 25.92 -2.80 14.82
N PRO C 282 25.75 -2.15 16.00
CA PRO C 282 26.28 -2.68 17.26
C PRO C 282 25.90 -4.16 17.46
N MET C 283 26.92 -4.99 17.79
CA MET C 283 26.79 -6.43 18.16
C MET C 283 26.43 -7.29 16.94
N CYS C 284 26.51 -6.76 15.72
CA CYS C 284 26.12 -7.48 14.48
C CYS C 284 27.35 -7.95 13.70
N ASP C 285 28.56 -7.68 14.22
CA ASP C 285 29.81 -8.06 13.54
C ASP C 285 30.35 -9.34 14.17
N LYS C 286 30.21 -10.46 13.47
CA LYS C 286 30.64 -11.78 13.97
C LYS C 286 32.17 -11.82 14.14
N HIS C 287 32.92 -10.90 13.51
CA HIS C 287 34.40 -10.85 13.59
C HIS C 287 34.85 -10.00 14.78
N ASN C 288 33.93 -9.21 15.35
CA ASN C 288 34.20 -8.27 16.47
C ASN C 288 33.12 -8.41 17.55
N ALA C 289 32.79 -9.65 17.92
CA ALA C 289 31.67 -9.98 18.83
C ALA C 289 32.23 -10.49 20.16
N SER C 290 31.57 -10.18 21.25
CA SER C 290 31.70 -10.95 22.52
C SER C 290 30.29 -11.24 23.03
N VAL C 291 29.80 -12.42 22.66
CA VAL C 291 28.43 -12.91 23.01
C VAL C 291 28.22 -12.77 24.53
N GLU C 292 29.19 -13.21 25.34
CA GLU C 292 29.03 -13.31 26.81
C GLU C 292 29.07 -11.91 27.43
N LYS C 293 30.01 -11.05 27.01
CA LYS C 293 30.08 -9.65 27.49
C LYS C 293 28.78 -8.92 27.15
N SER C 294 28.28 -9.14 25.93
CA SER C 294 27.05 -8.51 25.43
C SER C 294 25.87 -8.95 26.30
N GLN C 295 25.77 -10.22 26.70
CA GLN C 295 24.67 -10.67 27.59
C GLN C 295 24.77 -9.96 28.93
N VAL C 296 25.98 -9.86 29.47
CA VAL C 296 26.15 -9.19 30.79
C VAL C 296 25.76 -7.72 30.65
N GLY C 297 26.17 -7.05 29.56
CA GLY C 297 25.75 -5.66 29.31
C GLY C 297 24.24 -5.53 29.15
N PHE C 298 23.61 -6.44 28.41
CA PHE C 298 22.15 -6.45 28.18
C PHE C 298 21.44 -6.54 29.52
N ILE C 299 21.89 -7.45 30.38
CA ILE C 299 21.30 -7.60 31.75
C ILE C 299 21.56 -6.32 32.55
N ASP C 300 22.80 -5.85 32.62
CA ASP C 300 23.15 -4.75 33.54
C ASP C 300 22.43 -3.45 33.14
N TYR C 301 22.28 -3.15 31.84
CA TYR C 301 21.81 -1.82 31.37
C TYR C 301 20.34 -1.84 30.97
N ILE C 302 19.75 -3.00 30.64
CA ILE C 302 18.33 -3.06 30.16
C ILE C 302 17.49 -3.99 31.06
N VAL C 303 17.84 -5.26 31.13
CA VAL C 303 16.91 -6.29 31.67
C VAL C 303 16.83 -6.17 33.20
N HIS C 304 17.95 -6.03 33.90
CA HIS C 304 17.94 -5.95 35.39
C HIS C 304 17.25 -4.67 35.86
N PRO C 305 17.52 -3.47 35.29
CA PRO C 305 16.79 -2.26 35.72
C PRO C 305 15.27 -2.39 35.57
N LEU C 306 14.83 -2.97 34.46
CA LEU C 306 13.38 -3.15 34.20
C LEU C 306 12.81 -4.16 35.23
N TRP C 307 13.43 -5.33 35.35
CA TRP C 307 12.86 -6.42 36.18
C TRP C 307 12.95 -6.07 37.68
N GLU C 308 13.98 -5.33 38.08
CA GLU C 308 14.10 -4.81 39.47
C GLU C 308 12.92 -3.89 39.73
N THR C 309 12.53 -3.06 38.76
CA THR C 309 11.42 -2.11 38.93
C THR C 309 10.10 -2.87 38.94
N TRP C 310 9.90 -3.80 38.00
CA TRP C 310 8.72 -4.70 38.00
C TRP C 310 8.63 -5.39 39.38
N ALA C 311 9.73 -5.95 39.87
CA ALA C 311 9.77 -6.73 41.15
C ALA C 311 9.31 -5.84 42.31
N ASP C 312 9.70 -4.57 42.29
CA ASP C 312 9.24 -3.57 43.29
C ASP C 312 7.71 -3.39 43.17
N LEU C 313 7.19 -3.21 41.96
CA LEU C 313 5.73 -3.03 41.76
C LEU C 313 4.96 -4.21 42.36
N VAL C 314 5.40 -5.45 42.15
CA VAL C 314 4.59 -6.65 42.52
C VAL C 314 5.20 -7.32 43.77
N HIS C 315 6.07 -6.64 44.51
CA HIS C 315 6.87 -7.20 45.65
C HIS C 315 5.95 -8.00 46.58
N PRO C 316 6.28 -9.26 46.95
CA PRO C 316 7.53 -9.94 46.56
C PRO C 316 7.42 -10.99 45.44
N ASP C 317 6.36 -10.88 44.64
CA ASP C 317 5.95 -11.97 43.69
C ASP C 317 7.06 -12.35 42.72
N ALA C 318 7.94 -11.42 42.34
CA ALA C 318 8.92 -11.65 41.25
C ALA C 318 10.30 -11.96 41.83
N GLN C 319 10.41 -12.25 43.13
CA GLN C 319 11.74 -12.50 43.76
C GLN C 319 12.47 -13.66 43.10
N ASP C 320 11.80 -14.79 42.82
CA ASP C 320 12.50 -15.96 42.21
C ASP C 320 12.93 -15.64 40.76
N ILE C 321 12.15 -14.84 40.04
CA ILE C 321 12.52 -14.40 38.65
C ILE C 321 13.78 -13.52 38.74
N LEU C 322 13.80 -12.56 39.65
CA LEU C 322 14.98 -11.67 39.85
C LEU C 322 16.19 -12.50 40.30
N ASP C 323 16.02 -13.50 41.17
CA ASP C 323 17.13 -14.39 41.61
C ASP C 323 17.67 -15.16 40.42
N THR C 324 16.82 -15.70 39.55
CA THR C 324 17.26 -16.44 38.33
C THR C 324 18.08 -15.49 37.45
N LEU C 325 17.60 -14.26 37.25
CA LEU C 325 18.28 -13.24 36.42
C LEU C 325 19.69 -13.00 36.97
N GLU C 326 19.80 -12.79 38.28
CA GLU C 326 21.10 -12.49 38.95
C GLU C 326 22.02 -13.71 38.82
N ASP C 327 21.50 -14.92 39.00
CA ASP C 327 22.30 -16.16 38.82
C ASP C 327 22.78 -16.30 37.37
N ASN C 328 21.91 -16.03 36.39
CA ASN C 328 22.27 -16.17 34.96
C ASN C 328 23.33 -15.13 34.61
N ARG C 329 23.22 -13.93 35.16
CA ARG C 329 24.20 -12.87 34.90
C ARG C 329 25.58 -13.37 35.35
N GLU C 330 25.64 -13.96 36.55
CA GLU C 330 26.93 -14.46 37.13
C GLU C 330 27.43 -15.60 36.26
N TRP C 331 26.52 -16.43 35.77
CA TRP C 331 26.94 -17.54 34.89
C TRP C 331 27.61 -17.00 33.63
N TYR C 332 26.96 -16.06 32.93
CA TYR C 332 27.56 -15.51 31.69
C TYR C 332 28.85 -14.78 32.00
N GLN C 333 28.89 -14.04 33.11
CA GLN C 333 30.09 -13.28 33.52
C GLN C 333 31.26 -14.24 33.74
N SER C 334 31.00 -15.41 34.32
CA SER C 334 32.06 -16.42 34.59
C SER C 334 32.59 -17.07 33.32
N THR C 335 31.86 -16.99 32.23
CA THR C 335 32.19 -17.58 30.92
C THR C 335 33.09 -16.64 30.12
N GLN D 14 -0.55 37.81 -17.10
CA GLN D 14 0.64 38.08 -17.95
C GLN D 14 1.95 37.80 -17.18
N GLU D 15 2.93 37.22 -17.86
CA GLU D 15 4.27 36.84 -17.36
C GLU D 15 4.99 37.97 -16.60
N ASP D 16 4.89 39.19 -17.11
CA ASP D 16 5.59 40.38 -16.54
C ASP D 16 4.88 40.78 -15.24
N VAL D 17 3.56 40.82 -15.22
CA VAL D 17 2.78 41.18 -14.00
C VAL D 17 3.10 40.13 -12.91
N LEU D 18 3.15 38.85 -13.27
CA LEU D 18 3.48 37.74 -12.32
C LEU D 18 4.91 37.95 -11.77
N ALA D 19 5.89 38.21 -12.64
CA ALA D 19 7.29 38.41 -12.22
C ALA D 19 7.37 39.59 -11.24
N LYS D 20 6.57 40.63 -11.46
CA LYS D 20 6.57 41.84 -10.60
C LYS D 20 5.97 41.48 -9.23
N GLU D 21 4.84 40.76 -9.17
CA GLU D 21 4.26 40.32 -7.87
C GLU D 21 5.31 39.46 -7.13
N LEU D 22 6.07 38.62 -7.82
CA LEU D 22 7.02 37.66 -7.17
C LEU D 22 8.25 38.41 -6.61
N GLU D 23 8.48 39.67 -6.99
CA GLU D 23 9.49 40.49 -6.29
C GLU D 23 9.13 40.72 -4.82
N ASP D 24 7.86 40.53 -4.42
CA ASP D 24 7.43 40.69 -3.01
C ASP D 24 7.60 39.37 -2.22
N VAL D 25 8.27 38.37 -2.78
CA VAL D 25 8.43 37.02 -2.15
C VAL D 25 9.12 37.13 -0.79
N ASN D 26 9.91 38.19 -0.53
CA ASN D 26 10.61 38.35 0.77
C ASN D 26 9.74 39.15 1.75
N LYS D 27 8.50 39.50 1.39
CA LYS D 27 7.68 40.40 2.24
C LYS D 27 6.52 39.64 2.89
N TRP D 28 6.23 39.98 4.14
CA TRP D 28 5.03 39.49 4.85
C TRP D 28 3.84 40.12 4.14
N GLY D 29 2.84 39.37 3.72
CA GLY D 29 1.71 40.06 3.03
C GLY D 29 1.82 40.07 1.53
N LEU D 30 2.66 39.20 0.97
CA LEU D 30 2.62 38.85 -0.47
C LEU D 30 1.18 38.64 -0.91
N HIS D 31 0.82 39.10 -2.10
CA HIS D 31 -0.52 38.96 -2.69
C HIS D 31 -0.64 37.52 -3.24
N VAL D 32 -0.76 36.54 -2.35
CA VAL D 32 -0.62 35.12 -2.77
C VAL D 32 -1.83 34.72 -3.63
N PHE D 33 -3.03 35.26 -3.40
CA PHE D 33 -4.23 34.91 -4.19
C PHE D 33 -4.06 35.47 -5.60
N ARG D 34 -3.51 36.68 -5.73
CA ARG D 34 -3.18 37.28 -7.05
C ARG D 34 -2.14 36.41 -7.76
N ILE D 35 -1.11 35.95 -7.06
CA ILE D 35 -0.11 35.04 -7.67
C ILE D 35 -0.79 33.75 -8.14
N ALA D 36 -1.72 33.21 -7.35
CA ALA D 36 -2.47 31.99 -7.75
C ALA D 36 -3.19 32.25 -9.06
N GLU D 37 -3.84 33.40 -9.18
CA GLU D 37 -4.59 33.76 -10.43
C GLU D 37 -3.62 33.92 -11.59
N LEU D 38 -2.56 34.70 -11.40
CA LEU D 38 -1.65 35.09 -12.50
C LEU D 38 -0.87 33.88 -12.99
N SER D 39 -0.62 32.87 -12.14
CA SER D 39 0.20 31.70 -12.50
C SER D 39 -0.63 30.56 -13.10
N GLY D 40 -1.94 30.74 -13.26
CA GLY D 40 -2.87 29.68 -13.67
C GLY D 40 -2.96 28.58 -12.63
N ASN D 41 -3.10 28.99 -11.37
CA ASN D 41 -3.30 28.07 -10.20
C ASN D 41 -1.99 27.29 -10.00
N ARG D 42 -0.84 27.93 -10.16
CA ARG D 42 0.47 27.33 -9.81
C ARG D 42 1.18 28.16 -8.75
N PRO D 43 0.50 28.67 -7.70
CA PRO D 43 1.22 29.49 -6.73
C PRO D 43 2.33 28.73 -6.01
N LEU D 44 2.11 27.44 -5.70
CA LEU D 44 3.15 26.69 -4.97
C LEU D 44 4.37 26.50 -5.86
N THR D 45 4.19 26.13 -7.10
CA THR D 45 5.32 25.93 -8.05
C THR D 45 6.11 27.25 -8.21
N VAL D 46 5.44 28.34 -8.53
CA VAL D 46 6.17 29.60 -8.89
C VAL D 46 6.82 30.18 -7.63
N ILE D 47 6.14 30.11 -6.48
CA ILE D 47 6.72 30.61 -5.21
C ILE D 47 7.89 29.75 -4.79
N MET D 48 7.77 28.42 -4.82
CA MET D 48 8.91 27.54 -4.46
C MET D 48 10.08 27.78 -5.42
N HIS D 49 9.81 27.90 -6.72
CA HIS D 49 10.89 28.08 -7.72
C HIS D 49 11.61 29.40 -7.44
N THR D 50 10.84 30.46 -7.19
CA THR D 50 11.42 31.80 -6.88
C THR D 50 12.31 31.69 -5.62
N ILE D 51 11.83 31.00 -4.58
CA ILE D 51 12.59 30.88 -3.30
C ILE D 51 13.85 30.06 -3.52
N PHE D 52 13.75 28.94 -4.26
CA PHE D 52 14.93 28.11 -4.52
C PHE D 52 16.00 28.91 -5.31
N GLN D 53 15.57 29.71 -6.27
CA GLN D 53 16.52 30.54 -7.07
C GLN D 53 17.12 31.63 -6.16
N GLU D 54 16.29 32.31 -5.38
CA GLU D 54 16.73 33.40 -4.47
C GLU D 54 17.75 32.87 -3.45
N ARG D 55 17.58 31.64 -2.93
CA ARG D 55 18.47 31.08 -1.88
C ARG D 55 19.63 30.29 -2.51
N ASP D 56 19.66 30.21 -3.84
CA ASP D 56 20.70 29.48 -4.63
C ASP D 56 20.68 28.00 -4.28
N LEU D 57 19.51 27.45 -3.96
CA LEU D 57 19.43 26.03 -3.51
C LEU D 57 19.69 25.04 -4.66
N LEU D 58 19.37 25.37 -5.91
CA LEU D 58 19.59 24.47 -7.04
C LEU D 58 21.10 24.23 -7.20
N LYS D 59 21.89 25.29 -7.12
CA LYS D 59 23.37 25.15 -7.26
C LYS D 59 23.92 24.44 -6.03
N THR D 60 23.52 24.84 -4.82
CA THR D 60 24.07 24.26 -3.57
C THR D 60 23.81 22.75 -3.55
N PHE D 61 22.62 22.32 -3.93
CA PHE D 61 22.20 20.89 -3.79
C PHE D 61 22.22 20.18 -5.15
N LYS D 62 22.74 20.82 -6.20
CA LYS D 62 22.84 20.25 -7.57
C LYS D 62 21.47 19.70 -7.99
N ILE D 63 20.44 20.49 -7.82
CA ILE D 63 19.07 20.11 -8.21
C ILE D 63 18.88 20.51 -9.67
N PRO D 64 18.62 19.54 -10.58
CA PRO D 64 18.28 19.89 -11.96
C PRO D 64 17.03 20.74 -11.97
N VAL D 65 17.01 21.85 -12.73
CA VAL D 65 15.87 22.78 -12.71
C VAL D 65 14.61 22.05 -13.23
N ASP D 66 14.75 21.21 -14.27
CA ASP D 66 13.59 20.44 -14.83
C ASP D 66 13.03 19.48 -13.74
N THR D 67 13.90 18.86 -12.98
CA THR D 67 13.52 17.95 -11.87
C THR D 67 12.75 18.75 -10.80
N LEU D 68 13.27 19.94 -10.45
CA LEU D 68 12.59 20.76 -9.44
C LEU D 68 11.19 21.09 -9.93
N ILE D 69 11.08 21.59 -11.14
CA ILE D 69 9.76 22.06 -11.65
C ILE D 69 8.81 20.87 -11.77
N THR D 70 9.31 19.71 -12.20
CA THR D 70 8.44 18.52 -12.32
C THR D 70 7.89 18.12 -10.93
N TYR D 71 8.78 18.01 -9.96
CA TYR D 71 8.39 17.65 -8.57
C TYR D 71 7.38 18.68 -8.06
N LEU D 72 7.64 19.97 -8.27
CA LEU D 72 6.77 21.02 -7.71
C LEU D 72 5.39 20.92 -8.33
N MET D 73 5.32 20.71 -9.64
CA MET D 73 4.01 20.61 -10.32
C MET D 73 3.28 19.36 -9.83
N THR D 74 3.99 18.27 -9.64
CA THR D 74 3.44 17.00 -9.12
C THR D 74 2.91 17.22 -7.69
N LEU D 75 3.70 17.84 -6.82
CA LEU D 75 3.29 18.11 -5.43
C LEU D 75 2.03 18.99 -5.45
N GLU D 76 2.05 20.07 -6.20
CA GLU D 76 0.92 21.03 -6.25
C GLU D 76 -0.34 20.30 -6.74
N ASP D 77 -0.18 19.39 -7.68
CA ASP D 77 -1.32 18.61 -8.27
C ASP D 77 -1.91 17.63 -7.24
N HIS D 78 -1.19 17.28 -6.18
CA HIS D 78 -1.68 16.37 -5.11
C HIS D 78 -2.29 17.14 -3.96
N TYR D 79 -2.37 18.47 -4.06
CA TYR D 79 -3.31 19.24 -3.21
C TYR D 79 -4.66 19.27 -3.93
N HIS D 80 -5.76 19.27 -3.21
CA HIS D 80 -7.10 19.18 -3.83
C HIS D 80 -7.65 20.56 -4.14
N ALA D 81 -8.04 20.77 -5.41
CA ALA D 81 -8.71 22.04 -5.81
C ALA D 81 -10.12 22.09 -5.23
N ASP D 82 -10.82 21.06 -4.73
CA ASP D 82 -12.20 21.36 -4.18
C ASP D 82 -12.15 21.24 -2.65
N VAL D 83 -11.01 21.61 -2.08
CA VAL D 83 -10.84 21.77 -0.61
C VAL D 83 -10.60 23.28 -0.48
N ALA D 84 -11.50 23.98 0.22
CA ALA D 84 -11.49 25.45 0.27
C ALA D 84 -10.25 26.05 0.95
N TYR D 85 -9.76 25.44 2.01
CA TYR D 85 -8.59 26.02 2.77
C TYR D 85 -7.32 25.21 2.50
N HIS D 86 -7.34 23.92 2.81
CA HIS D 86 -6.14 23.04 2.78
C HIS D 86 -5.81 22.62 1.35
N ASN D 87 -5.50 23.61 0.52
CA ASN D 87 -5.15 23.45 -0.90
C ASN D 87 -3.76 24.03 -1.19
N ASN D 88 -3.40 24.07 -2.46
CA ASN D 88 -2.08 24.52 -2.94
C ASN D 88 -1.84 26.00 -2.57
N ILE D 89 -2.88 26.82 -2.42
CA ILE D 89 -2.66 28.24 -2.07
C ILE D 89 -2.21 28.30 -0.61
N HIS D 90 -2.82 27.52 0.28
CA HIS D 90 -2.38 27.43 1.70
C HIS D 90 -0.92 26.94 1.74
N ALA D 91 -0.58 25.90 0.98
CA ALA D 91 0.80 25.38 0.92
C ALA D 91 1.75 26.51 0.47
N ALA D 92 1.41 27.22 -0.60
CA ALA D 92 2.26 28.31 -1.12
C ALA D 92 2.45 29.37 -0.04
N ASP D 93 1.39 29.67 0.67
CA ASP D 93 1.39 30.70 1.73
C ASP D 93 2.32 30.26 2.86
N VAL D 94 2.23 29.02 3.31
CA VAL D 94 3.09 28.55 4.42
C VAL D 94 4.56 28.51 3.98
N VAL D 95 4.84 28.08 2.76
CA VAL D 95 6.21 28.10 2.20
C VAL D 95 6.75 29.54 2.29
N GLN D 96 6.00 30.47 1.76
CA GLN D 96 6.48 31.87 1.62
C GLN D 96 6.66 32.49 3.01
N SER D 97 5.76 32.18 3.95
CA SER D 97 5.77 32.71 5.33
C SER D 97 7.00 32.12 6.04
N THR D 98 7.26 30.82 5.86
CA THR D 98 8.48 30.19 6.40
C THR D 98 9.71 30.89 5.85
N HIS D 99 9.75 31.12 4.55
CA HIS D 99 10.88 31.79 3.87
C HIS D 99 11.15 33.15 4.52
N VAL D 100 10.12 33.91 4.81
CA VAL D 100 10.28 35.26 5.46
C VAL D 100 10.78 35.05 6.89
N LEU D 101 10.24 34.10 7.65
CA LEU D 101 10.69 33.88 9.04
C LEU D 101 12.16 33.42 9.06
N LEU D 102 12.58 32.59 8.11
CA LEU D 102 13.97 32.10 8.05
C LEU D 102 14.92 33.30 7.81
N SER D 103 14.45 34.32 7.11
CA SER D 103 15.24 35.52 6.74
C SER D 103 15.33 36.55 7.86
N THR D 104 14.71 36.29 9.01
CA THR D 104 14.62 37.31 10.09
C THR D 104 16.05 37.63 10.59
N PRO D 105 16.40 38.91 10.79
CA PRO D 105 17.76 39.26 11.23
C PRO D 105 18.26 38.43 12.41
N ALA D 106 17.44 38.18 13.40
CA ALA D 106 17.82 37.40 14.59
C ALA D 106 18.28 35.98 14.25
N LEU D 107 17.98 35.47 13.06
CA LEU D 107 18.36 34.07 12.69
C LEU D 107 19.45 34.06 11.62
N GLU D 108 20.05 35.21 11.26
CA GLU D 108 20.93 35.25 10.09
C GLU D 108 22.13 34.32 10.36
N ALA D 109 22.40 33.40 9.41
CA ALA D 109 23.53 32.44 9.45
C ALA D 109 23.40 31.44 10.60
N VAL D 110 22.23 31.33 11.24
CA VAL D 110 22.04 30.36 12.34
C VAL D 110 21.89 28.93 11.73
N PHE D 111 21.07 28.80 10.69
CA PHE D 111 20.74 27.49 10.09
C PHE D 111 21.66 27.19 8.92
N THR D 112 21.98 25.91 8.75
CA THR D 112 22.72 25.40 7.57
C THR D 112 21.83 25.42 6.34
N ASP D 113 22.44 25.34 5.16
CA ASP D 113 21.71 25.19 3.88
C ASP D 113 20.78 23.96 3.96
N LEU D 114 21.23 22.87 4.57
CA LEU D 114 20.38 21.64 4.64
C LEU D 114 19.17 21.87 5.56
N GLU D 115 19.34 22.59 6.67
CA GLU D 115 18.22 22.91 7.59
C GLU D 115 17.22 23.83 6.88
N ILE D 116 17.72 24.81 6.13
CA ILE D 116 16.86 25.73 5.33
C ILE D 116 16.07 24.91 4.32
N LEU D 117 16.72 24.02 3.59
CA LEU D 117 16.05 23.15 2.58
C LEU D 117 14.97 22.33 3.29
N ALA D 118 15.28 21.76 4.46
CA ALA D 118 14.32 20.94 5.23
C ALA D 118 13.08 21.77 5.58
N ALA D 119 13.28 22.98 6.11
CA ALA D 119 12.16 23.81 6.57
C ALA D 119 11.24 24.18 5.39
N ILE D 120 11.85 24.57 4.28
CA ILE D 120 11.06 24.98 3.09
C ILE D 120 10.34 23.77 2.47
N PHE D 121 11.04 22.66 2.31
CA PHE D 121 10.43 21.42 1.77
C PHE D 121 9.29 20.96 2.68
N ALA D 122 9.52 20.91 3.99
CA ALA D 122 8.48 20.54 4.97
C ALA D 122 7.25 21.43 4.79
N SER D 123 7.45 22.76 4.66
CA SER D 123 6.34 23.71 4.47
C SER D 123 5.57 23.32 3.19
N ALA D 124 6.29 23.01 2.10
CA ALA D 124 5.67 22.74 0.78
C ALA D 124 4.77 21.50 0.87
N ILE D 125 5.22 20.47 1.56
CA ILE D 125 4.50 19.16 1.63
C ILE D 125 3.53 19.08 2.81
N HIS D 126 3.47 20.06 3.72
CA HIS D 126 2.99 19.82 5.08
C HIS D 126 1.48 19.47 5.11
N ASP D 127 0.70 19.84 4.10
CA ASP D 127 -0.74 19.48 4.00
C ASP D 127 -1.10 18.75 2.70
N VAL D 128 -0.14 18.12 2.03
CA VAL D 128 -0.44 17.55 0.69
C VAL D 128 -1.47 16.43 0.82
N ASP D 129 -2.42 16.41 -0.11
CA ASP D 129 -3.50 15.38 -0.17
C ASP D 129 -4.41 15.52 1.05
N HIS D 130 -4.58 16.71 1.58
CA HIS D 130 -5.55 16.99 2.65
C HIS D 130 -6.96 16.79 2.12
N PRO D 131 -7.79 15.94 2.77
CA PRO D 131 -9.18 15.74 2.34
C PRO D 131 -10.18 16.80 2.80
N GLY D 132 -9.75 17.78 3.58
CA GLY D 132 -10.67 18.87 3.97
C GLY D 132 -11.50 18.56 5.20
N VAL D 133 -11.16 17.49 5.91
CA VAL D 133 -11.78 17.11 7.19
C VAL D 133 -10.67 16.87 8.21
N SER D 134 -11.04 16.90 9.48
CA SER D 134 -10.11 16.87 10.62
C SER D 134 -9.65 15.43 10.89
N ASN D 135 -8.59 15.33 11.67
CA ASN D 135 -8.14 14.02 12.21
C ASN D 135 -9.34 13.35 12.90
N GLN D 136 -10.11 14.07 13.72
CA GLN D 136 -11.15 13.41 14.56
C GLN D 136 -12.21 12.85 13.62
N PHE D 137 -12.55 13.55 12.53
CA PHE D 137 -13.51 13.05 11.53
C PHE D 137 -13.02 11.74 10.94
N LEU D 138 -11.76 11.69 10.54
CA LEU D 138 -11.14 10.46 9.96
C LEU D 138 -11.18 9.30 10.98
N ILE D 139 -10.93 9.61 12.26
CA ILE D 139 -10.94 8.59 13.33
C ILE D 139 -12.40 8.08 13.49
N ASN D 140 -13.33 9.00 13.57
CA ASN D 140 -14.76 8.69 13.88
C ASN D 140 -15.42 7.92 12.74
N THR D 141 -14.95 8.07 11.50
CA THR D 141 -15.49 7.35 10.32
C THR D 141 -14.80 5.99 10.14
N ASN D 142 -13.83 5.63 10.98
CA ASN D 142 -13.06 4.38 10.80
C ASN D 142 -12.36 4.40 9.43
N SER D 143 -11.84 5.54 9.01
CA SER D 143 -11.21 5.67 7.68
C SER D 143 -9.96 4.80 7.62
N GLU D 144 -9.63 4.38 6.41
CA GLU D 144 -8.37 3.67 6.14
C GLU D 144 -7.16 4.45 6.68
N LEU D 145 -7.11 5.77 6.51
CA LEU D 145 -5.94 6.56 6.99
C LEU D 145 -5.85 6.47 8.51
N ALA D 146 -6.97 6.60 9.23
CA ALA D 146 -6.94 6.54 10.71
C ALA D 146 -6.44 5.17 11.17
N LEU D 147 -6.84 4.11 10.49
CA LEU D 147 -6.36 2.75 10.83
C LEU D 147 -4.88 2.60 10.50
N MET D 148 -4.42 3.15 9.38
CA MET D 148 -2.99 3.09 9.00
C MET D 148 -2.12 3.72 10.08
N TYR D 149 -2.59 4.82 10.66
CA TYR D 149 -1.75 5.64 11.57
C TYR D 149 -2.20 5.59 13.04
N ASN D 150 -3.01 4.61 13.37
CA ASN D 150 -3.41 4.36 14.78
C ASN D 150 -4.01 5.62 15.40
N ASP D 151 -4.83 6.37 14.67
CA ASP D 151 -5.53 7.56 15.20
C ASP D 151 -4.56 8.66 15.64
N SER D 152 -3.28 8.57 15.34
CA SER D 152 -2.23 9.48 15.87
C SER D 152 -1.63 10.32 14.76
N SER D 153 -1.83 11.63 14.84
CA SER D 153 -1.36 12.58 13.79
C SER D 153 -1.68 11.99 12.41
N VAL D 154 -2.96 11.59 12.21
CA VAL D 154 -3.32 10.79 11.01
C VAL D 154 -2.96 11.59 9.74
N LEU D 155 -3.48 12.82 9.62
CA LEU D 155 -3.28 13.65 8.42
C LEU D 155 -1.77 13.92 8.23
N GLU D 156 -1.09 14.32 9.30
CA GLU D 156 0.32 14.76 9.24
C GLU D 156 1.22 13.59 8.81
N ASN D 157 0.92 12.40 9.29
CA ASN D 157 1.66 11.19 8.83
C ASN D 157 1.40 11.01 7.33
N HIS D 158 0.17 11.19 6.89
CA HIS D 158 -0.19 11.00 5.47
C HIS D 158 0.52 12.06 4.60
N HIS D 159 0.53 13.33 5.03
CA HIS D 159 1.19 14.40 4.25
C HIS D 159 2.66 14.05 4.03
N LEU D 160 3.35 13.58 5.08
CA LEU D 160 4.75 13.16 4.94
C LEU D 160 4.88 12.01 3.93
N ALA D 161 4.09 10.97 4.10
CA ALA D 161 4.21 9.77 3.26
C ALA D 161 4.02 10.17 1.78
N VAL D 162 3.05 11.00 1.50
CA VAL D 162 2.76 11.44 0.09
C VAL D 162 3.90 12.34 -0.40
N GLY D 163 4.28 13.34 0.39
CA GLY D 163 5.33 14.29 -0.03
C GLY D 163 6.60 13.55 -0.41
N PHE D 164 7.01 12.55 0.39
CA PHE D 164 8.20 11.72 0.07
C PHE D 164 7.95 10.77 -1.11
N LYS D 165 6.80 10.11 -1.15
CA LYS D 165 6.50 9.13 -2.22
C LYS D 165 6.51 9.81 -3.60
N LEU D 166 6.08 11.07 -3.70
CA LEU D 166 6.08 11.79 -4.98
C LEU D 166 7.49 12.02 -5.53
N LEU D 167 8.54 11.96 -4.71
CA LEU D 167 9.93 12.05 -5.23
C LEU D 167 10.24 10.87 -6.18
N GLN D 168 9.47 9.78 -6.12
CA GLN D 168 9.75 8.57 -6.93
C GLN D 168 9.02 8.65 -8.29
N GLU D 169 8.19 9.66 -8.55
CA GLU D 169 7.57 9.83 -9.89
C GLU D 169 8.65 10.25 -10.91
N GLU D 170 8.30 10.15 -12.17
CA GLU D 170 9.26 10.40 -13.28
C GLU D 170 9.94 11.76 -13.14
N ASN D 171 11.27 11.76 -13.06
CA ASN D 171 12.08 13.01 -12.99
C ASN D 171 11.60 13.92 -11.84
N CYS D 172 11.29 13.35 -10.67
CA CYS D 172 10.82 14.10 -9.48
C CYS D 172 11.83 14.09 -8.33
N ASP D 173 12.95 13.38 -8.43
CA ASP D 173 13.83 13.22 -7.25
C ASP D 173 14.77 14.42 -7.12
N ILE D 174 14.27 15.47 -6.49
CA ILE D 174 15.03 16.73 -6.31
C ILE D 174 16.22 16.51 -5.36
N PHE D 175 16.27 15.41 -4.59
CA PHE D 175 17.38 15.13 -3.68
C PHE D 175 18.36 14.11 -4.25
N GLN D 176 18.30 13.85 -5.54
CA GLN D 176 19.10 12.78 -6.17
C GLN D 176 20.60 13.02 -5.97
N ASN D 177 21.06 14.28 -5.83
CA ASN D 177 22.52 14.55 -5.71
C ASN D 177 22.95 14.82 -4.28
N LEU D 178 22.07 14.69 -3.27
CA LEU D 178 22.48 14.80 -1.86
C LEU D 178 23.24 13.51 -1.49
N THR D 179 24.19 13.60 -0.58
CA THR D 179 24.84 12.38 -0.03
C THR D 179 23.81 11.61 0.83
N LYS D 180 24.11 10.36 1.13
CA LYS D 180 23.24 9.56 2.04
C LYS D 180 23.11 10.29 3.38
N LYS D 181 24.21 10.84 3.92
CA LYS D 181 24.17 11.51 5.24
C LYS D 181 23.26 12.74 5.16
N GLN D 182 23.34 13.51 4.09
CA GLN D 182 22.46 14.70 3.90
C GLN D 182 21.01 14.24 3.79
N ARG D 183 20.75 13.18 3.02
CA ARG D 183 19.34 12.72 2.81
C ARG D 183 18.76 12.24 4.14
N GLN D 184 19.51 11.51 4.95
CA GLN D 184 18.98 10.96 6.22
C GLN D 184 18.71 12.12 7.18
N SER D 185 19.59 13.12 7.21
CA SER D 185 19.42 14.29 8.10
C SER D 185 18.20 15.10 7.65
N LEU D 186 18.09 15.34 6.36
CA LEU D 186 16.96 16.13 5.81
C LEU D 186 15.67 15.39 6.11
N ARG D 187 15.64 14.07 5.87
CA ARG D 187 14.39 13.31 6.08
C ARG D 187 13.96 13.39 7.54
N LYS D 188 14.87 13.20 8.46
CA LYS D 188 14.52 13.26 9.89
C LYS D 188 13.97 14.64 10.24
N MET D 189 14.63 15.70 9.76
CA MET D 189 14.15 17.06 10.10
C MET D 189 12.77 17.31 9.52
N VAL D 190 12.51 16.88 8.29
CA VAL D 190 11.22 17.11 7.62
C VAL D 190 10.13 16.37 8.40
N ILE D 191 10.39 15.12 8.78
CA ILE D 191 9.40 14.37 9.60
C ILE D 191 9.12 15.13 10.91
N ASP D 192 10.16 15.53 11.63
CA ASP D 192 10.03 16.25 12.92
C ASP D 192 9.22 17.53 12.73
N ILE D 193 9.43 18.24 11.61
CA ILE D 193 8.70 19.52 11.37
C ILE D 193 7.23 19.27 11.03
N VAL D 194 6.94 18.37 10.11
CA VAL D 194 5.53 18.20 9.68
C VAL D 194 4.72 17.59 10.83
N LEU D 195 5.28 16.66 11.57
CA LEU D 195 4.51 16.08 12.70
C LEU D 195 4.16 17.16 13.72
N ALA D 196 5.03 18.17 13.85
CA ALA D 196 4.81 19.30 14.79
C ALA D 196 3.69 20.23 14.33
N THR D 197 3.14 20.06 13.11
CA THR D 197 2.04 20.91 12.62
C THR D 197 0.69 20.38 13.11
N ASP D 198 0.66 19.18 13.70
CA ASP D 198 -0.59 18.66 14.36
C ASP D 198 -0.91 19.56 15.57
N MET D 199 -2.07 20.19 15.56
CA MET D 199 -2.49 21.14 16.63
C MET D 199 -2.53 20.43 18.00
N SER D 200 -2.60 19.09 18.05
CA SER D 200 -2.55 18.37 19.35
C SER D 200 -1.19 18.59 20.00
N LYS D 201 -0.17 19.01 19.25
CA LYS D 201 1.22 19.23 19.74
C LYS D 201 1.48 20.70 20.13
N HIS D 202 0.54 21.59 19.86
CA HIS D 202 0.69 23.05 20.00
C HIS D 202 1.15 23.43 21.42
N MET D 203 0.45 22.93 22.46
CA MET D 203 0.70 23.39 23.85
C MET D 203 2.13 22.99 24.25
N ASN D 204 2.58 21.79 23.89
CA ASN D 204 3.96 21.34 24.25
C ASN D 204 5.00 22.13 23.47
N LEU D 205 4.78 22.37 22.16
CA LEU D 205 5.72 23.18 21.37
C LEU D 205 5.82 24.57 21.99
N LEU D 206 4.69 25.18 22.33
CA LEU D 206 4.67 26.55 22.89
C LEU D 206 5.38 26.56 24.25
N ALA D 207 5.15 25.56 25.09
CA ALA D 207 5.84 25.45 26.41
C ALA D 207 7.36 25.43 26.18
N ASP D 208 7.82 24.67 25.20
CA ASP D 208 9.26 24.54 24.91
C ASP D 208 9.79 25.83 24.32
N LEU D 209 9.03 26.49 23.46
CA LEU D 209 9.48 27.79 22.90
C LEU D 209 9.63 28.80 24.05
N LYS D 210 8.70 28.80 25.00
CA LYS D 210 8.77 29.74 26.14
C LYS D 210 10.02 29.47 26.98
N THR D 211 10.32 28.21 27.20
CA THR D 211 11.53 27.83 27.98
C THR D 211 12.78 28.36 27.25
N MET D 212 12.79 28.25 25.94
CA MET D 212 13.93 28.74 25.16
C MET D 212 14.02 30.26 25.27
N VAL D 213 12.90 30.95 25.24
CA VAL D 213 12.96 32.43 25.39
C VAL D 213 13.51 32.79 26.78
N GLU D 214 13.05 32.09 27.82
CA GLU D 214 13.50 32.35 29.21
C GLU D 214 15.02 32.16 29.35
N THR D 215 15.62 31.27 28.59
CA THR D 215 17.07 30.97 28.67
C THR D 215 17.79 31.36 27.37
N LYS D 216 17.25 32.35 26.66
CA LYS D 216 17.75 32.79 25.34
C LYS D 216 19.18 33.30 25.41
N LYS D 217 20.05 32.80 24.54
CA LYS D 217 21.45 33.29 24.36
C LYS D 217 21.58 33.83 22.93
N VAL D 218 22.33 34.92 22.76
CA VAL D 218 22.72 35.45 21.43
C VAL D 218 24.25 35.40 21.31
N THR D 219 24.77 35.28 20.10
CA THR D 219 26.22 35.28 19.81
C THR D 219 26.69 36.72 19.80
N SER D 220 28.00 36.93 19.61
CA SER D 220 28.59 38.30 19.47
C SER D 220 28.04 39.00 18.23
N SER D 221 27.55 38.25 17.23
CA SER D 221 26.98 38.81 15.98
C SER D 221 25.49 39.16 16.18
N GLY D 222 24.93 38.87 17.34
CA GLY D 222 23.57 39.31 17.74
C GLY D 222 22.47 38.40 17.18
N VAL D 223 22.84 37.17 16.81
CA VAL D 223 21.88 36.14 16.32
C VAL D 223 21.70 35.05 17.39
N LEU D 224 20.64 34.27 17.27
CA LEU D 224 20.29 33.24 18.28
C LEU D 224 21.40 32.19 18.30
N LEU D 225 21.79 31.75 19.50
CA LEU D 225 22.72 30.62 19.70
C LEU D 225 21.90 29.33 19.92
N LEU D 226 22.05 28.36 19.04
CA LEU D 226 21.35 27.06 19.06
C LEU D 226 22.39 25.97 18.87
N ASP D 227 22.86 25.33 19.93
CA ASP D 227 24.10 24.52 19.85
C ASP D 227 23.81 23.02 19.92
N ASN D 228 22.54 22.60 19.83
CA ASN D 228 22.19 21.15 19.85
C ASN D 228 20.96 20.90 18.96
N TYR D 229 20.76 19.68 18.49
CA TYR D 229 19.65 19.31 17.57
C TYR D 229 18.31 19.65 18.24
N SER D 230 18.17 19.30 19.50
CA SER D 230 16.89 19.54 20.21
C SER D 230 16.45 21.00 20.10
N ASP D 231 17.36 21.94 20.31
CA ASP D 231 16.99 23.38 20.23
C ASP D 231 16.80 23.80 18.78
N ARG D 232 17.67 23.35 17.89
CA ARG D 232 17.57 23.72 16.45
C ARG D 232 16.26 23.21 15.86
N ILE D 233 15.90 21.96 16.11
CA ILE D 233 14.65 21.41 15.52
C ILE D 233 13.43 22.06 16.17
N GLN D 234 13.52 22.42 17.44
CA GLN D 234 12.39 23.06 18.15
C GLN D 234 12.10 24.41 17.49
N VAL D 235 13.15 25.15 17.16
CA VAL D 235 12.95 26.46 16.52
C VAL D 235 12.33 26.26 15.14
N LEU D 236 12.84 25.32 14.36
CA LEU D 236 12.27 25.08 12.99
C LEU D 236 10.84 24.58 13.09
N GLN D 237 10.54 23.71 14.05
CA GLN D 237 9.16 23.23 14.23
C GLN D 237 8.23 24.41 14.54
N ASN D 238 8.63 25.25 15.50
CA ASN D 238 7.79 26.41 15.90
C ASN D 238 7.70 27.42 14.75
N MET D 239 8.76 27.54 13.98
CA MET D 239 8.76 28.49 12.84
C MET D 239 7.68 28.07 11.82
N VAL D 240 7.70 26.81 11.42
CA VAL D 240 6.72 26.33 10.40
C VAL D 240 5.32 26.36 11.03
N HIS D 241 5.19 26.01 12.30
CA HIS D 241 3.92 26.12 13.05
C HIS D 241 3.42 27.58 13.07
N CYS D 242 4.30 28.55 13.31
CA CYS D 242 3.97 30.00 13.23
C CYS D 242 3.47 30.30 11.81
N ALA D 243 4.17 29.82 10.80
CA ALA D 243 3.78 30.06 9.37
C ALA D 243 2.39 29.46 9.10
N ASP D 244 2.13 28.26 9.58
CA ASP D 244 0.81 27.59 9.46
C ASP D 244 -0.30 28.39 10.16
N LEU D 245 0.05 29.06 11.27
CA LEU D 245 -0.89 29.86 12.08
C LEU D 245 -0.65 31.35 11.82
N SER D 246 -0.26 31.73 10.60
CA SER D 246 0.11 33.14 10.30
C SER D 246 -1.08 33.92 9.74
N ASN D 247 -2.21 33.29 9.39
CA ASN D 247 -3.26 34.03 8.64
C ASN D 247 -3.70 35.28 9.42
N PRO D 248 -3.94 35.22 10.75
CA PRO D 248 -4.43 36.42 11.48
C PRO D 248 -3.38 37.53 11.60
N THR D 249 -2.12 37.26 11.21
CA THR D 249 -1.01 38.24 11.28
C THR D 249 -0.83 38.95 9.96
N LYS D 250 -1.59 38.57 8.94
CA LYS D 250 -1.42 39.12 7.60
C LYS D 250 -2.29 40.36 7.44
N PRO D 251 -2.01 41.23 6.46
CA PRO D 251 -2.94 42.31 6.10
C PRO D 251 -4.38 41.80 6.07
N LEU D 252 -5.30 42.63 6.58
CA LEU D 252 -6.70 42.18 6.84
C LEU D 252 -7.36 41.63 5.58
N GLN D 253 -7.12 42.17 4.38
CA GLN D 253 -7.84 41.66 3.19
C GLN D 253 -7.38 40.22 2.90
N LEU D 254 -6.13 39.84 3.22
CA LEU D 254 -5.66 38.44 3.08
C LEU D 254 -6.31 37.58 4.19
N TYR D 255 -6.22 38.01 5.44
CA TYR D 255 -6.78 37.30 6.60
C TYR D 255 -8.26 36.97 6.35
N ARG D 256 -9.07 37.93 5.90
CA ARG D 256 -10.52 37.69 5.69
C ARG D 256 -10.75 36.58 4.64
N GLN D 257 -9.93 36.51 3.60
CA GLN D 257 -10.03 35.43 2.58
C GLN D 257 -9.73 34.08 3.24
N TRP D 258 -8.71 34.03 4.10
CA TRP D 258 -8.34 32.79 4.83
C TRP D 258 -9.50 32.38 5.74
N THR D 259 -10.11 33.32 6.43
CA THR D 259 -11.25 33.04 7.35
C THR D 259 -12.43 32.48 6.54
N ASP D 260 -12.74 33.09 5.40
CA ASP D 260 -13.83 32.58 4.55
C ASP D 260 -13.54 31.14 4.15
N ARG D 261 -12.29 30.86 3.80
CA ARG D 261 -11.89 29.52 3.33
C ARG D 261 -11.98 28.48 4.44
N ILE D 262 -11.41 28.77 5.61
CA ILE D 262 -11.42 27.78 6.71
C ILE D 262 -12.88 27.53 7.11
N MET D 263 -13.71 28.57 7.15
CA MET D 263 -15.11 28.38 7.59
C MET D 263 -15.91 27.58 6.54
N GLU D 264 -15.59 27.73 5.26
CA GLU D 264 -16.27 26.91 4.24
C GLU D 264 -15.88 25.45 4.47
N GLU D 265 -14.60 25.22 4.73
CA GLU D 265 -14.12 23.85 4.97
C GLU D 265 -14.77 23.27 6.22
N PHE D 266 -14.78 24.02 7.31
CA PHE D 266 -15.37 23.57 8.59
C PHE D 266 -16.87 23.29 8.42
N PHE D 267 -17.59 24.20 7.78
CA PHE D 267 -19.07 24.09 7.58
C PHE D 267 -19.37 22.87 6.72
N ARG D 268 -18.52 22.60 5.73
CA ARG D 268 -18.72 21.41 4.87
C ARG D 268 -18.52 20.16 5.72
N GLN D 269 -17.51 20.15 6.57
CA GLN D 269 -17.34 18.99 7.48
C GLN D 269 -18.60 18.84 8.36
N GLY D 270 -19.11 19.94 8.90
CA GLY D 270 -20.30 19.88 9.77
C GLY D 270 -21.51 19.36 9.03
N ASP D 271 -21.63 19.69 7.75
CA ASP D 271 -22.74 19.19 6.89
C ASP D 271 -22.60 17.67 6.71
N ARG D 272 -21.38 17.18 6.54
CA ARG D 272 -21.10 15.73 6.36
C ARG D 272 -21.37 15.03 7.68
N GLU D 273 -20.99 15.64 8.81
CA GLU D 273 -21.30 15.11 10.16
C GLU D 273 -22.82 15.03 10.36
N ARG D 274 -23.55 16.12 10.13
CA ARG D 274 -25.01 16.22 10.37
C ARG D 274 -25.71 15.15 9.51
N GLU D 275 -25.37 15.06 8.22
CA GLU D 275 -25.86 14.07 7.23
C GLU D 275 -25.78 12.65 7.79
N ARG D 276 -24.71 12.35 8.52
CA ARG D 276 -24.40 10.98 9.00
C ARG D 276 -24.90 10.78 10.44
N GLY D 277 -25.52 11.79 11.05
CA GLY D 277 -26.00 11.69 12.43
C GLY D 277 -24.87 11.74 13.44
N MET D 278 -23.70 12.28 13.06
CA MET D 278 -22.53 12.41 13.98
C MET D 278 -22.69 13.72 14.74
N GLU D 279 -22.09 13.80 15.92
CA GLU D 279 -21.95 15.07 16.68
C GLU D 279 -21.28 16.07 15.72
N ILE D 280 -21.81 17.29 15.60
CA ILE D 280 -21.18 18.32 14.74
C ILE D 280 -19.98 18.89 15.51
N SER D 281 -18.80 18.94 14.90
CA SER D 281 -17.54 19.39 15.54
C SER D 281 -17.65 20.88 15.91
N PRO D 282 -16.88 21.34 16.91
CA PRO D 282 -16.80 22.76 17.26
C PRO D 282 -16.60 23.65 16.02
N MET D 283 -17.45 24.67 15.85
CA MET D 283 -17.42 25.73 14.82
C MET D 283 -17.73 25.20 13.43
N CYS D 284 -18.28 23.99 13.32
CA CYS D 284 -18.59 23.34 12.03
C CYS D 284 -20.10 23.40 11.73
N ASP D 285 -20.89 24.00 12.62
CA ASP D 285 -22.36 24.09 12.45
C ASP D 285 -22.74 25.44 11.85
N LYS D 286 -23.07 25.48 10.56
CA LYS D 286 -23.38 26.73 9.85
C LYS D 286 -24.70 27.31 10.39
N HIS D 287 -25.52 26.53 11.12
CA HIS D 287 -26.81 27.01 11.70
C HIS D 287 -26.57 27.62 13.09
N ASN D 288 -25.42 27.35 13.71
CA ASN D 288 -25.08 27.74 15.10
C ASN D 288 -23.63 28.24 15.12
N ALA D 289 -23.31 29.18 14.24
CA ALA D 289 -21.93 29.65 14.00
C ALA D 289 -21.73 31.04 14.58
N SER D 290 -20.53 31.29 15.07
CA SER D 290 -20.06 32.64 15.40
C SER D 290 -18.67 32.82 14.77
N VAL D 291 -18.59 33.09 13.47
CA VAL D 291 -17.32 33.23 12.70
C VAL D 291 -16.44 34.27 13.42
N GLU D 292 -17.00 35.43 13.78
CA GLU D 292 -16.19 36.55 14.33
C GLU D 292 -15.70 36.21 15.74
N LYS D 293 -16.58 35.70 16.61
CA LYS D 293 -16.19 35.29 17.98
C LYS D 293 -15.11 34.22 17.90
N SER D 294 -15.26 33.27 16.98
CA SER D 294 -14.32 32.15 16.79
C SER D 294 -12.95 32.70 16.39
N GLN D 295 -12.87 33.69 15.49
CA GLN D 295 -11.55 34.32 15.13
C GLN D 295 -10.95 34.97 16.37
N VAL D 296 -11.76 35.69 17.15
CA VAL D 296 -11.23 36.36 18.37
C VAL D 296 -10.74 35.27 19.34
N GLY D 297 -11.48 34.17 19.53
CA GLY D 297 -11.02 33.07 20.37
C GLY D 297 -9.74 32.45 19.85
N PHE D 298 -9.66 32.19 18.56
CA PHE D 298 -8.47 31.62 17.90
C PHE D 298 -7.25 32.50 18.18
N ILE D 299 -7.39 33.81 18.00
CA ILE D 299 -6.30 34.76 18.30
C ILE D 299 -5.95 34.73 19.80
N ASP D 300 -6.96 34.87 20.67
CA ASP D 300 -6.68 35.05 22.12
C ASP D 300 -6.04 33.78 22.71
N TYR D 301 -6.46 32.58 22.29
CA TYR D 301 -6.07 31.33 22.96
C TYR D 301 -4.96 30.57 22.22
N ILE D 302 -4.75 30.81 20.94
CA ILE D 302 -3.74 30.04 20.14
C ILE D 302 -2.74 30.99 19.47
N VAL D 303 -3.20 31.89 18.60
CA VAL D 303 -2.29 32.60 17.66
C VAL D 303 -1.49 33.66 18.42
N HIS D 304 -2.13 34.46 19.28
CA HIS D 304 -1.42 35.57 20.00
C HIS D 304 -0.41 34.98 20.97
N PRO D 305 -0.73 33.96 21.80
CA PRO D 305 0.27 33.41 22.70
C PRO D 305 1.50 32.87 21.96
N LEU D 306 1.28 32.19 20.83
CA LEU D 306 2.42 31.68 20.03
C LEU D 306 3.23 32.85 19.46
N TRP D 307 2.59 33.78 18.77
CA TRP D 307 3.30 34.86 18.06
C TRP D 307 3.98 35.84 19.04
N GLU D 308 3.39 36.02 20.21
CA GLU D 308 4.00 36.87 21.24
C GLU D 308 5.32 36.19 21.67
N THR D 309 5.30 34.87 21.81
CA THR D 309 6.49 34.13 22.21
C THR D 309 7.55 34.14 21.11
N TRP D 310 7.13 33.89 19.88
CA TRP D 310 8.05 33.96 18.72
C TRP D 310 8.67 35.36 18.65
N ALA D 311 7.86 36.40 18.81
CA ALA D 311 8.33 37.81 18.77
C ALA D 311 9.43 38.04 19.81
N ASP D 312 9.26 37.49 21.00
CA ASP D 312 10.28 37.61 22.07
C ASP D 312 11.54 36.87 21.62
N LEU D 313 11.40 35.71 21.01
CA LEU D 313 12.60 34.97 20.56
C LEU D 313 13.43 35.80 19.57
N VAL D 314 12.78 36.47 18.63
CA VAL D 314 13.47 37.19 17.51
C VAL D 314 13.44 38.70 17.74
N HIS D 315 13.17 39.16 18.96
CA HIS D 315 12.94 40.58 19.30
C HIS D 315 14.03 41.45 18.69
N PRO D 316 13.71 42.57 18.00
CA PRO D 316 12.35 43.05 17.77
C PRO D 316 11.78 42.78 16.37
N ASP D 317 12.33 41.79 15.69
CA ASP D 317 12.10 41.55 14.24
C ASP D 317 10.62 41.39 13.91
N ALA D 318 9.79 40.84 14.80
CA ALA D 318 8.40 40.47 14.48
C ALA D 318 7.41 41.49 15.05
N GLN D 319 7.88 42.67 15.50
CA GLN D 319 6.97 43.66 16.11
C GLN D 319 5.81 44.05 15.17
N ASP D 320 6.07 44.30 13.89
CA ASP D 320 5.01 44.74 12.94
C ASP D 320 3.97 43.61 12.71
N ILE D 321 4.43 42.36 12.73
CA ILE D 321 3.55 41.16 12.62
C ILE D 321 2.61 41.13 13.84
N LEU D 322 3.15 41.29 15.04
CA LEU D 322 2.34 41.29 16.28
C LEU D 322 1.37 42.48 16.28
N ASP D 323 1.80 43.66 15.80
CA ASP D 323 0.91 44.84 15.70
C ASP D 323 -0.27 44.56 14.74
N THR D 324 -0.01 43.93 13.60
CA THR D 324 -1.06 43.59 12.62
C THR D 324 -2.05 42.61 13.27
N LEU D 325 -1.55 41.59 13.98
CA LEU D 325 -2.38 40.58 14.67
C LEU D 325 -3.35 41.32 15.64
N GLU D 326 -2.81 42.21 16.45
CA GLU D 326 -3.62 42.96 17.45
C GLU D 326 -4.68 43.80 16.71
N ASP D 327 -4.29 44.51 15.67
CA ASP D 327 -5.26 45.30 14.85
C ASP D 327 -6.37 44.41 14.28
N ASN D 328 -6.00 43.23 13.76
CA ASN D 328 -6.97 42.33 13.11
C ASN D 328 -7.95 41.78 14.16
N ARG D 329 -7.41 41.48 15.33
CA ARG D 329 -8.21 40.93 16.45
C ARG D 329 -9.30 41.94 16.73
N GLU D 330 -8.92 43.22 16.83
CA GLU D 330 -9.91 44.34 17.05
CA GLU D 330 -9.88 44.37 17.04
C GLU D 330 -11.01 44.62 15.98
N TRP D 331 -10.55 44.29 14.76
CA TRP D 331 -11.51 44.31 13.65
C TRP D 331 -12.56 43.18 13.81
N TYR D 332 -12.16 41.93 14.04
CA TYR D 332 -13.14 40.83 14.21
C TYR D 332 -14.01 41.08 15.47
N GLN D 333 -13.42 41.53 16.59
CA GLN D 333 -14.19 41.85 17.83
C GLN D 333 -15.33 42.84 17.47
N SER D 334 -15.05 43.83 16.64
CA SER D 334 -15.98 44.93 16.32
C SER D 334 -17.11 44.44 15.42
N THR D 335 -17.01 43.23 14.83
CA THR D 335 -18.03 42.73 13.88
C THR D 335 -18.77 41.51 14.47
N ILE D 336 -18.61 41.24 15.76
CA ILE D 336 -19.39 40.17 16.45
C ILE D 336 -20.85 40.64 16.59
N PRO D 337 -21.84 39.88 16.08
CA PRO D 337 -23.25 40.29 16.20
C PRO D 337 -23.73 40.59 17.62
#